data_3GO3
# 
_entry.id   3GO3 
# 
_audit_conform.dict_name       mmcif_pdbx.dic 
_audit_conform.dict_version    5.403 
_audit_conform.dict_location   http://mmcif.pdb.org/dictionaries/ascii/mmcif_pdbx.dic 
# 
loop_
_database_2.database_id 
_database_2.database_code 
_database_2.pdbx_database_accession 
_database_2.pdbx_DOI 
PDB   3GO3         pdb_00003go3 10.2210/pdb3go3/pdb 
NDB   DD0107       ?            ?                   
RCSB  RCSB052102   ?            ?                   
WWPDB D_1000052102 ?            ?                   
# 
loop_
_pdbx_audit_revision_history.ordinal 
_pdbx_audit_revision_history.data_content_type 
_pdbx_audit_revision_history.major_revision 
_pdbx_audit_revision_history.minor_revision 
_pdbx_audit_revision_history.revision_date 
_pdbx_audit_revision_history.part_number 
1 'Structure model' 1 0 2009-03-31 ? 
2 'Structure model' 1 1 2011-06-14 ? 
3 'Structure model' 1 2 2011-07-13 ? 
4 'Structure model' 1 3 2011-07-27 ? 
5 'Structure model' 1 4 2012-12-12 ? 
6 'Structure model' 1 5 2025-03-26 ? 
# 
_pdbx_audit_revision_details.ordinal             1 
_pdbx_audit_revision_details.revision_ordinal    1 
_pdbx_audit_revision_details.data_content_type   'Structure model' 
_pdbx_audit_revision_details.provider            repository 
_pdbx_audit_revision_details.type                'Initial release' 
_pdbx_audit_revision_details.description         ? 
_pdbx_audit_revision_details.details             ? 
# 
loop_
_pdbx_audit_revision_group.ordinal 
_pdbx_audit_revision_group.revision_ordinal 
_pdbx_audit_revision_group.data_content_type 
_pdbx_audit_revision_group.group 
1  2 'Structure model' 'Version format compliance' 
2  3 'Structure model' 'Version format compliance' 
3  4 'Structure model' 'Atomic model'              
4  4 'Structure model' 'Database references'       
5  4 'Structure model' 'Derived calculations'      
6  4 'Structure model' 'Non-polymer description'   
7  4 'Structure model' 'Structure summary'         
8  5 'Structure model' Other                       
9  6 'Structure model' Advisory                    
10 6 'Structure model' 'Data collection'           
11 6 'Structure model' 'Database references'       
12 6 'Structure model' 'Derived calculations'      
13 6 'Structure model' 'Structure summary'         
# 
loop_
_pdbx_audit_revision_category.ordinal 
_pdbx_audit_revision_category.revision_ordinal 
_pdbx_audit_revision_category.data_content_type 
_pdbx_audit_revision_category.category 
1  6 'Structure model' chem_comp_atom                
2  6 'Structure model' chem_comp_bond                
3  6 'Structure model' database_2                    
4  6 'Structure model' pdbx_entry_details            
5  6 'Structure model' pdbx_modification_feature     
6  6 'Structure model' pdbx_struct_conn_angle        
7  6 'Structure model' pdbx_validate_polymer_linkage 
8  6 'Structure model' struct_conn                   
9  6 'Structure model' struct_conn_type              
10 6 'Structure model' struct_ref_seq_dif            
11 6 'Structure model' struct_site                   
# 
loop_
_pdbx_audit_revision_item.ordinal 
_pdbx_audit_revision_item.revision_ordinal 
_pdbx_audit_revision_item.data_content_type 
_pdbx_audit_revision_item.item 
1  6 'Structure model' '_database_2.pdbx_DOI'                         
2  6 'Structure model' '_database_2.pdbx_database_accession'          
3  6 'Structure model' '_pdbx_entry_details.has_protein_modification' 
4  6 'Structure model' '_pdbx_struct_conn_angle.ptnr1_auth_asym_id'   
5  6 'Structure model' '_pdbx_struct_conn_angle.ptnr1_auth_comp_id'   
6  6 'Structure model' '_pdbx_struct_conn_angle.ptnr1_auth_seq_id'    
7  6 'Structure model' '_pdbx_struct_conn_angle.ptnr1_label_asym_id'  
8  6 'Structure model' '_pdbx_struct_conn_angle.ptnr1_label_atom_id'  
9  6 'Structure model' '_pdbx_struct_conn_angle.ptnr1_label_comp_id'  
10 6 'Structure model' '_pdbx_struct_conn_angle.ptnr1_label_seq_id'   
11 6 'Structure model' '_pdbx_struct_conn_angle.ptnr1_symmetry'       
12 6 'Structure model' '_pdbx_struct_conn_angle.ptnr3_auth_asym_id'   
13 6 'Structure model' '_pdbx_struct_conn_angle.ptnr3_auth_comp_id'   
14 6 'Structure model' '_pdbx_struct_conn_angle.ptnr3_auth_seq_id'    
15 6 'Structure model' '_pdbx_struct_conn_angle.ptnr3_label_asym_id'  
16 6 'Structure model' '_pdbx_struct_conn_angle.ptnr3_label_atom_id'  
17 6 'Structure model' '_pdbx_struct_conn_angle.ptnr3_label_comp_id'  
18 6 'Structure model' '_pdbx_struct_conn_angle.ptnr3_label_seq_id'   
19 6 'Structure model' '_pdbx_struct_conn_angle.ptnr3_symmetry'       
20 6 'Structure model' '_pdbx_struct_conn_angle.value'                
21 6 'Structure model' '_struct_conn.conn_type_id'                    
22 6 'Structure model' '_struct_conn.id'                              
23 6 'Structure model' '_struct_conn.pdbx_dist_value'                 
24 6 'Structure model' '_struct_conn.pdbx_leaving_atom_flag'          
25 6 'Structure model' '_struct_conn.pdbx_ptnr1_label_alt_id'         
26 6 'Structure model' '_struct_conn.pdbx_ptnr2_label_alt_id'         
27 6 'Structure model' '_struct_conn.ptnr1_auth_asym_id'              
28 6 'Structure model' '_struct_conn.ptnr1_auth_comp_id'              
29 6 'Structure model' '_struct_conn.ptnr1_auth_seq_id'               
30 6 'Structure model' '_struct_conn.ptnr1_label_asym_id'             
31 6 'Structure model' '_struct_conn.ptnr1_label_atom_id'             
32 6 'Structure model' '_struct_conn.ptnr1_label_comp_id'             
33 6 'Structure model' '_struct_conn.ptnr1_label_seq_id'              
34 6 'Structure model' '_struct_conn.ptnr1_symmetry'                  
35 6 'Structure model' '_struct_conn.ptnr2_auth_asym_id'              
36 6 'Structure model' '_struct_conn.ptnr2_auth_comp_id'              
37 6 'Structure model' '_struct_conn.ptnr2_auth_seq_id'               
38 6 'Structure model' '_struct_conn.ptnr2_label_asym_id'             
39 6 'Structure model' '_struct_conn.ptnr2_label_atom_id'             
40 6 'Structure model' '_struct_conn.ptnr2_label_comp_id'             
41 6 'Structure model' '_struct_conn.ptnr2_label_seq_id'              
42 6 'Structure model' '_struct_conn.ptnr2_symmetry'                  
43 6 'Structure model' '_struct_conn_type.id'                         
44 6 'Structure model' '_struct_ref_seq_dif.details'                  
45 6 'Structure model' '_struct_site.pdbx_auth_asym_id'               
46 6 'Structure model' '_struct_site.pdbx_auth_comp_id'               
47 6 'Structure model' '_struct_site.pdbx_auth_seq_id'                
# 
_pdbx_database_status.entry_id                        3GO3 
_pdbx_database_status.deposit_site                    RCSB 
_pdbx_database_status.process_site                    PDBJ 
_pdbx_database_status.recvd_initial_deposition_date   2009-03-18 
_pdbx_database_status.status_code                     REL 
_pdbx_database_status.status_code_sf                  REL 
_pdbx_database_status.status_code_mr                  ? 
_pdbx_database_status.SG_entry                        ? 
_pdbx_database_status.status_code_cs                  ? 
_pdbx_database_status.methods_development_category    ? 
_pdbx_database_status.pdb_format_compatible           Y 
_pdbx_database_status.status_code_nmr_data            ? 
# 
loop_
_pdbx_database_related.db_name 
_pdbx_database_related.db_id 
_pdbx_database_related.content_type 
_pdbx_database_related.details 
PDB 185D unspecified 'SOLUTION STRUCTURE OF D(GACGTC) COMPLEXED WITH TRIOSTIN A'                                 
PDB 193D unspecified 'SOLUTION STRUCTURE OF D(ACACGTGT) COMPLEXED WITH QUINOMYCIN UK-6305'                       
PDB 1PFE unspecified 'CRYSTAL STRUCTURE OF D(GCGTACG) COMPLEXED WITH ECHINOMYCIN - SPACE GROUP P6322'            
PDB 1VS2 unspecified 'CRYSTAL STRUCTURE OF D(GCGTACGC) COMPLEXED WITH TRIOSIN A'                                 
PDB 1XVK unspecified 'CRYSTAL STRUCTURE OF D(GCGTACGC) COMPLEXED WITH ECHINOMYCIN - SPACE GROUP P632'            
PDB 1XVN unspecified 'CRYSTAL STRUCTURE OF D(ACGTACGT) COMPLEXED WITH ECHINOMYCIN - SPACE GROUP P632'            
PDB 1XVR unspecified 'CRYSTAL STRUCTURE OF D(CGTACG) COMPLEXED WITH ECHINOMYCIN - SPACE GROUP C21'               
PDB 2ADW unspecified 'CRYSTAL STRUCTURE OF D(ACGTACGT) COMPLEXED WITH ECHINOMYCIN - SPACE GROUP P42212'          
PDB 2DA8 unspecified 'SOLUTION STRUCTURE OF D(GATATC) COMPLEXED WITH A MODIFIED TRIOSTIN A AT POSITIONS 4 AND 8' 
# 
loop_
_audit_author.name 
_audit_author.pdbx_ordinal 
'Pfoh, R.'           1 
'Cuesta-Seijo, J.A.' 2 
'Sheldrick, G.M.'    3 
# 
_citation.id                        primary 
_citation.title                     'Interaction of an Echinomycin-DNA Complex with Manganese Ion' 
_citation.journal_abbrev            'Acta Crystallogr.,Sect.F' 
_citation.journal_volume            65 
_citation.page_first                660 
_citation.page_last                 ? 
_citation.year                      2009 
_citation.journal_id_ASTM           ? 
_citation.country                   DK 
_citation.journal_id_ISSN           1744-3091 
_citation.journal_id_CSD            ? 
_citation.book_publisher            ? 
_citation.pdbx_database_id_PubMed   19574634 
_citation.pdbx_database_id_DOI      10.1107/S1744309109019654 
# 
loop_
_citation_author.citation_id 
_citation_author.name 
_citation_author.ordinal 
_citation_author.identifier_ORCID 
primary 'Pfoh, R.'           1 ? 
primary 'Cuesta-Seijo, J.A.' 2 ? 
primary 'Sheldrick, G.M.'    3 ? 
# 
loop_
_entity.id 
_entity.type 
_entity.src_method 
_entity.pdbx_description 
_entity.formula_weight 
_entity.pdbx_number_of_molecules 
_entity.pdbx_ec 
_entity.pdbx_mutation 
_entity.pdbx_fragment 
_entity.details 
1 polymer     syn "5'-D(*AP*CP*GP*TP*AP*CP*GP*T)-3'" 2426.617 2  ? ? ? ? 
2 polymer     nat ECHINOMYCIN                        809.008  2  ? ? ? ? 
3 non-polymer syn 'MANGANESE (II) ION'               54.938   2  ? ? ? ? 
4 non-polymer syn 'DI(HYDROXYETHYL)ETHER'            106.120  1  ? ? ? ? 
5 non-polymer syn 2-CARBOXYQUINOXALINE               174.156  4  ? ? ? ? 
6 water       nat water                              18.015   45 ? ? ? ? 
# 
_entity_name_com.entity_id   2 
_entity_name_com.name        'QUINOMYCIN A' 
# 
loop_
_entity_poly.entity_id 
_entity_poly.type 
_entity_poly.nstd_linkage 
_entity_poly.nstd_monomer 
_entity_poly.pdbx_seq_one_letter_code 
_entity_poly.pdbx_seq_one_letter_code_can 
_entity_poly.pdbx_strand_id 
_entity_poly.pdbx_target_identifier 
1 polydeoxyribonucleotide no no  '(DA)(DC)(DG)(DT)(DA)(DC)(DG)(DT)' ACGTACGT A,B ? 
2 'polypeptide(L)'        no yes '(DSN)A(N2C)(MVA)(DSN)A(NCY)(MVA)' SAXVSAXV C,D ? 
# 
loop_
_pdbx_entity_nonpoly.entity_id 
_pdbx_entity_nonpoly.name 
_pdbx_entity_nonpoly.comp_id 
3 'MANGANESE (II) ION'    MN  
4 'DI(HYDROXYETHYL)ETHER' PEG 
5 2-CARBOXYQUINOXALINE    QUI 
6 water                   HOH 
# 
loop_
_entity_poly_seq.entity_id 
_entity_poly_seq.num 
_entity_poly_seq.mon_id 
_entity_poly_seq.hetero 
1 1 DA  n 
1 2 DC  n 
1 3 DG  n 
1 4 DT  n 
1 5 DA  n 
1 6 DC  n 
1 7 DG  n 
1 8 DT  n 
2 1 DSN n 
2 2 ALA n 
2 3 N2C y 
2 3 NCY y 
2 4 MVA n 
2 5 DSN n 
2 6 ALA n 
2 7 NCY y 
2 7 N2C y 
2 8 MVA n 
# 
_entity_src_nat.entity_id                  2 
_entity_src_nat.pdbx_src_id                1 
_entity_src_nat.pdbx_alt_source_flag       sample 
_entity_src_nat.pdbx_beg_seq_num           ? 
_entity_src_nat.pdbx_end_seq_num           ? 
_entity_src_nat.common_name                ? 
_entity_src_nat.pdbx_organism_scientific   'STREPTOMYCES ECHINATUS' 
_entity_src_nat.pdbx_ncbi_taxonomy_id      67293 
_entity_src_nat.genus                      ? 
_entity_src_nat.species                    ? 
_entity_src_nat.strain                     ? 
_entity_src_nat.tissue                     ? 
_entity_src_nat.tissue_fraction            ? 
_entity_src_nat.pdbx_secretion             ? 
_entity_src_nat.pdbx_fragment              ? 
_entity_src_nat.pdbx_variant               ? 
_entity_src_nat.pdbx_cell_line             ? 
_entity_src_nat.pdbx_atcc                  ? 
_entity_src_nat.pdbx_cellular_location     ? 
_entity_src_nat.pdbx_organ                 ? 
_entity_src_nat.pdbx_organelle             ? 
_entity_src_nat.pdbx_cell                  ? 
_entity_src_nat.pdbx_plasmid_name          ? 
_entity_src_nat.pdbx_plasmid_details       ? 
_entity_src_nat.details                    ? 
# 
loop_
_chem_comp.id 
_chem_comp.type 
_chem_comp.mon_nstd_flag 
_chem_comp.name 
_chem_comp.pdbx_synonyms 
_chem_comp.formula 
_chem_comp.formula_weight 
ALA 'L-peptide linking' y ALANINE                              ? 'C3 H7 N O2'      89.093  
DA  'DNA linking'       y "2'-DEOXYADENOSINE-5'-MONOPHOSPHATE" ? 'C10 H14 N5 O6 P' 331.222 
DC  'DNA linking'       y "2'-DEOXYCYTIDINE-5'-MONOPHOSPHATE"  ? 'C9 H14 N3 O7 P'  307.197 
DG  'DNA linking'       y "2'-DEOXYGUANOSINE-5'-MONOPHOSPHATE" ? 'C10 H14 N5 O7 P' 347.221 
DSN 'D-peptide linking' . D-SERINE                             ? 'C3 H7 N O3'      105.093 
DT  'DNA linking'       y "THYMIDINE-5'-MONOPHOSPHATE"         ? 'C10 H15 N2 O8 P' 322.208 
HOH non-polymer         . WATER                                ? 'H2 O'            18.015  
MN  non-polymer         . 'MANGANESE (II) ION'                 ? 'Mn 2'            54.938  
MVA 'L-peptide linking' n N-METHYLVALINE                       ? 'C6 H13 N O2'     131.173 
N2C 'L-peptide linking' . N,S-DIMETHYLCYSTEINE                 ? 'C5 H11 N O2 S'   149.211 
NCY 'L-peptide linking' . N-METHYLCYSTEINE                     ? 'C4 H9 N O2 S'    135.185 
PEG non-polymer         . 'DI(HYDROXYETHYL)ETHER'              ? 'C4 H10 O3'       106.120 
QUI non-polymer         . 2-CARBOXYQUINOXALINE                 ? 'C9 H6 N2 O2'     174.156 
# 
loop_
_pdbx_poly_seq_scheme.asym_id 
_pdbx_poly_seq_scheme.entity_id 
_pdbx_poly_seq_scheme.seq_id 
_pdbx_poly_seq_scheme.mon_id 
_pdbx_poly_seq_scheme.ndb_seq_num 
_pdbx_poly_seq_scheme.pdb_seq_num 
_pdbx_poly_seq_scheme.auth_seq_num 
_pdbx_poly_seq_scheme.pdb_mon_id 
_pdbx_poly_seq_scheme.auth_mon_id 
_pdbx_poly_seq_scheme.pdb_strand_id 
_pdbx_poly_seq_scheme.pdb_ins_code 
_pdbx_poly_seq_scheme.hetero 
A 1 1 DA  1 1   1   DA  DA  A . n 
A 1 2 DC  2 2   2   DC  DC  A . n 
A 1 3 DG  3 3   3   DG  DG  A . n 
A 1 4 DT  4 4   4   DT  DT  A . n 
A 1 5 DA  5 5   5   DA  DA  A . n 
A 1 6 DC  6 6   6   DC  DC  A . n 
A 1 7 DG  7 7   7   DG  DG  A . n 
A 1 8 DT  8 8   8   DT  DT  A . n 
B 1 1 DA  1 101 101 DA  DA  B . n 
B 1 2 DC  2 102 102 DC  DC  B . n 
B 1 3 DG  3 103 103 DG  DG  B . n 
B 1 4 DT  4 104 104 DT  DT  B . n 
B 1 5 DA  5 105 105 DA  DA  B . n 
B 1 6 DC  6 106 106 DC  DC  B . n 
B 1 7 DG  7 107 107 DG  DG  B . n 
B 1 8 DT  8 108 108 DT  DT  B . n 
C 2 1 DSN 1 1   1   DSN DSN C . n 
C 2 2 ALA 2 2   2   ALA ALA C . n 
C 2 3 N2C 3 3   3   N2C N2C C . y 
C 2 3 NCY 3 3   3   NCY NCY C . y 
C 2 4 MVA 4 4   4   MVA MVA C . n 
C 2 5 DSN 5 5   5   DSN DSN C . n 
C 2 6 ALA 6 6   6   ALA ALA C . n 
C 2 7 NCY 7 7   7   NCY NCY C . y 
C 2 7 N2C 7 7   7   N2C N2C C . y 
C 2 8 MVA 8 8   8   MVA MVA C . n 
D 2 1 DSN 1 1   1   DSN DSN D . n 
D 2 2 ALA 2 2   2   ALA ALA D . n 
D 2 3 N2C 3 3   3   N2C N2C D . y 
D 2 3 NCY 3 3   3   NCY NCY D . y 
D 2 4 MVA 4 4   4   MVA MVA D . n 
D 2 5 DSN 5 5   5   DSN DSN D . n 
D 2 6 ALA 6 6   6   ALA ALA D . n 
D 2 7 NCY 7 7   7   NCY NCY D . y 
D 2 7 N2C 7 7   7   N2C N2C D . y 
D 2 8 MVA 8 8   8   MVA MVA D . n 
# 
loop_
_pdbx_nonpoly_scheme.asym_id 
_pdbx_nonpoly_scheme.entity_id 
_pdbx_nonpoly_scheme.mon_id 
_pdbx_nonpoly_scheme.ndb_seq_num 
_pdbx_nonpoly_scheme.pdb_seq_num 
_pdbx_nonpoly_scheme.auth_seq_num 
_pdbx_nonpoly_scheme.pdb_mon_id 
_pdbx_nonpoly_scheme.auth_mon_id 
_pdbx_nonpoly_scheme.pdb_strand_id 
_pdbx_nonpoly_scheme.pdb_ins_code 
E 3 MN  1  401  401  MN  MN  A . 
F 4 PEG 1  301  301  PEG PEG B . 
G 3 MN  1  401  401  MN  MN  B . 
H 5 QUI 1  0    0    QUI QUI C . 
I 5 QUI 1  9    9    QUI QUI C . 
J 5 QUI 1  0    0    QUI QUI D . 
K 5 QUI 1  9    9    QUI QUI D . 
L 6 HOH 1  2001 2001 HOH HOH A . 
L 6 HOH 2  2002 2002 HOH HOH A . 
L 6 HOH 3  2003 2003 HOH HOH A . 
L 6 HOH 4  2004 2004 HOH HOH A . 
L 6 HOH 5  2005 2005 HOH HOH A . 
L 6 HOH 6  2006 2006 HOH HOH A . 
L 6 HOH 7  2007 2007 HOH HOH A . 
L 6 HOH 8  2008 2008 HOH HOH A . 
L 6 HOH 9  2009 2009 HOH HOH A . 
L 6 HOH 10 2010 2010 HOH HOH A . 
L 6 HOH 11 2011 2011 HOH HOH A . 
L 6 HOH 12 2012 2012 HOH HOH A . 
L 6 HOH 13 2013 2013 HOH HOH A . 
L 6 HOH 14 2014 2014 HOH HOH A . 
L 6 HOH 15 2015 2015 HOH HOH A . 
L 6 HOH 16 2016 2016 HOH HOH A . 
L 6 HOH 17 2017 2017 HOH HOH A . 
L 6 HOH 18 2018 2018 HOH HOH A . 
L 6 HOH 19 2019 2019 HOH HOH A . 
L 6 HOH 20 2020 2020 HOH HOH A . 
L 6 HOH 21 2021 2021 HOH HOH A . 
L 6 HOH 22 2022 2022 HOH HOH A . 
L 6 HOH 23 2023 2023 HOH HOH A . 
L 6 HOH 24 2024 2024 HOH HOH A . 
L 6 HOH 25 2025 2025 HOH HOH A . 
L 6 HOH 26 2026 2026 HOH HOH A . 
L 6 HOH 27 2027 2027 HOH HOH A . 
L 6 HOH 28 2028 2028 HOH HOH A . 
L 6 HOH 29 2029 2029 HOH HOH A . 
L 6 HOH 30 2030 2030 HOH HOH A . 
M 6 HOH 1  2001 2001 HOH HOH B . 
M 6 HOH 2  2002 2002 HOH HOH B . 
M 6 HOH 3  2003 2003 HOH HOH B . 
M 6 HOH 4  2004 2004 HOH HOH B . 
M 6 HOH 5  2005 2005 HOH HOH B . 
M 6 HOH 6  2006 2006 HOH HOH B . 
M 6 HOH 7  2007 2007 HOH HOH B . 
M 6 HOH 8  2008 2008 HOH HOH B . 
M 6 HOH 9  2009 2009 HOH HOH B . 
M 6 HOH 10 2010 2010 HOH HOH B . 
M 6 HOH 11 2011 2011 HOH HOH B . 
M 6 HOH 12 2012 2012 HOH HOH B . 
M 6 HOH 13 2013 2013 HOH HOH B . 
M 6 HOH 14 2014 2014 HOH HOH B . 
N 6 HOH 1  2001 2001 HOH HOH C . 
# 
loop_
_pdbx_unobs_or_zero_occ_atoms.id 
_pdbx_unobs_or_zero_occ_atoms.PDB_model_num 
_pdbx_unobs_or_zero_occ_atoms.polymer_flag 
_pdbx_unobs_or_zero_occ_atoms.occupancy_flag 
_pdbx_unobs_or_zero_occ_atoms.auth_asym_id 
_pdbx_unobs_or_zero_occ_atoms.auth_comp_id 
_pdbx_unobs_or_zero_occ_atoms.auth_seq_id 
_pdbx_unobs_or_zero_occ_atoms.PDB_ins_code 
_pdbx_unobs_or_zero_occ_atoms.auth_atom_id 
_pdbx_unobs_or_zero_occ_atoms.label_alt_id 
_pdbx_unobs_or_zero_occ_atoms.label_asym_id 
_pdbx_unobs_or_zero_occ_atoms.label_comp_id 
_pdbx_unobs_or_zero_occ_atoms.label_seq_id 
_pdbx_unobs_or_zero_occ_atoms.label_atom_id 
1 1 Y 1 C N2C 3 ? CD ? C N2C 3 CD 
2 1 Y 1 C NCY 7 ? CD ? C NCY 7 CD 
# 
loop_
_software.name 
_software.classification 
_software.version 
_software.citation_id 
_software.pdbx_ordinal 
SHELXD    phasing          . ? 1 
SHELXL-97 refinement       . ? 2 
XDS       'data reduction' . ? 3 
SAINT     'data reduction' . ? 4 
SADABS    'data scaling'   . ? 5 
# 
_cell.entry_id           3GO3 
_cell.length_a           26.544 
_cell.length_b           26.544 
_cell.length_c           162.129 
_cell.angle_alpha        90.00 
_cell.angle_beta         90.00 
_cell.angle_gamma        90.00 
_cell.Z_PDB              16 
_cell.pdbx_unique_axis   ? 
_cell.length_a_esd       ? 
_cell.length_b_esd       ? 
_cell.length_c_esd       ? 
_cell.angle_alpha_esd    ? 
_cell.angle_beta_esd     ? 
_cell.angle_gamma_esd    ? 
# 
_symmetry.entry_id                         3GO3 
_symmetry.space_group_name_H-M             'P 41 21 2' 
_symmetry.pdbx_full_space_group_name_H-M   ? 
_symmetry.cell_setting                     ? 
_symmetry.Int_Tables_number                92 
_symmetry.space_group_name_Hall            ? 
# 
_exptl.entry_id          3GO3 
_exptl.method            'X-RAY DIFFRACTION' 
_exptl.crystals_number   1 
# 
_exptl_crystal.id                    1 
_exptl_crystal.density_meas          ? 
_exptl_crystal.density_Matthews      2.94 
_exptl_crystal.density_percent_sol   58.19 
_exptl_crystal.description           ? 
_exptl_crystal.F_000                 ? 
_exptl_crystal.preparation           ? 
# 
_exptl_crystal_grow.crystal_id      1 
_exptl_crystal_grow.method          ? 
_exptl_crystal_grow.temp            ? 
_exptl_crystal_grow.temp_details    ? 
_exptl_crystal_grow.pH              6.0 
_exptl_crystal_grow.pdbx_pH_range   ? 
_exptl_crystal_grow.pdbx_details    
;24% V/V PEG 200, 6% W/V PEG 3350, 16MM MANGANESE(II) CHLORIDE, 20MM SPERMINE TETRACHLORIDE, 0.1M MES BUFFER (PH 6.0), VAPOR DIFFUSION, HANGING DROP, TEMPERATURE 293K
;
# 
loop_
_exptl_crystal_grow_comp.crystal_id 
_exptl_crystal_grow_comp.id 
_exptl_crystal_grow_comp.sol_id 
_exptl_crystal_grow_comp.name 
_exptl_crystal_grow_comp.volume 
_exptl_crystal_grow_comp.conc 
_exptl_crystal_grow_comp.details 
1 1  1 'PEG 200'                ? ? ? 
1 2  1 'PEG 3500'               ? ? ? 
1 3  1 'manganese(II) chloride' ? ? ? 
1 4  1 'spermine tetrachloride' ? ? ? 
1 5  1 MES                      ? ? ? 
1 6  1 H2O                      ? ? ? 
1 7  2 'PEG 200'                ? ? ? 
1 8  2 'PEG 3500'               ? ? ? 
1 9  2 'manganese(II) chloride' ? ? ? 
1 10 2 'spermine tetrachloride' ? ? ? 
1 11 2 MES                      ? ? ? 
1 12 2 H2O                      ? ? ? 
# 
loop_
_diffrn.id 
_diffrn.ambient_temp 
_diffrn.ambient_temp_details 
_diffrn.crystal_id 
1 100 ? 1 
2 100 ? 1 
3 100 ? 1 
# 
loop_
_diffrn_detector.diffrn_id 
_diffrn_detector.detector 
_diffrn_detector.type 
_diffrn_detector.pdbx_collection_date 
_diffrn_detector.details 
1 CCD           'MARMOSAIC 225 mm CCD'     2008-05-23 ? 
2 'IMAGE PLATE' 'MAR scanner 345 mm plate' 2004-12-23 ? 
3 CCD           'BRUKER SMART 6000'        2005-12-21 ? 
# 
loop_
_diffrn_radiation.diffrn_id 
_diffrn_radiation.wavelength_id 
_diffrn_radiation.pdbx_monochromatic_or_laue_m_l 
_diffrn_radiation.monochromator 
_diffrn_radiation.pdbx_diffrn_protocol 
_diffrn_radiation.pdbx_scattering_type 
1 1 M 'SI 111 DOUBLE CRYSTAL' 'SINGLE WAVELENGTH' x-ray 
2 1 M 'MULTI- LAYER'          'SINGLE WAVELENGTH' x-ray 
3 1 M MULTI-LAYER             SAD                 x-ray 
# 
loop_
_diffrn_radiation_wavelength.id 
_diffrn_radiation_wavelength.wavelength 
_diffrn_radiation_wavelength.wt 
1 1.00000 1.0 
2 1.54178 1.0 
# 
loop_
_diffrn_source.diffrn_id 
_diffrn_source.source 
_diffrn_source.type 
_diffrn_source.pdbx_synchrotron_site 
_diffrn_source.pdbx_synchrotron_beamline 
_diffrn_source.pdbx_wavelength 
_diffrn_source.pdbx_wavelength_list 
1 SYNCHROTRON      'SLS BEAMLINE X10SA' SLS X10SA 1.00000 ? 
2 'ROTATING ANODE' MACSCIENCE           ?   ?     1.54178 ? 
3 'ROTATING ANODE' MACSCIENCE           ?   ?     1.54178 ? 
# 
_reflns.pdbx_diffrn_id               1 
_reflns.pdbx_ordinal                 1 
_reflns.entry_id                     3GO3 
_reflns.observed_criterion_sigma_I   1.000 
_reflns.observed_criterion_sigma_F   ? 
_reflns.d_resolution_low             30.000 
_reflns.d_resolution_high            1.100 
_reflns.number_obs                   23140 
_reflns.number_all                   ? 
_reflns.percent_possible_obs         92.2 
_reflns.pdbx_Rmerge_I_obs            0.03280 
_reflns.pdbx_Rsym_value              ? 
_reflns.pdbx_netI_over_sigmaI        24.0600 
_reflns.B_iso_Wilson_estimate        ? 
_reflns.pdbx_redundancy              5.200 
_reflns.R_free_details               ? 
_reflns.pdbx_chi_squared             ? 
_reflns.pdbx_scaling_rejects         ? 
# 
_reflns_shell.pdbx_diffrn_id         1 
_reflns_shell.pdbx_ordinal           1 
_reflns_shell.d_res_high             1.10 
_reflns_shell.d_res_low              1.20 
_reflns_shell.percent_possible_all   76.5 
_reflns_shell.Rmerge_I_obs           0.20190 
_reflns_shell.pdbx_Rsym_value        ? 
_reflns_shell.meanI_over_sigI_obs    4.440 
_reflns_shell.pdbx_redundancy        2.17 
_reflns_shell.percent_possible_obs   ? 
_reflns_shell.number_unique_all      ? 
_reflns_shell.number_measured_all    ? 
_reflns_shell.number_measured_obs    ? 
_reflns_shell.number_unique_obs      ? 
_reflns_shell.pdbx_chi_squared       ? 
# 
_refine.pdbx_refine_id                           'X-RAY DIFFRACTION' 
_refine.entry_id                                 3GO3 
_refine.pdbx_diffrn_id                           1 
_refine.pdbx_TLS_residual_ADP_flag               ? 
_refine.ls_number_reflns_obs                     ? 
_refine.ls_number_reflns_all                     22400 
_refine.pdbx_ls_sigma_I                          ? 
_refine.pdbx_ls_sigma_F                          4.000 
_refine.pdbx_data_cutoff_high_absF               ? 
_refine.pdbx_data_cutoff_low_absF                ? 
_refine.pdbx_data_cutoff_high_rms_absF           ? 
_refine.ls_d_res_low                             20.00 
_refine.ls_d_res_high                            1.10 
_refine.ls_percent_reflns_obs                    94.3 
_refine.ls_R_factor_obs                          0.162 
_refine.ls_R_factor_all                          0.163 
_refine.ls_R_factor_R_work                       ? 
_refine.ls_R_factor_R_free                       0.196 
_refine.ls_R_factor_R_free_error                 ? 
_refine.ls_R_factor_R_free_error_details         ? 
_refine.ls_percent_reflns_R_free                 5.250 
_refine.ls_number_reflns_R_free                  1177 
_refine.ls_number_parameters                     4945 
_refine.ls_number_restraints                     6976 
_refine.occupancy_min                            ? 
_refine.occupancy_max                            ? 
_refine.correlation_coeff_Fo_to_Fc               ? 
_refine.correlation_coeff_Fo_to_Fc_free          ? 
_refine.B_iso_mean                               ? 
_refine.aniso_B[1][1]                            ? 
_refine.aniso_B[2][2]                            ? 
_refine.aniso_B[3][3]                            ? 
_refine.aniso_B[1][2]                            ? 
_refine.aniso_B[1][3]                            ? 
_refine.aniso_B[2][3]                            ? 
_refine.solvent_model_details                    BABINET 
_refine.solvent_model_param_ksol                 ? 
_refine.solvent_model_param_bsol                 ? 
_refine.pdbx_solvent_vdw_probe_radii             ? 
_refine.pdbx_solvent_ion_probe_radii             ? 
_refine.pdbx_solvent_shrinkage_radii             ? 
_refine.pdbx_ls_cross_valid_method               'FREE R' 
_refine.details                                  
;THE SKELETON OF ECHINOMYCIN IS NEARLY SYMMETRIC (NOT MODELLED TO DO SO), THE BRIDGE IS NOT. BOTH POSSIBLE ORIENTATIONS OF BINDING WERE OBSERVED, BUT SKELETON POSITIONS NEARLY OVERLAP, SO ONLY THE BRIDGE WAS MODELLED AS DISORDERED/MICROHETE
;
_refine.pdbx_starting_model                      ? 
_refine.pdbx_method_to_determine_struct          SAD 
_refine.pdbx_isotropic_thermal_model             ? 
_refine.pdbx_stereochemistry_target_values       'ENGH & HUBER' 
_refine.pdbx_stereochem_target_val_spec_case     ? 
_refine.pdbx_R_Free_selection_details            RANDOM 
_refine.pdbx_overall_ESU_R                       ? 
_refine.pdbx_overall_ESU_R_Free                  ? 
_refine.overall_SU_ML                            ? 
_refine.pdbx_overall_phase_error                 ? 
_refine.overall_SU_B                             ? 
_refine.overall_SU_R_Cruickshank_DPI             ? 
_refine.pdbx_overall_SU_R_free_Cruickshank_DPI   ? 
_refine.pdbx_overall_SU_R_Blow_DPI               ? 
_refine.pdbx_overall_SU_R_free_Blow_DPI          ? 
_refine.ls_redundancy_reflns_obs                 ? 
_refine.overall_SU_R_free                        ? 
_refine.ls_wR_factor_R_free                      ? 
_refine.ls_wR_factor_R_work                      ? 
_refine.overall_FOM_free_R_set                   ? 
_refine.overall_FOM_work_R_set                   ? 
# 
_refine_hist.pdbx_refine_id                   'X-RAY DIFFRACTION' 
_refine_hist.cycle_id                         LAST 
_refine_hist.pdbx_number_atoms_protein        134 
_refine_hist.pdbx_number_atoms_nucleic_acid   322 
_refine_hist.pdbx_number_atoms_ligand         57 
_refine_hist.number_atoms_solvent             45 
_refine_hist.number_atoms_total               558 
_refine_hist.d_res_high                       1.10 
_refine_hist.d_res_low                        20.00 
# 
loop_
_refine_ls_restr.type 
_refine_ls_restr.dev_ideal 
_refine_ls_restr.dev_ideal_target 
_refine_ls_restr.weight 
_refine_ls_restr.number 
_refine_ls_restr.pdbx_refine_id 
_refine_ls_restr.pdbx_restraint_function 
s_bond_d               0.017 ? ? ? 'X-RAY DIFFRACTION' ? 
s_angle_d              0.033 ? ? ? 'X-RAY DIFFRACTION' ? 
s_similar_dist         ?     ? ? ? 'X-RAY DIFFRACTION' ? 
s_from_restr_planes    0.229 ? ? ? 'X-RAY DIFFRACTION' ? 
s_zero_chiral_vol      0.083 ? ? ? 'X-RAY DIFFRACTION' ? 
s_non_zero_chiral_vol  0.055 ? ? ? 'X-RAY DIFFRACTION' ? 
s_anti_bump_dis_restr  0.041 ? ? ? 'X-RAY DIFFRACTION' ? 
s_rigid_bond_adp_cmpnt 0.050 ? ? ? 'X-RAY DIFFRACTION' ? 
s_similar_adp_cmpnt    0.065 ? ? ? 'X-RAY DIFFRACTION' ? 
s_approx_iso_adps      0.077 ? ? ? 'X-RAY DIFFRACTION' ? 
# 
_pdbx_refine.pdbx_refine_id                              'X-RAY DIFFRACTION' 
_pdbx_refine.entry_id                                    3GO3 
_pdbx_refine.R_factor_all_no_cutoff                      0.163 
_pdbx_refine.R_factor_obs_no_cutoff                      0.162 
_pdbx_refine.free_R_factor_no_cutoff                     0.196 
_pdbx_refine.free_R_error_no_cutoff                      ? 
_pdbx_refine.free_R_val_test_set_size_perc_no_cutoff     5.250 
_pdbx_refine.free_R_val_test_set_ct_no_cutoff            1177 
_pdbx_refine.R_factor_all_4sig_cutoff                    0.157 
_pdbx_refine.R_factor_obs_4sig_cutoff                    0.156 
_pdbx_refine.free_R_factor_4sig_cutoff                   0.191 
_pdbx_refine.free_R_val_test_set_size_perc_4sig_cutoff   5.280 
_pdbx_refine.free_R_val_test_set_ct_4sig_cutoff          1040 
_pdbx_refine.number_reflns_obs_4sig_cutoff               19703 
# 
_struct.entry_id                  3GO3 
_struct.title                     'Interactions of an echinomycin-DNA complex with manganese(II) ions' 
_struct.pdbx_model_details        ? 
_struct.pdbx_CASP_flag            ? 
_struct.pdbx_model_type_details   ? 
# 
_struct_keywords.entry_id        3GO3 
_struct_keywords.pdbx_keywords   DNA/ANTIBIOTIC 
_struct_keywords.text            
'BISINTERCALATOR, HOOGSTEEN BASEPAIR, DEPSIPEPTIDE, QUINOXALINE, THIOACETAL, ANTIBIOTIC, ANTITUMOR, DNA-ANTIBIOTIC COMPLEX' 
# 
loop_
_struct_asym.id 
_struct_asym.pdbx_blank_PDB_chainid_flag 
_struct_asym.pdbx_modified 
_struct_asym.entity_id 
_struct_asym.details 
A N N 1 ? 
B N N 1 ? 
C N N 2 ? 
D N N 2 ? 
E N N 3 ? 
F N N 4 ? 
G N N 3 ? 
H N N 5 ? 
I N N 5 ? 
J N N 5 ? 
K N N 5 ? 
L N N 6 ? 
M N N 6 ? 
N N N 6 ? 
# 
loop_
_struct_ref.id 
_struct_ref.db_name 
_struct_ref.db_code 
_struct_ref.entity_id 
_struct_ref.pdbx_seq_one_letter_code 
_struct_ref.pdbx_align_begin 
_struct_ref.pdbx_db_accession 
_struct_ref.pdbx_db_isoform 
1 PDB 3GO3     1 ? ? 3GO3     ? 
2 NOR NOR01126 2 ? ? NOR01126 ? 
# 
loop_
_struct_ref_seq.align_id 
_struct_ref_seq.ref_id 
_struct_ref_seq.pdbx_PDB_id_code 
_struct_ref_seq.pdbx_strand_id 
_struct_ref_seq.seq_align_beg 
_struct_ref_seq.pdbx_seq_align_beg_ins_code 
_struct_ref_seq.seq_align_end 
_struct_ref_seq.pdbx_seq_align_end_ins_code 
_struct_ref_seq.pdbx_db_accession 
_struct_ref_seq.db_align_beg 
_struct_ref_seq.pdbx_db_align_beg_ins_code 
_struct_ref_seq.db_align_end 
_struct_ref_seq.pdbx_db_align_end_ins_code 
_struct_ref_seq.pdbx_auth_seq_align_beg 
_struct_ref_seq.pdbx_auth_seq_align_end 
1 1 3GO3 A 1 ? 8 ? 3GO3     1   ? 8   ? 1   8   
2 1 3GO3 B 1 ? 8 ? 3GO3     101 ? 108 ? 101 108 
3 2 3GO3 C 1 ? 8 ? NOR01126 1   ? 8   ? 1   8   
4 2 3GO3 D 1 ? 8 ? NOR01126 1   ? 8   ? 1   8   
# 
loop_
_struct_ref_seq_dif.align_id 
_struct_ref_seq_dif.pdbx_pdb_id_code 
_struct_ref_seq_dif.mon_id 
_struct_ref_seq_dif.pdbx_pdb_strand_id 
_struct_ref_seq_dif.seq_num 
_struct_ref_seq_dif.pdbx_pdb_ins_code 
_struct_ref_seq_dif.pdbx_seq_db_name 
_struct_ref_seq_dif.pdbx_seq_db_accession_code 
_struct_ref_seq_dif.db_mon_id 
_struct_ref_seq_dif.pdbx_seq_db_seq_num 
_struct_ref_seq_dif.details 
_struct_ref_seq_dif.pdbx_auth_seq_num 
_struct_ref_seq_dif.pdbx_ordinal 
3 3GO3 N2C C 3 ? NOR NOR01126 NCY 3 microheterogeneity 3 1 
3 3GO3 NCY C 7 ? NOR NOR01126 N2C 7 microheterogeneity 7 2 
4 3GO3 N2C D 3 ? NOR NOR01126 NCY 3 microheterogeneity 3 3 
4 3GO3 NCY D 7 ? NOR NOR01126 N2C 7 microheterogeneity 7 4 
# 
_pdbx_struct_assembly.id                   1 
_pdbx_struct_assembly.details              software_defined_assembly 
_pdbx_struct_assembly.method_details       PISA 
_pdbx_struct_assembly.oligomeric_details   tetrameric 
_pdbx_struct_assembly.oligomeric_count     4 
# 
loop_
_pdbx_struct_assembly_prop.biol_id 
_pdbx_struct_assembly_prop.type 
_pdbx_struct_assembly_prop.value 
_pdbx_struct_assembly_prop.details 
1 'ABSA (A^2)' 1170  ? 
1 MORE         -11.2 ? 
1 'SSA (A^2)'  4010  ? 
# 
_pdbx_struct_assembly_gen.assembly_id       1 
_pdbx_struct_assembly_gen.oper_expression   1 
_pdbx_struct_assembly_gen.asym_id_list      A,B,C,D,E,F,G,H,I,J,K,L,M,N 
# 
_pdbx_struct_oper_list.id                   1 
_pdbx_struct_oper_list.type                 'identity operation' 
_pdbx_struct_oper_list.name                 1_555 
_pdbx_struct_oper_list.symmetry_operation   x,y,z 
_pdbx_struct_oper_list.matrix[1][1]         1.0000000000 
_pdbx_struct_oper_list.matrix[1][2]         0.0000000000 
_pdbx_struct_oper_list.matrix[1][3]         0.0000000000 
_pdbx_struct_oper_list.vector[1]            0.0000000000 
_pdbx_struct_oper_list.matrix[2][1]         0.0000000000 
_pdbx_struct_oper_list.matrix[2][2]         1.0000000000 
_pdbx_struct_oper_list.matrix[2][3]         0.0000000000 
_pdbx_struct_oper_list.vector[2]            0.0000000000 
_pdbx_struct_oper_list.matrix[3][1]         0.0000000000 
_pdbx_struct_oper_list.matrix[3][2]         0.0000000000 
_pdbx_struct_oper_list.matrix[3][3]         1.0000000000 
_pdbx_struct_oper_list.vector[3]            0.0000000000 
# 
_struct_biol.id        1 
_struct_biol.details   ? 
# 
loop_
_struct_conn.id 
_struct_conn.conn_type_id 
_struct_conn.pdbx_leaving_atom_flag 
_struct_conn.pdbx_PDB_id 
_struct_conn.ptnr1_label_asym_id 
_struct_conn.ptnr1_label_comp_id 
_struct_conn.ptnr1_label_seq_id 
_struct_conn.ptnr1_label_atom_id 
_struct_conn.pdbx_ptnr1_label_alt_id 
_struct_conn.pdbx_ptnr1_PDB_ins_code 
_struct_conn.pdbx_ptnr1_standard_comp_id 
_struct_conn.ptnr1_symmetry 
_struct_conn.ptnr2_label_asym_id 
_struct_conn.ptnr2_label_comp_id 
_struct_conn.ptnr2_label_seq_id 
_struct_conn.ptnr2_label_atom_id 
_struct_conn.pdbx_ptnr2_label_alt_id 
_struct_conn.pdbx_ptnr2_PDB_ins_code 
_struct_conn.ptnr1_auth_asym_id 
_struct_conn.ptnr1_auth_comp_id 
_struct_conn.ptnr1_auth_seq_id 
_struct_conn.ptnr2_auth_asym_id 
_struct_conn.ptnr2_auth_comp_id 
_struct_conn.ptnr2_auth_seq_id 
_struct_conn.ptnr2_symmetry 
_struct_conn.pdbx_ptnr3_label_atom_id 
_struct_conn.pdbx_ptnr3_label_seq_id 
_struct_conn.pdbx_ptnr3_label_comp_id 
_struct_conn.pdbx_ptnr3_label_asym_id 
_struct_conn.pdbx_ptnr3_label_alt_id 
_struct_conn.pdbx_ptnr3_PDB_ins_code 
_struct_conn.details 
_struct_conn.pdbx_dist_value 
_struct_conn.pdbx_value_order 
_struct_conn.pdbx_role 
covale1  covale both ? H QUI . C   ? ? ? 1_555 C DSN 1 N  ? ? C QUI 0   C DSN 1    1_555 ? ? ? ? ? ? ?            1.351 ? ? 
covale2  covale both ? C DSN 1 C   ? ? ? 1_555 C ALA 2 N  ? ? C DSN 1   C ALA 2    1_555 ? ? ? ? ? ? ?            1.343 ? ? 
covale3  covale one  ? C DSN 1 OG  ? ? ? 1_555 C MVA 8 C  ? ? C DSN 1   C MVA 8    1_555 ? ? ? ? ? ? ?            1.306 ? ? 
covale4  covale both ? C ALA 2 C   ? ? ? 1_555 C N2C 3 N  A ? C ALA 2   C N2C 3    1_555 ? ? ? ? ? ? ?            1.331 ? ? 
covale5  covale both ? C ALA 2 C   ? ? ? 1_555 C NCY 3 N  B ? C ALA 2   C NCY 3    1_555 ? ? ? ? ? ? ?            1.331 ? ? 
covale6  covale both ? C N2C 3 C   A ? ? 1_555 C MVA 4 N  ? ? C N2C 3   C MVA 4    1_555 ? ? ? ? ? ? ?            1.321 ? ? 
covale7  covale both ? C NCY 3 C   B ? ? 1_555 C MVA 4 N  ? ? C NCY 3   C MVA 4    1_555 ? ? ? ? ? ? ?            1.321 ? ? 
covale8  covale both ? C NCY 3 SG  B ? ? 1_555 C N2C 7 CB B ? C NCY 3   C N2C 7    1_555 ? ? ? ? ? ? ?            1.816 ? ? 
covale9  covale both ? C N2C 3 CB  A ? ? 1_555 C NCY 7 SG A ? C N2C 3   C NCY 7    1_555 ? ? ? ? ? ? ?            1.807 ? ? 
covale10 covale one  ? C MVA 4 C   ? ? ? 1_555 C DSN 5 OG ? ? C MVA 4   C DSN 5    1_555 ? ? ? ? ? ? ?            1.308 ? ? 
covale11 covale both ? C DSN 5 C   ? ? ? 1_555 C ALA 6 N  ? ? C DSN 5   C ALA 6    1_555 ? ? ? ? ? ? ?            1.302 ? ? 
covale12 covale both ? C DSN 5 N   ? ? ? 1_555 I QUI . C  ? ? C DSN 5   C QUI 9    1_555 ? ? ? ? ? ? ?            1.350 ? ? 
covale13 covale both ? C ALA 6 C   ? ? ? 1_555 C NCY 7 N  A ? C ALA 6   C NCY 7    1_555 ? ? ? ? ? ? ?            1.337 ? ? 
covale14 covale both ? C ALA 6 C   ? ? ? 1_555 C N2C 7 N  B ? C ALA 6   C N2C 7    1_555 ? ? ? ? ? ? ?            1.337 ? ? 
covale15 covale both ? C N2C 7 C   B ? ? 1_555 C MVA 8 N  ? ? C N2C 7   C MVA 8    1_555 ? ? ? ? ? ? ?            1.339 ? ? 
covale16 covale both ? C NCY 7 C   A ? ? 1_555 C MVA 8 N  ? ? C NCY 7   C MVA 8    1_555 ? ? ? ? ? ? ?            1.339 ? ? 
covale17 covale both ? J QUI . C   ? ? ? 1_555 D DSN 1 N  ? ? D QUI 0   D DSN 1    1_555 ? ? ? ? ? ? ?            1.362 ? ? 
covale18 covale both ? D DSN 1 C   ? ? ? 1_555 D ALA 2 N  ? ? D DSN 1   D ALA 2    1_555 ? ? ? ? ? ? ?            1.347 ? ? 
covale19 covale one  ? D DSN 1 OG  ? ? ? 1_555 D MVA 8 C  ? ? D DSN 1   D MVA 8    1_555 ? ? ? ? ? ? ?            1.321 ? ? 
covale20 covale both ? D ALA 2 C   ? ? ? 1_555 D NCY 3 N  B ? D ALA 2   D NCY 3    1_555 ? ? ? ? ? ? ?            1.343 ? ? 
covale21 covale both ? D ALA 2 C   ? ? ? 1_555 D N2C 3 N  A ? D ALA 2   D N2C 3    1_555 ? ? ? ? ? ? ?            1.343 ? ? 
covale22 covale both ? D NCY 3 C   B ? ? 1_555 D MVA 4 N  ? ? D NCY 3   D MVA 4    1_555 ? ? ? ? ? ? ?            1.346 ? ? 
covale23 covale both ? D N2C 3 C   A ? ? 1_555 D MVA 4 N  ? ? D N2C 3   D MVA 4    1_555 ? ? ? ? ? ? ?            1.346 ? ? 
covale24 covale both ? D NCY 3 SG  B ? ? 1_555 D N2C 7 CB B ? D NCY 3   D N2C 7    1_555 ? ? ? ? ? ? ?            1.808 ? ? 
covale25 covale both ? D N2C 3 CB  A ? ? 1_555 D NCY 7 SG A ? D N2C 3   D NCY 7    1_555 ? ? ? ? ? ? ?            1.806 ? ? 
covale26 covale one  ? D MVA 4 C   ? ? ? 1_555 D DSN 5 OG ? ? D MVA 4   D DSN 5    1_555 ? ? ? ? ? ? ?            1.316 ? ? 
covale27 covale both ? D DSN 5 C   ? ? ? 1_555 D ALA 6 N  ? ? D DSN 5   D ALA 6    1_555 ? ? ? ? ? ? ?            1.310 ? ? 
covale28 covale both ? D DSN 5 N   ? ? ? 1_555 K QUI . C  ? ? D DSN 5   D QUI 9    1_555 ? ? ? ? ? ? ?            1.361 ? ? 
covale29 covale both ? D ALA 6 C   ? ? ? 1_555 D NCY 7 N  A ? D ALA 6   D NCY 7    1_555 ? ? ? ? ? ? ?            1.325 ? ? 
covale30 covale both ? D ALA 6 C   ? ? ? 1_555 D N2C 7 N  B ? D ALA 6   D N2C 7    1_555 ? ? ? ? ? ? ?            1.325 ? ? 
covale31 covale both ? D NCY 7 C   A ? ? 1_555 D MVA 8 N  ? ? D NCY 7   D MVA 8    1_555 ? ? ? ? ? ? ?            1.325 ? ? 
covale32 covale both ? D N2C 7 C   B ? ? 1_555 D MVA 8 N  ? ? D N2C 7   D MVA 8    1_555 ? ? ? ? ? ? ?            1.325 ? ? 
metalc1  metalc ?    ? A DG  3 N7  ? ? ? 1_555 E MN  . MN ? ? A DG  3   A MN  401  1_555 ? ? ? ? ? ? ?            2.357 ? ? 
metalc2  metalc ?    ? A DC  6 OP2 ? ? ? 7_655 G MN  . MN ? ? A DC  6   B MN  401  1_555 ? ? ? ? ? ? ?            2.085 ? ? 
metalc3  metalc ?    ? E MN  . MN  ? ? ? 1_555 L HOH . O  ? ? A MN  401 A HOH 2029 1_555 ? ? ? ? ? ? ?            2.444 ? ? 
metalc4  metalc ?    ? E MN  . MN  ? ? ? 1_555 L HOH . O  ? ? A MN  401 A HOH 2030 1_555 ? ? ? ? ? ? ?            2.382 ? ? 
metalc5  metalc ?    ? B DG  7 N7  ? ? ? 1_555 G MN  . MN ? ? B DG  107 B MN  401  1_555 ? ? ? ? ? ? ?            2.299 ? ? 
metalc6  metalc ?    ? G MN  . MN  ? ? ? 1_555 M HOH . O  ? ? B MN  401 B HOH 2011 1_555 ? ? ? ? ? ? ?            2.173 ? ? 
metalc7  metalc ?    ? G MN  . MN  ? ? ? 1_555 M HOH . O  ? ? B MN  401 B HOH 2012 1_555 ? ? ? ? ? ? ?            2.162 ? ? 
metalc8  metalc ?    ? G MN  . MN  ? ? ? 1_555 M HOH . O  ? ? B MN  401 B HOH 2013 1_555 ? ? ? ? ? ? ?            2.191 ? ? 
metalc9  metalc ?    ? G MN  . MN  ? ? ? 1_555 M HOH . O  ? ? B MN  401 B HOH 2014 1_555 ? ? ? ? ? ? ?            2.188 ? ? 
hydrog1  hydrog ?    ? A DA  1 N1  ? ? ? 1_555 B DT  8 N3 ? ? A DA  1   B DT  108  1_555 ? ? ? ? ? ? WATSON-CRICK ?     ? ? 
hydrog2  hydrog ?    ? A DA  1 N6  ? ? ? 1_555 B DT  8 O4 ? ? A DA  1   B DT  108  1_555 ? ? ? ? ? ? WATSON-CRICK ?     ? ? 
hydrog3  hydrog ?    ? A DC  2 N3  ? ? ? 1_555 B DG  7 N1 ? ? A DC  2   B DG  107  1_555 ? ? ? ? ? ? WATSON-CRICK ?     ? ? 
hydrog4  hydrog ?    ? A DC  2 N4  ? ? ? 1_555 B DG  7 O6 ? ? A DC  2   B DG  107  1_555 ? ? ? ? ? ? WATSON-CRICK ?     ? ? 
hydrog5  hydrog ?    ? A DC  2 O2  ? ? ? 1_555 B DG  7 N2 ? ? A DC  2   B DG  107  1_555 ? ? ? ? ? ? WATSON-CRICK ?     ? ? 
hydrog6  hydrog ?    ? A DG  3 N1  ? ? ? 1_555 B DC  6 N3 ? ? A DG  3   B DC  106  1_555 ? ? ? ? ? ? WATSON-CRICK ?     ? ? 
hydrog7  hydrog ?    ? A DG  3 N2  ? ? ? 1_555 B DC  6 O2 ? ? A DG  3   B DC  106  1_555 ? ? ? ? ? ? WATSON-CRICK ?     ? ? 
hydrog8  hydrog ?    ? A DG  3 O6  ? ? ? 1_555 B DC  6 N4 ? ? A DG  3   B DC  106  1_555 ? ? ? ? ? ? WATSON-CRICK ?     ? ? 
hydrog9  hydrog ?    ? A DT  4 N3  ? ? ? 1_555 B DA  5 N7 ? ? A DT  4   B DA  105  1_555 ? ? ? ? ? ? HOOGSTEEN    ?     ? ? 
hydrog10 hydrog ?    ? A DT  4 O4  ? ? ? 1_555 B DA  5 N6 ? ? A DT  4   B DA  105  1_555 ? ? ? ? ? ? HOOGSTEEN    ?     ? ? 
hydrog11 hydrog ?    ? A DA  5 N6  ? ? ? 1_555 B DT  4 O4 ? ? A DA  5   B DT  104  1_555 ? ? ? ? ? ? HOOGSTEEN    ?     ? ? 
hydrog12 hydrog ?    ? A DA  5 N7  ? ? ? 1_555 B DT  4 N3 ? ? A DA  5   B DT  104  1_555 ? ? ? ? ? ? HOOGSTEEN    ?     ? ? 
hydrog13 hydrog ?    ? A DC  6 N3  ? ? ? 1_555 B DG  3 N1 ? ? A DC  6   B DG  103  1_555 ? ? ? ? ? ? WATSON-CRICK ?     ? ? 
hydrog14 hydrog ?    ? A DC  6 N4  ? ? ? 1_555 B DG  3 O6 ? ? A DC  6   B DG  103  1_555 ? ? ? ? ? ? WATSON-CRICK ?     ? ? 
hydrog15 hydrog ?    ? A DC  6 O2  ? ? ? 1_555 B DG  3 N2 ? ? A DC  6   B DG  103  1_555 ? ? ? ? ? ? WATSON-CRICK ?     ? ? 
hydrog16 hydrog ?    ? A DG  7 N1  ? ? ? 1_555 B DC  2 N3 ? ? A DG  7   B DC  102  1_555 ? ? ? ? ? ? WATSON-CRICK ?     ? ? 
hydrog17 hydrog ?    ? A DG  7 N2  ? ? ? 1_555 B DC  2 O2 ? ? A DG  7   B DC  102  1_555 ? ? ? ? ? ? WATSON-CRICK ?     ? ? 
hydrog18 hydrog ?    ? A DG  7 O6  ? ? ? 1_555 B DC  2 N4 ? ? A DG  7   B DC  102  1_555 ? ? ? ? ? ? WATSON-CRICK ?     ? ? 
hydrog19 hydrog ?    ? A DT  8 N3  ? ? ? 1_555 B DA  1 N7 ? ? A DT  8   B DA  101  1_555 ? ? ? ? ? ? HOOGSTEEN    ?     ? ? 
hydrog20 hydrog ?    ? A DT  8 O4  ? ? ? 1_555 B DA  1 N6 ? ? A DT  8   B DA  101  1_555 ? ? ? ? ? ? HOOGSTEEN    ?     ? ? 
# 
loop_
_struct_conn_type.id 
_struct_conn_type.criteria 
_struct_conn_type.reference 
covale ? ? 
metalc ? ? 
hydrog ? ? 
# 
loop_
_pdbx_struct_conn_angle.id 
_pdbx_struct_conn_angle.ptnr1_label_atom_id 
_pdbx_struct_conn_angle.ptnr1_label_alt_id 
_pdbx_struct_conn_angle.ptnr1_label_asym_id 
_pdbx_struct_conn_angle.ptnr1_label_comp_id 
_pdbx_struct_conn_angle.ptnr1_label_seq_id 
_pdbx_struct_conn_angle.ptnr1_auth_atom_id 
_pdbx_struct_conn_angle.ptnr1_auth_asym_id 
_pdbx_struct_conn_angle.ptnr1_auth_comp_id 
_pdbx_struct_conn_angle.ptnr1_auth_seq_id 
_pdbx_struct_conn_angle.ptnr1_PDB_ins_code 
_pdbx_struct_conn_angle.ptnr1_symmetry 
_pdbx_struct_conn_angle.ptnr2_label_atom_id 
_pdbx_struct_conn_angle.ptnr2_label_alt_id 
_pdbx_struct_conn_angle.ptnr2_label_asym_id 
_pdbx_struct_conn_angle.ptnr2_label_comp_id 
_pdbx_struct_conn_angle.ptnr2_label_seq_id 
_pdbx_struct_conn_angle.ptnr2_auth_atom_id 
_pdbx_struct_conn_angle.ptnr2_auth_asym_id 
_pdbx_struct_conn_angle.ptnr2_auth_comp_id 
_pdbx_struct_conn_angle.ptnr2_auth_seq_id 
_pdbx_struct_conn_angle.ptnr2_PDB_ins_code 
_pdbx_struct_conn_angle.ptnr2_symmetry 
_pdbx_struct_conn_angle.ptnr3_label_atom_id 
_pdbx_struct_conn_angle.ptnr3_label_alt_id 
_pdbx_struct_conn_angle.ptnr3_label_asym_id 
_pdbx_struct_conn_angle.ptnr3_label_comp_id 
_pdbx_struct_conn_angle.ptnr3_label_seq_id 
_pdbx_struct_conn_angle.ptnr3_auth_atom_id 
_pdbx_struct_conn_angle.ptnr3_auth_asym_id 
_pdbx_struct_conn_angle.ptnr3_auth_comp_id 
_pdbx_struct_conn_angle.ptnr3_auth_seq_id 
_pdbx_struct_conn_angle.ptnr3_PDB_ins_code 
_pdbx_struct_conn_angle.ptnr3_symmetry 
_pdbx_struct_conn_angle.value 
_pdbx_struct_conn_angle.value_esd 
1  N7  ? A DG  3 ? A DG  3    ? 1_555 MN ? E MN . ? A MN 401 ? 1_555 O  ? L HOH . ? A HOH 2029 ? 1_555 104.9 ? 
2  N7  ? A DG  3 ? A DG  3    ? 1_555 MN ? E MN . ? A MN 401 ? 1_555 O  ? L HOH . ? A HOH 2030 ? 1_555 97.5  ? 
3  O   ? L HOH . ? A HOH 2029 ? 1_555 MN ? E MN . ? A MN 401 ? 1_555 O  ? L HOH . ? A HOH 2030 ? 1_555 86.9  ? 
4  OP2 ? A DC  6 ? A DC  6    ? 7_655 MN ? G MN . ? B MN 401 ? 1_555 N7 ? B DG  7 ? B DG  107  ? 1_555 177.9 ? 
5  OP2 ? A DC  6 ? A DC  6    ? 7_655 MN ? G MN . ? B MN 401 ? 1_555 O  ? M HOH . ? B HOH 2011 ? 1_555 93.2  ? 
6  N7  ? B DG  7 ? B DG  107  ? 1_555 MN ? G MN . ? B MN 401 ? 1_555 O  ? M HOH . ? B HOH 2011 ? 1_555 87.5  ? 
7  OP2 ? A DC  6 ? A DC  6    ? 7_655 MN ? G MN . ? B MN 401 ? 1_555 O  ? M HOH . ? B HOH 2012 ? 1_555 92.3  ? 
8  N7  ? B DG  7 ? B DG  107  ? 1_555 MN ? G MN . ? B MN 401 ? 1_555 O  ? M HOH . ? B HOH 2012 ? 1_555 85.9  ? 
9  O   ? M HOH . ? B HOH 2011 ? 1_555 MN ? G MN . ? B MN 401 ? 1_555 O  ? M HOH . ? B HOH 2012 ? 1_555 84.5  ? 
10 OP2 ? A DC  6 ? A DC  6    ? 7_655 MN ? G MN . ? B MN 401 ? 1_555 O  ? M HOH . ? B HOH 2013 ? 1_555 93.7  ? 
11 N7  ? B DG  7 ? B DG  107  ? 1_555 MN ? G MN . ? B MN 401 ? 1_555 O  ? M HOH . ? B HOH 2013 ? 1_555 85.6  ? 
12 O   ? M HOH . ? B HOH 2011 ? 1_555 MN ? G MN . ? B MN 401 ? 1_555 O  ? M HOH . ? B HOH 2013 ? 1_555 173.1 ? 
13 O   ? M HOH . ? B HOH 2012 ? 1_555 MN ? G MN . ? B MN 401 ? 1_555 O  ? M HOH . ? B HOH 2013 ? 1_555 95.5  ? 
14 OP2 ? A DC  6 ? A DC  6    ? 7_655 MN ? G MN . ? B MN 401 ? 1_555 O  ? M HOH . ? B HOH 2014 ? 1_555 90.7  ? 
15 N7  ? B DG  7 ? B DG  107  ? 1_555 MN ? G MN . ? B MN 401 ? 1_555 O  ? M HOH . ? B HOH 2014 ? 1_555 91.2  ? 
16 O   ? M HOH . ? B HOH 2011 ? 1_555 MN ? G MN . ? B MN 401 ? 1_555 O  ? M HOH . ? B HOH 2014 ? 1_555 89.3  ? 
17 O   ? M HOH . ? B HOH 2012 ? 1_555 MN ? G MN . ? B MN 401 ? 1_555 O  ? M HOH . ? B HOH 2014 ? 1_555 173.3 ? 
18 O   ? M HOH . ? B HOH 2013 ? 1_555 MN ? G MN . ? B MN 401 ? 1_555 O  ? M HOH . ? B HOH 2014 ? 1_555 90.4  ? 
# 
loop_
_pdbx_modification_feature.ordinal 
_pdbx_modification_feature.label_comp_id 
_pdbx_modification_feature.label_asym_id 
_pdbx_modification_feature.label_seq_id 
_pdbx_modification_feature.label_alt_id 
_pdbx_modification_feature.modified_residue_label_comp_id 
_pdbx_modification_feature.modified_residue_label_asym_id 
_pdbx_modification_feature.modified_residue_label_seq_id 
_pdbx_modification_feature.modified_residue_label_alt_id 
_pdbx_modification_feature.auth_comp_id 
_pdbx_modification_feature.auth_asym_id 
_pdbx_modification_feature.auth_seq_id 
_pdbx_modification_feature.PDB_ins_code 
_pdbx_modification_feature.symmetry 
_pdbx_modification_feature.modified_residue_auth_comp_id 
_pdbx_modification_feature.modified_residue_auth_asym_id 
_pdbx_modification_feature.modified_residue_auth_seq_id 
_pdbx_modification_feature.modified_residue_PDB_ins_code 
_pdbx_modification_feature.modified_residue_symmetry 
_pdbx_modification_feature.comp_id_linking_atom 
_pdbx_modification_feature.modified_residue_id_linking_atom 
_pdbx_modification_feature.modified_residue_id 
_pdbx_modification_feature.ref_pcm_id 
_pdbx_modification_feature.ref_comp_id 
_pdbx_modification_feature.type 
_pdbx_modification_feature.category 
1  N2C C 3 A .   . . . N2C C 3 ? 1_555 .   . . . .     .  .  CYS 1 N2C Methylation 'Named protein modification'     
2  NCY C 3 B .   . . . NCY C 3 ? 1_555 .   . . . .     .  .  CYS 1 NCY Methylation 'Named protein modification'     
3  MVA C 4 ? .   . . . MVA C 4 ? 1_555 .   . . . .     .  .  VAL 1 MVA Methylation 'Named protein modification'     
4  NCY C 7 A .   . . . NCY C 7 ? 1_555 .   . . . .     .  .  CYS 1 NCY Methylation 'Named protein modification'     
5  N2C C 7 B .   . . . N2C C 7 ? 1_555 .   . . . .     .  .  CYS 1 N2C Methylation 'Named protein modification'     
6  MVA C 8 ? .   . . . MVA C 8 ? 1_555 .   . . . .     .  .  VAL 1 MVA Methylation 'Named protein modification'     
7  N2C D 3 A .   . . . N2C D 3 ? 1_555 .   . . . .     .  .  CYS 1 N2C Methylation 'Named protein modification'     
8  NCY D 3 B .   . . . NCY D 3 ? 1_555 .   . . . .     .  .  CYS 1 NCY Methylation 'Named protein modification'     
9  MVA D 4 ? .   . . . MVA D 4 ? 1_555 .   . . . .     .  .  VAL 1 MVA Methylation 'Named protein modification'     
10 NCY D 7 A .   . . . NCY D 7 ? 1_555 .   . . . .     .  .  CYS 1 NCY Methylation 'Named protein modification'     
11 N2C D 7 B .   . . . N2C D 7 ? 1_555 .   . . . .     .  .  CYS 1 N2C Methylation 'Named protein modification'     
12 MVA D 8 ? .   . . . MVA D 8 ? 1_555 .   . . . .     .  .  VAL 1 MVA Methylation 'Named protein modification'     
13 QUI H . ? DSN C 1 ? QUI C 0 ? 1_555 DSN C 1 ? 1_555 C  N  DSN 1 QUI None        'Covalent chemical modification' 
14 QUI I . ? DSN C 5 ? QUI C 9 ? 1_555 DSN C 5 ? 1_555 C  N  DSN 1 QUI None        'Covalent chemical modification' 
15 QUI J . ? DSN D 1 ? QUI D 0 ? 1_555 DSN D 1 ? 1_555 C  N  DSN 1 QUI None        'Covalent chemical modification' 
16 QUI K . ? DSN D 5 ? QUI D 9 ? 1_555 DSN D 5 ? 1_555 C  N  DSN 1 QUI None        'Covalent chemical modification' 
17 DSN C 1 ? MVA C 8 ? DSN C 1 ? 1_555 MVA C 8 ? 1_555 OG C  .   . .   None        'Non-standard linkage'           
18 N2C C 3 A NCY C 7 A N2C C 3 ? 1_555 NCY C 7 ? 1_555 CB SG .   . .   None        'Non-standard linkage'           
19 NCY C 3 B N2C C 7 B NCY C 3 ? 1_555 N2C C 7 ? 1_555 SG CB .   . .   None        'Non-standard linkage'           
20 MVA C 4 ? DSN C 5 ? MVA C 4 ? 1_555 DSN C 5 ? 1_555 C  OG .   . .   None        'Non-standard linkage'           
21 DSN D 1 ? MVA D 8 ? DSN D 1 ? 1_555 MVA D 8 ? 1_555 OG C  .   . .   None        'Non-standard linkage'           
22 N2C D 3 A NCY D 7 A N2C D 3 ? 1_555 NCY D 7 ? 1_555 CB SG .   . .   None        'Non-standard linkage'           
23 NCY D 3 B N2C D 7 B NCY D 3 ? 1_555 N2C D 7 ? 1_555 SG CB .   . .   None        'Non-standard linkage'           
24 MVA D 4 ? DSN D 5 ? MVA D 4 ? 1_555 DSN D 5 ? 1_555 C  OG .   . .   None        'Non-standard linkage'           
# 
loop_
_struct_site.id 
_struct_site.pdbx_evidence_code 
_struct_site.pdbx_auth_asym_id 
_struct_site.pdbx_auth_comp_id 
_struct_site.pdbx_auth_seq_id 
_struct_site.pdbx_auth_ins_code 
_struct_site.pdbx_num_residues 
_struct_site.details 
AC1 Software B PEG 301 ? 3  'BINDING SITE FOR RESIDUE PEG B 301'        
AC2 Software A MN  401 ? 3  'BINDING SITE FOR RESIDUE MN A 401'         
AC3 Software B MN  401 ? 6  'BINDING SITE FOR RESIDUE MN B 401'         
AC4 Software ? ?   ?   ? 12 'BINDING SITE FOR LINKED RESIDUES C 0 to 9' 
AC5 Software ? ?   ?   ? 9  'BINDING SITE FOR LINKED RESIDUES D 0 to 9' 
1   ?        ? ?   ?   ? ?  ?                                           
# 
loop_
_struct_site_gen.id 
_struct_site_gen.site_id 
_struct_site_gen.pdbx_num_res 
_struct_site_gen.label_comp_id 
_struct_site_gen.label_asym_id 
_struct_site_gen.label_seq_id 
_struct_site_gen.pdbx_auth_ins_code 
_struct_site_gen.auth_comp_id 
_struct_site_gen.auth_asym_id 
_struct_site_gen.auth_seq_id 
_struct_site_gen.label_atom_id 
_struct_site_gen.label_alt_id 
_struct_site_gen.symmetry 
_struct_site_gen.details 
1  AC1 3  DA  A 1 ? DA  A 1    . ? 7_555 ? 
2  AC1 3  DG  B 3 ? DG  B 103  . ? 1_555 ? 
3  AC1 3  DT  B 4 ? DT  B 104  . ? 1_555 ? 
4  AC2 3  DG  A 3 ? DG  A 3    . ? 1_555 ? 
5  AC2 3  HOH L . ? HOH A 2029 . ? 1_555 ? 
6  AC2 3  HOH L . ? HOH A 2030 . ? 1_555 ? 
7  AC3 6  DC  A 6 ? DC  A 6    . ? 7_655 ? 
8  AC3 6  DG  B 7 ? DG  B 107  . ? 1_555 ? 
9  AC3 6  HOH M . ? HOH B 2011 . ? 1_555 ? 
10 AC3 6  HOH M . ? HOH B 2012 . ? 1_555 ? 
11 AC3 6  HOH M . ? HOH B 2013 . ? 1_555 ? 
12 AC3 6  HOH M . ? HOH B 2014 . ? 1_555 ? 
13 AC4 12 DA  A 1 ? DA  A 1    . ? 1_555 ? 
14 AC4 12 DC  A 2 ? DC  A 2    . ? 1_555 ? 
15 AC4 12 DG  A 3 ? DG  A 3    . ? 1_555 ? 
16 AC4 12 DT  A 4 ? DT  A 4    . ? 1_555 ? 
17 AC4 12 DT  A 8 ? DT  A 8    . ? 4_544 ? 
18 AC4 12 HOH L . ? HOH A 2030 . ? 1_555 ? 
19 AC4 12 DA  B 5 ? DA  B 105  . ? 1_555 ? 
20 AC4 12 DC  B 6 ? DC  B 106  . ? 1_555 ? 
21 AC4 12 DG  B 7 ? DG  B 107  . ? 1_555 ? 
22 AC4 12 DT  B 8 ? DT  B 108  . ? 1_555 ? 
23 AC4 12 HOH M . ? HOH B 2014 . ? 1_555 ? 
24 AC4 12 HOH N . ? HOH C 2001 . ? 1_555 ? 
25 AC5 9  DA  A 5 ? DA  A 5    . ? 1_555 ? 
26 AC5 9  DC  A 6 ? DC  A 6    . ? 1_555 ? 
27 AC5 9  DG  A 7 ? DG  A 7    . ? 1_555 ? 
28 AC5 9  DT  A 8 ? DT  A 8    . ? 1_555 ? 
29 AC5 9  HOH L . ? HOH A 2006 . ? 7_555 ? 
30 AC5 9  DA  B 1 ? DA  B 101  . ? 1_555 ? 
31 AC5 9  DC  B 2 ? DC  B 102  . ? 1_555 ? 
32 AC5 9  DG  B 3 ? DG  B 103  . ? 1_555 ? 
33 AC5 9  DT  B 4 ? DT  B 104  . ? 1_555 ? 
# 
_pdbx_entry_details.entry_id                   3GO3 
_pdbx_entry_details.compound_details           
;THE ECHINOMYCIN IS A BICYCLIC OCTADEPSIPEPTIDE, A MEMBER             
 OF THE QUINOXALINE CLASS OF ANTIBIOTICS.                             
 HERE, ECHINOMYCIN IS REPRESENTED BY GROUPING TOGETHER THE             
 SEQUENCE (SEQRES) AND TWO LIGANDS (HET) QUI.
;
_pdbx_entry_details.source_details             ? 
_pdbx_entry_details.nonpolymer_details         ? 
_pdbx_entry_details.sequence_details           ? 
_pdbx_entry_details.has_ligand_of_interest     ? 
_pdbx_entry_details.has_protein_modification   Y 
# 
_pdbx_validate_close_contact.id               1 
_pdbx_validate_close_contact.PDB_model_num    1 
_pdbx_validate_close_contact.auth_atom_id_1   OG 
_pdbx_validate_close_contact.auth_asym_id_1   C 
_pdbx_validate_close_contact.auth_comp_id_1   DSN 
_pdbx_validate_close_contact.auth_seq_id_1    1 
_pdbx_validate_close_contact.PDB_ins_code_1   ? 
_pdbx_validate_close_contact.label_alt_id_1   ? 
_pdbx_validate_close_contact.auth_atom_id_2   O 
_pdbx_validate_close_contact.auth_asym_id_2   C 
_pdbx_validate_close_contact.auth_comp_id_2   MVA 
_pdbx_validate_close_contact.auth_seq_id_2    8 
_pdbx_validate_close_contact.PDB_ins_code_2   ? 
_pdbx_validate_close_contact.label_alt_id_2   ? 
_pdbx_validate_close_contact.dist             2.17 
# 
loop_
_pdbx_validate_rmsd_bond.id 
_pdbx_validate_rmsd_bond.PDB_model_num 
_pdbx_validate_rmsd_bond.auth_atom_id_1 
_pdbx_validate_rmsd_bond.auth_asym_id_1 
_pdbx_validate_rmsd_bond.auth_comp_id_1 
_pdbx_validate_rmsd_bond.auth_seq_id_1 
_pdbx_validate_rmsd_bond.PDB_ins_code_1 
_pdbx_validate_rmsd_bond.label_alt_id_1 
_pdbx_validate_rmsd_bond.auth_atom_id_2 
_pdbx_validate_rmsd_bond.auth_asym_id_2 
_pdbx_validate_rmsd_bond.auth_comp_id_2 
_pdbx_validate_rmsd_bond.auth_seq_id_2 
_pdbx_validate_rmsd_bond.PDB_ins_code_2 
_pdbx_validate_rmsd_bond.label_alt_id_2 
_pdbx_validate_rmsd_bond.bond_value 
_pdbx_validate_rmsd_bond.bond_target_value 
_pdbx_validate_rmsd_bond.bond_deviation 
_pdbx_validate_rmsd_bond.bond_standard_deviation 
_pdbx_validate_rmsd_bond.linker_flag 
1 1 "O4'" A DT 4   ? ? "C1'" A DT 4   ? ? 1.490 1.420 0.070  0.011 N 
2 1 "O4'" A DA 5   ? ? "C1'" A DA 5   ? ? 1.498 1.420 0.078  0.011 N 
3 1 "O3'" A DG 7   ? ? "C3'" A DG 7   ? ? 1.381 1.419 -0.038 0.006 N 
4 1 "C2'" B DA 101 ? ? "C1'" B DA 101 ? ? 1.613 1.519 0.094  0.010 N 
5 1 "O4'" B DT 104 ? ? "C1'" B DT 104 ? ? 1.525 1.420 0.105  0.011 N 
# 
loop_
_pdbx_validate_rmsd_angle.id 
_pdbx_validate_rmsd_angle.PDB_model_num 
_pdbx_validate_rmsd_angle.auth_atom_id_1 
_pdbx_validate_rmsd_angle.auth_asym_id_1 
_pdbx_validate_rmsd_angle.auth_comp_id_1 
_pdbx_validate_rmsd_angle.auth_seq_id_1 
_pdbx_validate_rmsd_angle.PDB_ins_code_1 
_pdbx_validate_rmsd_angle.label_alt_id_1 
_pdbx_validate_rmsd_angle.auth_atom_id_2 
_pdbx_validate_rmsd_angle.auth_asym_id_2 
_pdbx_validate_rmsd_angle.auth_comp_id_2 
_pdbx_validate_rmsd_angle.auth_seq_id_2 
_pdbx_validate_rmsd_angle.PDB_ins_code_2 
_pdbx_validate_rmsd_angle.label_alt_id_2 
_pdbx_validate_rmsd_angle.auth_atom_id_3 
_pdbx_validate_rmsd_angle.auth_asym_id_3 
_pdbx_validate_rmsd_angle.auth_comp_id_3 
_pdbx_validate_rmsd_angle.auth_seq_id_3 
_pdbx_validate_rmsd_angle.PDB_ins_code_3 
_pdbx_validate_rmsd_angle.label_alt_id_3 
_pdbx_validate_rmsd_angle.angle_value 
_pdbx_validate_rmsd_angle.angle_target_value 
_pdbx_validate_rmsd_angle.angle_deviation 
_pdbx_validate_rmsd_angle.angle_standard_deviation 
_pdbx_validate_rmsd_angle.linker_flag 
1  1 "O4'" A DT 4   ? ? "C1'" A DT 4   ? ? N1    A DT 4   ? ? 100.62 108.00 -7.38  0.70 N 
2  1 C6    A DT 4   ? ? N1    A DT 4   ? ? C2    A DT 4   ? ? 117.65 121.30 -3.65  0.50 N 
3  1 "C1'" A DA 5   ? ? "O4'" A DA 5   ? ? "C4'" A DA 5   ? ? 102.79 110.10 -7.31  1.00 N 
4  1 "O4'" A DA 5   ? ? "C1'" A DA 5   ? ? N9    A DA 5   ? ? 102.05 108.00 -5.95  0.70 N 
5  1 N1    A DA 5   ? ? C2    A DA 5   ? ? N3    A DA 5   ? ? 125.96 129.30 -3.34  0.50 N 
6  1 "O4'" A DC 6   ? ? "C1'" A DC 6   ? ? N1    A DC 6   ? ? 102.79 108.00 -5.21  0.70 N 
7  1 "O4'" A DG 7   ? ? "C4'" A DG 7   ? ? "C3'" A DG 7   ? ? 101.93 104.50 -2.57  0.40 N 
8  1 "O4'" A DG 7   ? ? "C1'" A DG 7   ? ? N9    A DG 7   ? ? 111.14 108.30 2.84   0.30 N 
9  1 "O4'" A DT 8   ? ? "C1'" A DT 8   ? ? N1    A DT 8   ? ? 110.26 108.30 1.96   0.30 N 
10 1 "O4'" B DA 101 ? ? "C1'" B DA 101 ? ? N9    B DA 101 ? ? 113.19 108.30 4.89   0.30 N 
11 1 C6    B DA 101 ? ? N1    B DA 101 ? ? C2    B DA 101 ? ? 123.73 118.60 5.13   0.60 N 
12 1 N1    B DA 101 ? ? C2    B DA 101 ? ? N3    B DA 101 ? ? 125.99 129.30 -3.31  0.50 N 
13 1 C2    B DA 101 ? ? N3    B DA 101 ? ? C4    B DA 101 ? ? 107.17 110.60 -3.43  0.50 N 
14 1 N3    B DA 101 ? ? C4    B DA 101 ? ? C5    B DA 101 ? ? 133.15 126.80 6.35   0.70 N 
15 1 C8    B DA 101 ? ? N9    B DA 101 ? ? C4    B DA 101 ? ? 108.31 105.80 2.51   0.40 N 
16 1 N1    B DA 101 ? ? C6    B DA 101 ? ? N6    B DA 101 ? ? 128.73 118.60 10.13  0.60 N 
17 1 C5    B DA 101 ? ? C6    B DA 101 ? ? N6    B DA 101 ? ? 115.66 123.70 -8.04  0.80 N 
18 1 "C3'" B DA 101 ? ? "O3'" B DA 101 ? A P     B DC 102 ? A 133.53 119.70 13.83  1.20 Y 
19 1 "O5'" B DC 102 ? A "C5'" B DC 102 ? ? "C4'" B DC 102 ? ? 103.96 109.40 -5.44  0.80 N 
20 1 "O4'" B DG 103 ? ? "C1'" B DG 103 ? ? N9    B DG 103 ? ? 111.75 108.30 3.45   0.30 N 
21 1 N1    B DT 104 ? ? "C1'" B DT 104 ? ? "C2'" B DT 104 ? ? 126.52 114.30 12.22  1.40 N 
22 1 "O4'" B DT 104 ? ? "C1'" B DT 104 ? ? N1    B DT 104 ? ? 97.38  108.00 -10.62 0.70 N 
23 1 N1    B DA 105 ? ? C6    B DA 105 ? ? N6    B DA 105 ? ? 123.52 118.60 4.92   0.60 N 
24 1 "O4'" B DC 106 ? ? "C4'" B DC 106 ? ? "C3'" B DC 106 ? ? 101.25 104.50 -3.25  0.40 N 
25 1 "O4'" B DC 106 ? ? "C1'" B DC 106 ? ? N1    B DC 106 ? ? 99.08  108.00 -8.92  0.70 N 
26 1 N1    B DG 107 ? ? C2    B DG 107 ? ? N2    B DG 107 ? ? 122.20 116.20 6.00   0.90 N 
# 
_pdbx_molecule_features.prd_id    PRD_000491 
_pdbx_molecule_features.name      Echinomycin 
_pdbx_molecule_features.type      'Cyclic depsipeptide' 
_pdbx_molecule_features.class     Antibiotic 
_pdbx_molecule_features.details   
;ECHINOMYCIN IS A BICYCLIC OCTADEPSIPEPTIDE.      
 BICYCLIZATION IS ACHIEVED BY LINKING THE N- AND       
 THE C- TERMINI, AND A THIOACETAL BOND BETWEEN     
 RESIDUES 3 AND 7.                                     
 THE TWO QUINOXALINE CHROMOPHORES ARE LINKED           
 TO THE D-SERINE RESIDUES, RESIDUES 1 AND 5.
;
# 
loop_
_pdbx_molecule.instance_id 
_pdbx_molecule.prd_id 
_pdbx_molecule.asym_id 
1 PRD_000491 C 
1 PRD_000491 H 
1 PRD_000491 I 
2 PRD_000491 D 
2 PRD_000491 J 
2 PRD_000491 K 
# 
_struct_site_keywords.site_id   1 
_struct_site_keywords.text      BIS-INTERCALATION 
# 
_pdbx_struct_special_symmetry.id              1 
_pdbx_struct_special_symmetry.PDB_model_num   1 
_pdbx_struct_special_symmetry.auth_asym_id    A 
_pdbx_struct_special_symmetry.auth_comp_id    HOH 
_pdbx_struct_special_symmetry.auth_seq_id     2004 
_pdbx_struct_special_symmetry.PDB_ins_code    ? 
_pdbx_struct_special_symmetry.label_asym_id   L 
_pdbx_struct_special_symmetry.label_comp_id   HOH 
_pdbx_struct_special_symmetry.label_seq_id    . 
# 
loop_
_chem_comp_atom.comp_id 
_chem_comp_atom.atom_id 
_chem_comp_atom.type_symbol 
_chem_comp_atom.pdbx_aromatic_flag 
_chem_comp_atom.pdbx_stereo_config 
_chem_comp_atom.pdbx_ordinal 
ALA N      N  N N 1   
ALA CA     C  N S 2   
ALA C      C  N N 3   
ALA O      O  N N 4   
ALA CB     C  N N 5   
ALA OXT    O  N N 6   
ALA H      H  N N 7   
ALA H2     H  N N 8   
ALA HA     H  N N 9   
ALA HB1    H  N N 10  
ALA HB2    H  N N 11  
ALA HB3    H  N N 12  
ALA HXT    H  N N 13  
DA  OP3    O  N N 14  
DA  P      P  N N 15  
DA  OP1    O  N N 16  
DA  OP2    O  N N 17  
DA  "O5'"  O  N N 18  
DA  "C5'"  C  N N 19  
DA  "C4'"  C  N R 20  
DA  "O4'"  O  N N 21  
DA  "C3'"  C  N S 22  
DA  "O3'"  O  N N 23  
DA  "C2'"  C  N N 24  
DA  "C1'"  C  N R 25  
DA  N9     N  Y N 26  
DA  C8     C  Y N 27  
DA  N7     N  Y N 28  
DA  C5     C  Y N 29  
DA  C6     C  Y N 30  
DA  N6     N  N N 31  
DA  N1     N  Y N 32  
DA  C2     C  Y N 33  
DA  N3     N  Y N 34  
DA  C4     C  Y N 35  
DA  HOP3   H  N N 36  
DA  HOP2   H  N N 37  
DA  "H5'"  H  N N 38  
DA  "H5''" H  N N 39  
DA  "H4'"  H  N N 40  
DA  "H3'"  H  N N 41  
DA  "HO3'" H  N N 42  
DA  "H2'"  H  N N 43  
DA  "H2''" H  N N 44  
DA  "H1'"  H  N N 45  
DA  H8     H  N N 46  
DA  H61    H  N N 47  
DA  H62    H  N N 48  
DA  H2     H  N N 49  
DC  OP3    O  N N 50  
DC  P      P  N N 51  
DC  OP1    O  N N 52  
DC  OP2    O  N N 53  
DC  "O5'"  O  N N 54  
DC  "C5'"  C  N N 55  
DC  "C4'"  C  N R 56  
DC  "O4'"  O  N N 57  
DC  "C3'"  C  N S 58  
DC  "O3'"  O  N N 59  
DC  "C2'"  C  N N 60  
DC  "C1'"  C  N R 61  
DC  N1     N  N N 62  
DC  C2     C  N N 63  
DC  O2     O  N N 64  
DC  N3     N  N N 65  
DC  C4     C  N N 66  
DC  N4     N  N N 67  
DC  C5     C  N N 68  
DC  C6     C  N N 69  
DC  HOP3   H  N N 70  
DC  HOP2   H  N N 71  
DC  "H5'"  H  N N 72  
DC  "H5''" H  N N 73  
DC  "H4'"  H  N N 74  
DC  "H3'"  H  N N 75  
DC  "HO3'" H  N N 76  
DC  "H2'"  H  N N 77  
DC  "H2''" H  N N 78  
DC  "H1'"  H  N N 79  
DC  H41    H  N N 80  
DC  H42    H  N N 81  
DC  H5     H  N N 82  
DC  H6     H  N N 83  
DG  OP3    O  N N 84  
DG  P      P  N N 85  
DG  OP1    O  N N 86  
DG  OP2    O  N N 87  
DG  "O5'"  O  N N 88  
DG  "C5'"  C  N N 89  
DG  "C4'"  C  N R 90  
DG  "O4'"  O  N N 91  
DG  "C3'"  C  N S 92  
DG  "O3'"  O  N N 93  
DG  "C2'"  C  N N 94  
DG  "C1'"  C  N R 95  
DG  N9     N  Y N 96  
DG  C8     C  Y N 97  
DG  N7     N  Y N 98  
DG  C5     C  Y N 99  
DG  C6     C  N N 100 
DG  O6     O  N N 101 
DG  N1     N  N N 102 
DG  C2     C  N N 103 
DG  N2     N  N N 104 
DG  N3     N  N N 105 
DG  C4     C  Y N 106 
DG  HOP3   H  N N 107 
DG  HOP2   H  N N 108 
DG  "H5'"  H  N N 109 
DG  "H5''" H  N N 110 
DG  "H4'"  H  N N 111 
DG  "H3'"  H  N N 112 
DG  "HO3'" H  N N 113 
DG  "H2'"  H  N N 114 
DG  "H2''" H  N N 115 
DG  "H1'"  H  N N 116 
DG  H8     H  N N 117 
DG  H1     H  N N 118 
DG  H21    H  N N 119 
DG  H22    H  N N 120 
DSN N      N  N N 121 
DSN CA     C  N R 122 
DSN C      C  N N 123 
DSN O      O  N N 124 
DSN OXT    O  N N 125 
DSN CB     C  N N 126 
DSN OG     O  N N 127 
DSN H      H  N N 128 
DSN H2     H  N N 129 
DSN HA     H  N N 130 
DSN HXT    H  N N 131 
DSN HB2    H  N N 132 
DSN HB3    H  N N 133 
DSN HG     H  N N 134 
DT  OP3    O  N N 135 
DT  P      P  N N 136 
DT  OP1    O  N N 137 
DT  OP2    O  N N 138 
DT  "O5'"  O  N N 139 
DT  "C5'"  C  N N 140 
DT  "C4'"  C  N R 141 
DT  "O4'"  O  N N 142 
DT  "C3'"  C  N S 143 
DT  "O3'"  O  N N 144 
DT  "C2'"  C  N N 145 
DT  "C1'"  C  N R 146 
DT  N1     N  N N 147 
DT  C2     C  N N 148 
DT  O2     O  N N 149 
DT  N3     N  N N 150 
DT  C4     C  N N 151 
DT  O4     O  N N 152 
DT  C5     C  N N 153 
DT  C7     C  N N 154 
DT  C6     C  N N 155 
DT  HOP3   H  N N 156 
DT  HOP2   H  N N 157 
DT  "H5'"  H  N N 158 
DT  "H5''" H  N N 159 
DT  "H4'"  H  N N 160 
DT  "H3'"  H  N N 161 
DT  "HO3'" H  N N 162 
DT  "H2'"  H  N N 163 
DT  "H2''" H  N N 164 
DT  "H1'"  H  N N 165 
DT  H3     H  N N 166 
DT  H71    H  N N 167 
DT  H72    H  N N 168 
DT  H73    H  N N 169 
DT  H6     H  N N 170 
HOH O      O  N N 171 
HOH H1     H  N N 172 
HOH H2     H  N N 173 
MN  MN     MN N N 174 
MVA N      N  N N 175 
MVA CN     C  N N 176 
MVA CA     C  N S 177 
MVA CB     C  N N 178 
MVA CG1    C  N N 179 
MVA CG2    C  N N 180 
MVA C      C  N N 181 
MVA O      O  N N 182 
MVA OXT    O  N N 183 
MVA H      H  N N 184 
MVA HN1    H  N N 185 
MVA HN2    H  N N 186 
MVA HN3    H  N N 187 
MVA HA     H  N N 188 
MVA HB     H  N N 189 
MVA HG11   H  N N 190 
MVA HG12   H  N N 191 
MVA HG13   H  N N 192 
MVA HG21   H  N N 193 
MVA HG22   H  N N 194 
MVA HG23   H  N N 195 
MVA HXT    H  N N 196 
N2C N      N  N N 197 
N2C CA     C  N R 198 
N2C CB     C  N N 199 
N2C SG     S  N N 200 
N2C CD     C  N N 201 
N2C CN     C  N N 202 
N2C C      C  N N 203 
N2C O      O  N N 204 
N2C OXT    O  N N 205 
N2C H      H  N N 206 
N2C HA     H  N N 207 
N2C HB2    H  N N 208 
N2C HB3    H  N N 209 
N2C HD1    H  N N 210 
N2C HD2    H  N N 211 
N2C HD3    H  N N 212 
N2C HN1    H  N N 213 
N2C HN2    H  N N 214 
N2C HN3    H  N N 215 
N2C HXT    H  N N 216 
NCY N      N  N N 217 
NCY CA     C  N R 218 
NCY CB     C  N N 219 
NCY SG     S  N N 220 
NCY CN     C  N N 221 
NCY C      C  N N 222 
NCY O      O  N N 223 
NCY OXT    O  N N 224 
NCY H      H  N N 225 
NCY HA     H  N N 226 
NCY HB2    H  N N 227 
NCY HB3    H  N N 228 
NCY HG     H  N N 229 
NCY HCN1   H  N N 230 
NCY HCN2   H  N N 231 
NCY HCN3   H  N N 232 
NCY HXT    H  N N 233 
PEG C1     C  N N 234 
PEG O1     O  N N 235 
PEG C2     C  N N 236 
PEG O2     O  N N 237 
PEG C3     C  N N 238 
PEG C4     C  N N 239 
PEG O4     O  N N 240 
PEG H11    H  N N 241 
PEG H12    H  N N 242 
PEG HO1    H  N N 243 
PEG H21    H  N N 244 
PEG H22    H  N N 245 
PEG H31    H  N N 246 
PEG H32    H  N N 247 
PEG H41    H  N N 248 
PEG H42    H  N N 249 
PEG HO4    H  N N 250 
QUI N1     N  Y N 251 
QUI C2     C  Y N 252 
QUI C3     C  Y N 253 
QUI N4     N  Y N 254 
QUI C5     C  Y N 255 
QUI C6     C  Y N 256 
QUI C7     C  Y N 257 
QUI C8     C  Y N 258 
QUI C9     C  Y N 259 
QUI C10    C  Y N 260 
QUI C      C  N N 261 
QUI O1     O  N N 262 
QUI O2     O  N N 263 
QUI H3     H  N N 264 
QUI H5     H  N N 265 
QUI H6     H  N N 266 
QUI H7     H  N N 267 
QUI H8     H  N N 268 
QUI HO2    H  N N 269 
# 
loop_
_chem_comp_bond.comp_id 
_chem_comp_bond.atom_id_1 
_chem_comp_bond.atom_id_2 
_chem_comp_bond.value_order 
_chem_comp_bond.pdbx_aromatic_flag 
_chem_comp_bond.pdbx_stereo_config 
_chem_comp_bond.pdbx_ordinal 
ALA N     CA     sing N N 1   
ALA N     H      sing N N 2   
ALA N     H2     sing N N 3   
ALA CA    C      sing N N 4   
ALA CA    CB     sing N N 5   
ALA CA    HA     sing N N 6   
ALA C     O      doub N N 7   
ALA C     OXT    sing N N 8   
ALA CB    HB1    sing N N 9   
ALA CB    HB2    sing N N 10  
ALA CB    HB3    sing N N 11  
ALA OXT   HXT    sing N N 12  
DA  OP3   P      sing N N 13  
DA  OP3   HOP3   sing N N 14  
DA  P     OP1    doub N N 15  
DA  P     OP2    sing N N 16  
DA  P     "O5'"  sing N N 17  
DA  OP2   HOP2   sing N N 18  
DA  "O5'" "C5'"  sing N N 19  
DA  "C5'" "C4'"  sing N N 20  
DA  "C5'" "H5'"  sing N N 21  
DA  "C5'" "H5''" sing N N 22  
DA  "C4'" "O4'"  sing N N 23  
DA  "C4'" "C3'"  sing N N 24  
DA  "C4'" "H4'"  sing N N 25  
DA  "O4'" "C1'"  sing N N 26  
DA  "C3'" "O3'"  sing N N 27  
DA  "C3'" "C2'"  sing N N 28  
DA  "C3'" "H3'"  sing N N 29  
DA  "O3'" "HO3'" sing N N 30  
DA  "C2'" "C1'"  sing N N 31  
DA  "C2'" "H2'"  sing N N 32  
DA  "C2'" "H2''" sing N N 33  
DA  "C1'" N9     sing N N 34  
DA  "C1'" "H1'"  sing N N 35  
DA  N9    C8     sing Y N 36  
DA  N9    C4     sing Y N 37  
DA  C8    N7     doub Y N 38  
DA  C8    H8     sing N N 39  
DA  N7    C5     sing Y N 40  
DA  C5    C6     sing Y N 41  
DA  C5    C4     doub Y N 42  
DA  C6    N6     sing N N 43  
DA  C6    N1     doub Y N 44  
DA  N6    H61    sing N N 45  
DA  N6    H62    sing N N 46  
DA  N1    C2     sing Y N 47  
DA  C2    N3     doub Y N 48  
DA  C2    H2     sing N N 49  
DA  N3    C4     sing Y N 50  
DC  OP3   P      sing N N 51  
DC  OP3   HOP3   sing N N 52  
DC  P     OP1    doub N N 53  
DC  P     OP2    sing N N 54  
DC  P     "O5'"  sing N N 55  
DC  OP2   HOP2   sing N N 56  
DC  "O5'" "C5'"  sing N N 57  
DC  "C5'" "C4'"  sing N N 58  
DC  "C5'" "H5'"  sing N N 59  
DC  "C5'" "H5''" sing N N 60  
DC  "C4'" "O4'"  sing N N 61  
DC  "C4'" "C3'"  sing N N 62  
DC  "C4'" "H4'"  sing N N 63  
DC  "O4'" "C1'"  sing N N 64  
DC  "C3'" "O3'"  sing N N 65  
DC  "C3'" "C2'"  sing N N 66  
DC  "C3'" "H3'"  sing N N 67  
DC  "O3'" "HO3'" sing N N 68  
DC  "C2'" "C1'"  sing N N 69  
DC  "C2'" "H2'"  sing N N 70  
DC  "C2'" "H2''" sing N N 71  
DC  "C1'" N1     sing N N 72  
DC  "C1'" "H1'"  sing N N 73  
DC  N1    C2     sing N N 74  
DC  N1    C6     sing N N 75  
DC  C2    O2     doub N N 76  
DC  C2    N3     sing N N 77  
DC  N3    C4     doub N N 78  
DC  C4    N4     sing N N 79  
DC  C4    C5     sing N N 80  
DC  N4    H41    sing N N 81  
DC  N4    H42    sing N N 82  
DC  C5    C6     doub N N 83  
DC  C5    H5     sing N N 84  
DC  C6    H6     sing N N 85  
DG  OP3   P      sing N N 86  
DG  OP3   HOP3   sing N N 87  
DG  P     OP1    doub N N 88  
DG  P     OP2    sing N N 89  
DG  P     "O5'"  sing N N 90  
DG  OP2   HOP2   sing N N 91  
DG  "O5'" "C5'"  sing N N 92  
DG  "C5'" "C4'"  sing N N 93  
DG  "C5'" "H5'"  sing N N 94  
DG  "C5'" "H5''" sing N N 95  
DG  "C4'" "O4'"  sing N N 96  
DG  "C4'" "C3'"  sing N N 97  
DG  "C4'" "H4'"  sing N N 98  
DG  "O4'" "C1'"  sing N N 99  
DG  "C3'" "O3'"  sing N N 100 
DG  "C3'" "C2'"  sing N N 101 
DG  "C3'" "H3'"  sing N N 102 
DG  "O3'" "HO3'" sing N N 103 
DG  "C2'" "C1'"  sing N N 104 
DG  "C2'" "H2'"  sing N N 105 
DG  "C2'" "H2''" sing N N 106 
DG  "C1'" N9     sing N N 107 
DG  "C1'" "H1'"  sing N N 108 
DG  N9    C8     sing Y N 109 
DG  N9    C4     sing Y N 110 
DG  C8    N7     doub Y N 111 
DG  C8    H8     sing N N 112 
DG  N7    C5     sing Y N 113 
DG  C5    C6     sing N N 114 
DG  C5    C4     doub Y N 115 
DG  C6    O6     doub N N 116 
DG  C6    N1     sing N N 117 
DG  N1    C2     sing N N 118 
DG  N1    H1     sing N N 119 
DG  C2    N2     sing N N 120 
DG  C2    N3     doub N N 121 
DG  N2    H21    sing N N 122 
DG  N2    H22    sing N N 123 
DG  N3    C4     sing N N 124 
DSN N     CA     sing N N 125 
DSN N     H      sing N N 126 
DSN N     H2     sing N N 127 
DSN CA    C      sing N N 128 
DSN CA    CB     sing N N 129 
DSN CA    HA     sing N N 130 
DSN C     O      doub N N 131 
DSN C     OXT    sing N N 132 
DSN OXT   HXT    sing N N 133 
DSN CB    OG     sing N N 134 
DSN CB    HB2    sing N N 135 
DSN CB    HB3    sing N N 136 
DSN OG    HG     sing N N 137 
DT  OP3   P      sing N N 138 
DT  OP3   HOP3   sing N N 139 
DT  P     OP1    doub N N 140 
DT  P     OP2    sing N N 141 
DT  P     "O5'"  sing N N 142 
DT  OP2   HOP2   sing N N 143 
DT  "O5'" "C5'"  sing N N 144 
DT  "C5'" "C4'"  sing N N 145 
DT  "C5'" "H5'"  sing N N 146 
DT  "C5'" "H5''" sing N N 147 
DT  "C4'" "O4'"  sing N N 148 
DT  "C4'" "C3'"  sing N N 149 
DT  "C4'" "H4'"  sing N N 150 
DT  "O4'" "C1'"  sing N N 151 
DT  "C3'" "O3'"  sing N N 152 
DT  "C3'" "C2'"  sing N N 153 
DT  "C3'" "H3'"  sing N N 154 
DT  "O3'" "HO3'" sing N N 155 
DT  "C2'" "C1'"  sing N N 156 
DT  "C2'" "H2'"  sing N N 157 
DT  "C2'" "H2''" sing N N 158 
DT  "C1'" N1     sing N N 159 
DT  "C1'" "H1'"  sing N N 160 
DT  N1    C2     sing N N 161 
DT  N1    C6     sing N N 162 
DT  C2    O2     doub N N 163 
DT  C2    N3     sing N N 164 
DT  N3    C4     sing N N 165 
DT  N3    H3     sing N N 166 
DT  C4    O4     doub N N 167 
DT  C4    C5     sing N N 168 
DT  C5    C7     sing N N 169 
DT  C5    C6     doub N N 170 
DT  C7    H71    sing N N 171 
DT  C7    H72    sing N N 172 
DT  C7    H73    sing N N 173 
DT  C6    H6     sing N N 174 
HOH O     H1     sing N N 175 
HOH O     H2     sing N N 176 
MVA N     CN     sing N N 177 
MVA N     CA     sing N N 178 
MVA N     H      sing N N 179 
MVA CN    HN1    sing N N 180 
MVA CN    HN2    sing N N 181 
MVA CN    HN3    sing N N 182 
MVA CA    CB     sing N N 183 
MVA CA    C      sing N N 184 
MVA CA    HA     sing N N 185 
MVA CB    CG1    sing N N 186 
MVA CB    CG2    sing N N 187 
MVA CB    HB     sing N N 188 
MVA CG1   HG11   sing N N 189 
MVA CG1   HG12   sing N N 190 
MVA CG1   HG13   sing N N 191 
MVA CG2   HG21   sing N N 192 
MVA CG2   HG22   sing N N 193 
MVA CG2   HG23   sing N N 194 
MVA C     O      doub N N 195 
MVA C     OXT    sing N N 196 
MVA OXT   HXT    sing N N 197 
N2C N     CA     sing N N 198 
N2C N     CN     sing N N 199 
N2C N     H      sing N N 200 
N2C CA    CB     sing N N 201 
N2C CA    C      sing N N 202 
N2C CA    HA     sing N N 203 
N2C CB    SG     sing N N 204 
N2C CB    HB2    sing N N 205 
N2C CB    HB3    sing N N 206 
N2C SG    CD     sing N N 207 
N2C CD    HD1    sing N N 208 
N2C CD    HD2    sing N N 209 
N2C CD    HD3    sing N N 210 
N2C CN    HN1    sing N N 211 
N2C CN    HN2    sing N N 212 
N2C CN    HN3    sing N N 213 
N2C C     O      doub N N 214 
N2C C     OXT    sing N N 215 
N2C OXT   HXT    sing N N 216 
NCY N     CA     sing N N 217 
NCY N     CN     sing N N 218 
NCY N     H      sing N N 219 
NCY CA    CB     sing N N 220 
NCY CA    C      sing N N 221 
NCY CA    HA     sing N N 222 
NCY CB    SG     sing N N 223 
NCY CB    HB2    sing N N 224 
NCY CB    HB3    sing N N 225 
NCY SG    HG     sing N N 226 
NCY CN    HCN1   sing N N 227 
NCY CN    HCN2   sing N N 228 
NCY CN    HCN3   sing N N 229 
NCY C     O      doub N N 230 
NCY C     OXT    sing N N 231 
NCY OXT   HXT    sing N N 232 
PEG C1    O1     sing N N 233 
PEG C1    C2     sing N N 234 
PEG C1    H11    sing N N 235 
PEG C1    H12    sing N N 236 
PEG O1    HO1    sing N N 237 
PEG C2    O2     sing N N 238 
PEG C2    H21    sing N N 239 
PEG C2    H22    sing N N 240 
PEG O2    C3     sing N N 241 
PEG C3    C4     sing N N 242 
PEG C3    H31    sing N N 243 
PEG C3    H32    sing N N 244 
PEG C4    O4     sing N N 245 
PEG C4    H41    sing N N 246 
PEG C4    H42    sing N N 247 
PEG O4    HO4    sing N N 248 
QUI N1    C2     doub Y N 249 
QUI N1    C9     sing Y N 250 
QUI C2    C3     sing Y N 251 
QUI C2    C      sing N N 252 
QUI C3    N4     doub Y N 253 
QUI C3    H3     sing N N 254 
QUI N4    C10    sing Y N 255 
QUI C5    C6     doub Y N 256 
QUI C5    C10    sing Y N 257 
QUI C5    H5     sing N N 258 
QUI C6    C7     sing Y N 259 
QUI C6    H6     sing N N 260 
QUI C7    C8     doub Y N 261 
QUI C7    H7     sing N N 262 
QUI C8    C9     sing Y N 263 
QUI C8    H8     sing N N 264 
QUI C9    C10    doub Y N 265 
QUI C     O1     doub N N 266 
QUI C     O2     sing N N 267 
QUI O2    HO2    sing N N 268 
# 
_ndb_struct_conf_na.entry_id   3GO3 
_ndb_struct_conf_na.feature    'double helix' 
# 
loop_
_ndb_struct_na_base_pair.model_number 
_ndb_struct_na_base_pair.i_label_asym_id 
_ndb_struct_na_base_pair.i_label_comp_id 
_ndb_struct_na_base_pair.i_label_seq_id 
_ndb_struct_na_base_pair.i_symmetry 
_ndb_struct_na_base_pair.j_label_asym_id 
_ndb_struct_na_base_pair.j_label_comp_id 
_ndb_struct_na_base_pair.j_label_seq_id 
_ndb_struct_na_base_pair.j_symmetry 
_ndb_struct_na_base_pair.shear 
_ndb_struct_na_base_pair.stretch 
_ndb_struct_na_base_pair.stagger 
_ndb_struct_na_base_pair.buckle 
_ndb_struct_na_base_pair.propeller 
_ndb_struct_na_base_pair.opening 
_ndb_struct_na_base_pair.pair_number 
_ndb_struct_na_base_pair.pair_name 
_ndb_struct_na_base_pair.i_auth_asym_id 
_ndb_struct_na_base_pair.i_auth_seq_id 
_ndb_struct_na_base_pair.i_PDB_ins_code 
_ndb_struct_na_base_pair.j_auth_asym_id 
_ndb_struct_na_base_pair.j_auth_seq_id 
_ndb_struct_na_base_pair.j_PDB_ins_code 
_ndb_struct_na_base_pair.hbond_type_28 
_ndb_struct_na_base_pair.hbond_type_12 
1 A DA 1 1_555 B DT 8 1_555 0.027  -0.063 0.323  8.594   5.006  3.644   1 A_DA1:DT108_B A 1 ? B 108 ? 20 1 
1 A DC 2 1_555 B DG 7 1_555 0.337  -0.140 0.333  -21.913 -0.741 -1.314  2 A_DC2:DG107_B A 2 ? B 107 ? 19 1 
1 A DG 3 1_555 B DC 6 1_555 -0.255 -0.135 0.373  22.897  -0.300 -2.753  3 A_DG3:DC106_B A 3 ? B 106 ? 19 1 
1 A DT 4 1_555 B DA 5 1_555 -0.423 3.613  0.538  -5.675  8.079  -65.877 4 A_DT4:DA105_B A 4 ? B 105 ? 23 3 
1 A DA 5 1_555 B DT 4 1_555 0.468  -3.566 -0.585 6.372   -9.911 65.879  5 A_DA5:DT104_B A 5 ? B 104 ? 23 3 
1 A DC 6 1_555 B DG 3 1_555 0.244  -0.095 0.316  -20.350 1.398  -1.367  6 A_DC6:DG103_B A 6 ? B 103 ? 19 1 
1 A DG 7 1_555 B DC 2 1_555 -0.294 -0.106 0.264  21.290  3.569  -1.861  7 A_DG7:DC102_B A 7 ? B 102 ? 19 1 
1 A DT 8 1_555 B DA 1 1_555 -0.431 3.762  -0.051 5.695   9.211  -66.806 8 A_DT8:DA101_B A 8 ? B 101 ? 23 3 
# 
loop_
_ndb_struct_na_base_pair_step.model_number 
_ndb_struct_na_base_pair_step.i_label_asym_id_1 
_ndb_struct_na_base_pair_step.i_label_comp_id_1 
_ndb_struct_na_base_pair_step.i_label_seq_id_1 
_ndb_struct_na_base_pair_step.i_symmetry_1 
_ndb_struct_na_base_pair_step.j_label_asym_id_1 
_ndb_struct_na_base_pair_step.j_label_comp_id_1 
_ndb_struct_na_base_pair_step.j_label_seq_id_1 
_ndb_struct_na_base_pair_step.j_symmetry_1 
_ndb_struct_na_base_pair_step.i_label_asym_id_2 
_ndb_struct_na_base_pair_step.i_label_comp_id_2 
_ndb_struct_na_base_pair_step.i_label_seq_id_2 
_ndb_struct_na_base_pair_step.i_symmetry_2 
_ndb_struct_na_base_pair_step.j_label_asym_id_2 
_ndb_struct_na_base_pair_step.j_label_comp_id_2 
_ndb_struct_na_base_pair_step.j_label_seq_id_2 
_ndb_struct_na_base_pair_step.j_symmetry_2 
_ndb_struct_na_base_pair_step.shift 
_ndb_struct_na_base_pair_step.slide 
_ndb_struct_na_base_pair_step.rise 
_ndb_struct_na_base_pair_step.tilt 
_ndb_struct_na_base_pair_step.roll 
_ndb_struct_na_base_pair_step.twist 
_ndb_struct_na_base_pair_step.x_displacement 
_ndb_struct_na_base_pair_step.y_displacement 
_ndb_struct_na_base_pair_step.helical_rise 
_ndb_struct_na_base_pair_step.inclination 
_ndb_struct_na_base_pair_step.tip 
_ndb_struct_na_base_pair_step.helical_twist 
_ndb_struct_na_base_pair_step.step_number 
_ndb_struct_na_base_pair_step.step_name 
_ndb_struct_na_base_pair_step.i_auth_asym_id_1 
_ndb_struct_na_base_pair_step.i_auth_seq_id_1 
_ndb_struct_na_base_pair_step.i_PDB_ins_code_1 
_ndb_struct_na_base_pair_step.j_auth_asym_id_1 
_ndb_struct_na_base_pair_step.j_auth_seq_id_1 
_ndb_struct_na_base_pair_step.j_PDB_ins_code_1 
_ndb_struct_na_base_pair_step.i_auth_asym_id_2 
_ndb_struct_na_base_pair_step.i_auth_seq_id_2 
_ndb_struct_na_base_pair_step.i_PDB_ins_code_2 
_ndb_struct_na_base_pair_step.j_auth_asym_id_2 
_ndb_struct_na_base_pair_step.j_auth_seq_id_2 
_ndb_struct_na_base_pair_step.j_PDB_ins_code_2 
1 A DA 1 1_555 B DT 8 1_555 A DC 2 1_555 B DG 7 1_555 0.802  1.031  7.068  9.254    1.188  25.041  1.547  3.606   6.956  2.627   
-20.459 26.697   1 AA_DA1DC2:DG107DT108_BB A 1 ? B 108 ? A 2 ? B 107 ? 
1 A DC 2 1_555 B DG 7 1_555 A DG 3 1_555 B DC 6 1_555 -0.337 1.868  2.530  -0.926   0.164  2.637   35.061 -11.008 2.604  3.423   
19.336  2.800    2 AA_DC2DG3:DC106DG107_BB A 2 ? B 107 ? A 3 ? B 106 ? 
1 A DG 3 1_555 B DC 6 1_555 A DT 4 1_555 B DA 5 1_555 0.663  0.741  7.334  -11.036  4.881  68.196  0.254  -1.488  7.200  4.319   
9.764   69.128   3 AA_DG3DT4:DA105DC106_BB A 3 ? B 106 ? A 4 ? B 105 ? 
1 A DT 4 1_555 B DA 5 1_555 A DA 5 1_555 B DT 4 1_555 3.147  -4.921 0.785  -159.002 76.345 163.221 -2.474 -1.601  0.052  38.181  
79.519  179.472  4 AA_DT4DA5:DT104DA105_BB A 4 ? B 105 ? A 5 ? B 104 ? 
1 A DA 5 1_555 B DT 4 1_555 A DC 6 1_555 B DG 3 1_555 3.911  6.317  -0.878 -140.218 92.168 -15.889 -2.888 2.405   -0.321 -48.970 
-74.500 -167.915 5 AA_DA5DC6:DG103DT104_BB A 5 ? B 104 ? A 6 ? B 103 ? 
1 A DC 6 1_555 B DG 3 1_555 A DG 7 1_555 B DC 2 1_555 0.253  1.925  2.585  -0.269   0.208  4.397   23.414 -5.363  2.653  2.703   
3.499   4.411    6 AA_DC6DG7:DC102DG103_BB A 6 ? B 103 ? A 7 ? B 102 ? 
1 A DG 7 1_555 B DC 2 1_555 A DT 8 1_555 B DA 1 1_555 -0.033 -1.317 7.141  -11.059  5.420  42.548  -2.847 -2.195  6.739  7.287   
14.870  44.215   7 AA_DG7DT8:DA101DC102_BB A 7 ? B 102 ? A 8 ? B 101 ? 
# 
_atom_sites.entry_id                    3GO3 
_atom_sites.fract_transf_matrix[1][1]   0.00436977 
_atom_sites.fract_transf_matrix[1][2]   0.02060572 
_atom_sites.fract_transf_matrix[1][3]   0.03123403 
_atom_sites.fract_transf_matrix[2][1]   -0.01976106 
_atom_sites.fract_transf_matrix[2][2]   -0.02543270 
_atom_sites.fract_transf_matrix[2][3]   0.01954312 
_atom_sites.fract_transf_matrix[3][1]   0.00520238 
_atom_sites.fract_transf_matrix[3][2]   -0.00305353 
_atom_sites.fract_transf_matrix[3][3]   0.00128664 
_atom_sites.fract_transf_vector[1]      0.063592 
_atom_sites.fract_transf_vector[2]      -0.509247 
_atom_sites.fract_transf_vector[3]      0.035235 
# 
loop_
_atom_type.symbol 
C  
MN 
N  
O  
P  
S  
# 
loop_
_atom_site.group_PDB 
_atom_site.id 
_atom_site.type_symbol 
_atom_site.label_atom_id 
_atom_site.label_alt_id 
_atom_site.label_comp_id 
_atom_site.label_asym_id 
_atom_site.label_entity_id 
_atom_site.label_seq_id 
_atom_site.pdbx_PDB_ins_code 
_atom_site.Cartn_x 
_atom_site.Cartn_y 
_atom_site.Cartn_z 
_atom_site.occupancy 
_atom_site.B_iso_or_equiv 
_atom_site.pdbx_formal_charge 
_atom_site.auth_seq_id 
_atom_site.auth_comp_id 
_atom_site.auth_asym_id 
_atom_site.auth_atom_id 
_atom_site.pdbx_PDB_model_num 
ATOM   1   O  "O5'" . DA  A 1 1 ? -21.078 0.715   -4.739  1.00 14.24 ? 1    DA  A "O5'" 1 
ATOM   2   C  "C5'" . DA  A 1 1 ? -21.285 1.344   -5.990  1.00 12.46 ? 1    DA  A "C5'" 1 
ATOM   3   C  "C4'" . DA  A 1 1 ? -20.093 2.146   -6.451  1.00 12.46 ? 1    DA  A "C4'" 1 
ATOM   4   O  "O4'" . DA  A 1 1 ? -19.885 3.301   -5.615  1.00 13.22 ? 1    DA  A "O4'" 1 
ATOM   5   C  "C3'" . DA  A 1 1 ? -18.746 1.425   -6.388  1.00 12.09 ? 1    DA  A "C3'" 1 
ATOM   6   O  "O3'" . DA  A 1 1 ? -17.930 1.911   -7.441  1.00 14.14 ? 1    DA  A "O3'" 1 
ATOM   7   C  "C2'" . DA  A 1 1 ? -18.230 1.768   -5.029  1.00 12.44 ? 1    DA  A "C2'" 1 
ATOM   8   C  "C1'" . DA  A 1 1 ? -18.611 3.230   -4.939  1.00 12.29 ? 1    DA  A "C1'" 1 
ATOM   9   N  N9    . DA  A 1 1 ? -18.829 3.765   -3.613  1.00 12.89 ? 1    DA  A N9    1 
ATOM   10  C  C8    . DA  A 1 1 ? -19.568 3.202   -2.599  1.00 13.71 ? 1    DA  A C8    1 
ATOM   11  N  N7    . DA  A 1 1 ? -19.565 3.988   -1.512  1.00 13.98 ? 1    DA  A N7    1 
ATOM   12  C  C5    . DA  A 1 1 ? -18.803 5.081   -1.836  1.00 13.40 ? 1    DA  A C5    1 
ATOM   13  C  C6    . DA  A 1 1 ? -18.432 6.231   -1.110  1.00 13.24 ? 1    DA  A C6    1 
ATOM   14  N  N6    . DA  A 1 1 ? -18.821 6.455   0.174   1.00 13.83 ? 1    DA  A N6    1 
ATOM   15  N  N1    . DA  A 1 1 ? -17.654 7.131   -1.757  1.00 13.15 ? 1    DA  A N1    1 
ATOM   16  C  C2    . DA  A 1 1 ? -17.299 6.877   -3.001  1.00 12.53 ? 1    DA  A C2    1 
ATOM   17  N  N3    . DA  A 1 1 ? -17.566 5.838   -3.812  1.00 12.29 ? 1    DA  A N3    1 
ATOM   18  C  C4    . DA  A 1 1 ? -18.343 4.960   -3.141  1.00 12.07 ? 1    DA  A C4    1 
ATOM   19  P  P     . DC  A 1 2 ? -16.780 0.964   -8.107  1.00 14.14 ? 2    DC  A P     1 
ATOM   20  O  OP1   . DC  A 1 2 ? -16.241 1.730   -9.304  1.00 19.42 ? 2    DC  A OP1   1 
ATOM   21  O  OP2   . DC  A 1 2 ? -17.297 -0.412  -8.335  1.00 14.26 ? 2    DC  A OP2   1 
ATOM   22  O  "O5'" . DC  A 1 2 ? -15.682 0.899   -6.972  1.00 14.65 ? 2    DC  A "O5'" 1 
ATOM   23  C  "C5'" . DC  A 1 2 ? -15.094 -0.313  -6.529  1.00 12.58 ? 2    DC  A "C5'" 1 
ATOM   24  C  "C4'" . DC  A 1 2 ? -13.813 0.023   -5.830  1.00 11.12 ? 2    DC  A "C4'" 1 
ATOM   25  O  "O4'" . DC  A 1 2 ? -14.070 0.616   -4.566  1.00 11.68 ? 2    DC  A "O4'" 1 
ATOM   26  C  "C3'" . DC  A 1 2 ? -12.960 -1.205  -5.506  1.00 11.97 ? 2    DC  A "C3'" 1 
ATOM   27  O  "O3'" . DC  A 1 2 ? -12.091 -1.481  -6.598  1.00 12.72 ? 2    DC  A "O3'" 1 
ATOM   28  C  "C2'" . DC  A 1 2 ? -12.238 -0.839  -4.236  1.00 11.86 ? 2    DC  A "C2'" 1 
ATOM   29  C  "C1'" . DC  A 1 2 ? -12.842 0.473   -3.815  1.00 10.75 ? 2    DC  A "C1'" 1 
ATOM   30  N  N1    . DC  A 1 2 ? -13.201 0.556   -2.407  1.00 10.52 ? 2    DC  A N1    1 
ATOM   31  C  C2    . DC  A 1 2 ? -12.732 1.598   -1.602  1.00 10.59 ? 2    DC  A C2    1 
ATOM   32  O  O2    . DC  A 1 2 ? -12.024 2.459   -2.098  1.00 10.87 ? 2    DC  A O2    1 
ATOM   33  N  N3    . DC  A 1 2 ? -13.101 1.629   -0.300  1.00 10.94 ? 2    DC  A N3    1 
ATOM   34  C  C4    . DC  A 1 2 ? -13.886 0.668   0.215   1.00 11.21 ? 2    DC  A C4    1 
ATOM   35  N  N4    . DC  A 1 2 ? -14.193 0.781   1.500   1.00 12.73 ? 2    DC  A N4    1 
ATOM   36  C  C5    . DC  A 1 2 ? -14.349 -0.386  -0.582  1.00 12.46 ? 2    DC  A C5    1 
ATOM   37  C  C6    . DC  A 1 2 ? -14.005 -0.430  -1.885  1.00 12.05 ? 2    DC  A C6    1 
ATOM   38  P  P     . DG  A 1 3 ? -12.090 -2.900  -7.317  1.00 13.81 ? 3    DG  A P     1 
ATOM   39  O  OP1   . DG  A 1 3 ? -11.142 -2.808  -8.477  1.00 16.77 ? 3    DG  A OP1   1 
ATOM   40  O  OP2   . DG  A 1 3 ? -13.489 -3.329  -7.504  1.00 16.32 ? 3    DG  A OP2   1 
ATOM   41  O  "O5'" . DG  A 1 3 ? -11.499 -3.870  -6.203  1.00 13.67 ? 3    DG  A "O5'" 1 
ATOM   42  C  "C5'" . DG  A 1 3 ? -10.156 -4.292  -6.159  1.00 13.40 ? 3    DG  A "C5'" 1 
ATOM   43  C  "C4'" . DG  A 1 3 ? -9.157  -3.213  -5.928  1.00 11.90 ? 3    DG  A "C4'" 1 
ATOM   44  O  "O4'" . DG  A 1 3 ? -9.622  -2.362  -4.868  1.00 12.19 ? 3    DG  A "O4'" 1 
ATOM   45  C  "C3'" . DG  A 1 3 ? -7.809  -3.717  -5.471  1.00 12.16 ? 3    DG  A "C3'" 1 
ATOM   46  O  "O3'" . DG  A 1 3 ? -6.754  -2.936  -6.005  1.00 13.93 ? 3    DG  A "O3'" 1 
ATOM   47  C  "C2'" . DG  A 1 3 ? -7.804  -3.535  -3.991  1.00 11.69 ? 3    DG  A "C2'" 1 
ATOM   48  C  "C1'" . DG  A 1 3 ? -8.670  -2.271  -3.846  1.00 11.01 ? 3    DG  A "C1'" 1 
ATOM   49  N  N9    . DG  A 1 3 ? -9.370  -2.190  -2.578  1.00 10.78 ? 3    DG  A N9    1 
ATOM   50  C  C8    . DG  A 1 3 ? -10.058 -3.203  -1.925  1.00 12.50 ? 3    DG  A C8    1 
ATOM   51  N  N7    . DG  A 1 3 ? -10.572 -2.787  -0.805  1.00 12.85 ? 3    DG  A N7    1 
ATOM   52  C  C5    . DG  A 1 3 ? -10.230 -1.453  -0.700  1.00 10.96 ? 3    DG  A C5    1 
ATOM   53  C  C6    . DG  A 1 3 ? -10.505 -0.497  0.306   1.00 11.88 ? 3    DG  A C6    1 
ATOM   54  O  O6    . DG  A 1 3 ? -11.151 -0.686  1.331   1.00 12.20 ? 3    DG  A O6    1 
ATOM   55  N  N1    . DG  A 1 3 ? -9.946  0.741   0.007   1.00 11.05 ? 3    DG  A N1    1 
ATOM   56  C  C2    . DG  A 1 3 ? -9.239  1.025   -1.093  1.00 10.20 ? 3    DG  A C2    1 
ATOM   57  N  N2    . DG  A 1 3 ? -8.791  2.297   -1.187  1.00 11.09 ? 3    DG  A N2    1 
ATOM   58  N  N3    . DG  A 1 3 ? -8.959  0.162   -2.047  1.00 9.96  ? 3    DG  A N3    1 
ATOM   59  C  C4    . DG  A 1 3 ? -9.480  -1.051  -1.790  1.00 9.49  ? 3    DG  A C4    1 
ATOM   60  P  P     . DT  A 1 4 ? -5.980  -3.283  -7.361  1.00 16.43 ? 4    DT  A P     1 
ATOM   61  O  OP1   . DT  A 1 4 ? -6.741  -2.688  -8.450  1.00 24.75 ? 4    DT  A OP1   1 
ATOM   62  O  OP2   . DT  A 1 4 ? -5.642  -4.752  -7.395  1.00 19.24 ? 4    DT  A OP2   1 
ATOM   63  O  "O5'" . DT  A 1 4 ? -4.618  -2.505  -7.186  1.00 15.60 ? 4    DT  A "O5'" 1 
ATOM   64  C  "C5'" . DT  A 1 4 ? -4.583  -1.099  -7.168  1.00 16.09 ? 4    DT  A "C5'" 1 
ATOM   65  C  "C4'" . DT  A 1 4 ? -3.278  -0.589  -6.586  1.00 15.60 ? 4    DT  A "C4'" 1 
ATOM   66  O  "O4'" . DT  A 1 4 ? -3.265  -0.815  -5.168  1.00 15.12 ? 4    DT  A "O4'" 1 
ATOM   67  C  "C3'" . DT  A 1 4 ? -2.043  -1.274  -7.130  1.00 13.24 ? 4    DT  A "C3'" 1 
ATOM   68  O  "O3'" . DT  A 1 4 ? -1.072  -0.231  -7.295  1.00 16.69 ? 4    DT  A "O3'" 1 
ATOM   69  C  "C2'" . DT  A 1 4 ? -1.720  -2.320  -6.116  1.00 14.69 ? 4    DT  A "C2'" 1 
ATOM   70  C  "C1'" . DT  A 1 4 ? -2.187  -1.777  -4.804  1.00 12.89 ? 4    DT  A "C1'" 1 
ATOM   71  N  N1    . DT  A 1 4 ? -2.883  -2.609  -3.844  1.00 11.96 ? 4    DT  A N1    1 
ATOM   72  C  C2    . DT  A 1 4 ? -2.837  -2.266  -2.516  1.00 11.49 ? 4    DT  A C2    1 
ATOM   73  O  O2    . DT  A 1 4 ? -2.210  -1.281  -2.107  1.00 12.58 ? 4    DT  A O2    1 
ATOM   74  N  N3    . DT  A 1 4 ? -3.532  -3.083  -1.635  1.00 11.28 ? 4    DT  A N3    1 
ATOM   75  C  C4    . DT  A 1 4 ? -4.287  -4.178  -1.948  1.00 11.69 ? 4    DT  A C4    1 
ATOM   76  O  O4    . DT  A 1 4 ? -4.846  -4.785  -1.044  1.00 12.79 ? 4    DT  A O4    1 
ATOM   77  C  C5    . DT  A 1 4 ? -4.329  -4.517  -3.370  1.00 11.71 ? 4    DT  A C5    1 
ATOM   78  C  C7    . DT  A 1 4 ? -5.122  -5.733  -3.778  1.00 13.73 ? 4    DT  A C7    1 
ATOM   79  C  C6    . DT  A 1 4 ? -3.647  -3.737  -4.201  1.00 11.78 ? 4    DT  A C6    1 
ATOM   80  P  P     . DA  A 1 5 ? 0.404   -0.642  -7.869  1.00 17.66 ? 5    DA  A P     1 
ATOM   81  O  OP1   . DA  A 1 5 ? 1.062   0.491   -8.468  1.00 20.71 ? 5    DA  A OP1   1 
ATOM   82  O  OP2   . DA  A 1 5 ? 0.393   -1.917  -8.647  1.00 20.79 ? 5    DA  A OP2   1 
ATOM   83  O  "O5'" . DA  A 1 5 ? 1.183   -0.994  -6.537  1.00 15.67 ? 5    DA  A "O5'" 1 
ATOM   84  C  "C5'" . DA  A 1 5 ? 1.605   0.014   -5.642  1.00 15.04 ? 5    DA  A "C5'" 1 
ATOM   85  C  "C4'" . DA  A 1 5 ? 2.208   -0.596  -4.412  1.00 13.51 ? 5    DA  A "C4'" 1 
ATOM   86  O  "O4'" . DA  A 1 5 ? 1.204   -1.287  -3.640  1.00 13.04 ? 5    DA  A "O4'" 1 
ATOM   87  C  "C3'" . DA  A 1 5 ? 3.263   -1.642  -4.697  1.00 12.86 ? 5    DA  A "C3'" 1 
ATOM   88  O  "O3'" . DA  A 1 5 ? 4.509   -0.944  -4.775  1.00 14.58 ? 5    DA  A "O3'" 1 
ATOM   89  C  "C2'" . DA  A 1 5 ? 3.164   -2.603  -3.558  1.00 12.89 ? 5    DA  A "C2'" 1 
ATOM   90  C  "C1'" . DA  A 1 5 ? 2.022   -2.154  -2.731  1.00 13.53 ? 5    DA  A "C1'" 1 
ATOM   91  N  N9    . DA  A 1 5 ? 1.044   -3.101  -2.259  1.00 11.65 ? 5    DA  A N9    1 
ATOM   92  C  C8    . DA  A 1 5 ? 0.515   -3.155  -0.989  1.00 10.97 ? 5    DA  A C8    1 
ATOM   93  N  N7    . DA  A 1 5 ? -0.360  -4.121  -0.821  1.00 11.35 ? 5    DA  A N7    1 
ATOM   94  C  C5    . DA  A 1 5 ? -0.417  -4.737  -2.033  1.00 11.07 ? 5    DA  A C5    1 
ATOM   95  C  C6    . DA  A 1 5 ? -1.154  -5.829  -2.513  1.00 11.22 ? 5    DA  A C6    1 
ATOM   96  N  N6    . DA  A 1 5 ? -2.004  -6.478  -1.733  1.00 11.61 ? 5    DA  A N6    1 
ATOM   97  N  N1    . DA  A 1 5 ? -0.996  -6.213  -3.795  1.00 12.35 ? 5    DA  A N1    1 
ATOM   98  C  C2    . DA  A 1 5 ? -0.123  -5.542  -4.583  1.00 12.73 ? 5    DA  A C2    1 
ATOM   99  N  N3    . DA  A 1 5 ? 0.642   -4.481  -4.205  1.00 12.08 ? 5    DA  A N3    1 
ATOM   100 C  C4    . DA  A 1 5 ? 0.435   -4.131  -2.928  1.00 10.85 ? 5    DA  A C4    1 
ATOM   101 P  P     . DC  A 1 6 ? 5.676   -1.451  -5.755  1.00 14.72 ? 6    DC  A P     1 
ATOM   102 O  OP1   . DC  A 1 6 ? 6.692   -0.356  -5.732  1.00 19.15 ? 6    DC  A OP1   1 
ATOM   103 O  OP2   . DC  A 1 6 ? 5.066   -1.803  -7.062  1.00 15.48 ? 6    DC  A OP2   1 
ATOM   104 O  "O5'" . DC  A 1 6 ? 6.114   -2.765  -5.053  1.00 17.35 ? 6    DC  A "O5'" 1 
ATOM   105 C  "C5'" . DC  A 1 6 ? 7.039   -3.667  -5.730  1.00 16.51 ? 6    DC  A "C5'" 1 
ATOM   106 C  "C4'" . DC  A 1 6 ? 7.946   -4.235  -4.680  1.00 15.80 ? 6    DC  A "C4'" 1 
ATOM   107 O  "O4'" . DC  A 1 6 ? 7.212   -5.062  -3.768  1.00 14.45 ? 6    DC  A "O4'" 1 
ATOM   108 C  "C3'" . DC  A 1 6 ? 9.018   -5.161  -5.226  1.00 14.26 ? 6    DC  A "C3'" 1 
ATOM   109 O  "O3'" . DC  A 1 6 ? 10.128  -4.439  -5.732  1.00 16.97 ? 6    DC  A "O3'" 1 
ATOM   110 C  "C2'" . DC  A 1 6 ? 9.384   -6.011  -4.018  1.00 14.34 ? 6    DC  A "C2'" 1 
ATOM   111 C  "C1'" . DC  A 1 6 ? 8.117   -6.048  -3.190  1.00 14.16 ? 6    DC  A "C1'" 1 
ATOM   112 N  N1    . DC  A 1 6 ? 7.336   -7.254  -3.224  1.00 12.43 ? 6    DC  A N1    1 
ATOM   113 C  C2    . DC  A 1 6 ? 6.673   -7.679  -2.074  1.00 11.18 ? 6    DC  A C2    1 
ATOM   114 O  O2    . DC  A 1 6 ? 6.751   -7.047  -1.010  1.00 12.09 ? 6    DC  A O2    1 
ATOM   115 N  N3    . DC  A 1 6 ? 5.932   -8.819  -2.149  1.00 12.53 ? 6    DC  A N3    1 
ATOM   116 C  C4    . DC  A 1 6 ? 5.828   -9.514  -3.297  1.00 12.62 ? 6    DC  A C4    1 
ATOM   117 N  N4    . DC  A 1 6 ? 5.090   -10.613 -3.266  1.00 13.56 ? 6    DC  A N4    1 
ATOM   118 C  C5    . DC  A 1 6 ? 6.508   -9.078  -4.473  1.00 14.52 ? 6    DC  A C5    1 
ATOM   119 C  C6    . DC  A 1 6 ? 7.239   -7.951  -4.403  1.00 13.90 ? 6    DC  A C6    1 
ATOM   120 P  P     . DG  A 1 7 ? 11.265  -5.166  -6.624  1.00 18.13 ? 7    DG  A P     1 
ATOM   121 O  OP1   . DG  A 1 7 ? 11.942  -4.171  -7.482  1.00 18.47 ? 7    DG  A OP1   1 
ATOM   122 O  OP2   . DG  A 1 7 ? 10.646  -6.391  -7.248  1.00 19.21 ? 7    DG  A OP2   1 
ATOM   123 O  "O5'" . DG  A 1 7 ? 12.260  -5.834  -5.556  1.00 25.31 ? 7    DG  A "O5'" 1 
ATOM   124 C  "C5'" . DG  A 1 7 ? 13.077  -5.235  -4.628  1.00 22.29 ? 7    DG  A "C5'" 1 
ATOM   125 C  "C4'" . DG  A 1 7 ? 13.530  -6.181  -3.567  1.00 17.54 ? 7    DG  A "C4'" 1 
ATOM   126 O  "O4'" . DG  A 1 7 ? 12.324  -6.685  -2.941  1.00 16.17 ? 7    DG  A "O4'" 1 
ATOM   127 C  "C3'" . DG  A 1 7 ? 14.275  -7.487  -3.922  1.00 15.17 ? 7    DG  A "C3'" 1 
ATOM   128 O  "O3'" . DG  A 1 7 ? 15.592  -7.179  -4.195  1.00 15.14 ? 7    DG  A "O3'" 1 
ATOM   129 C  "C2'" . DG  A 1 7 ? 14.039  -8.313  -2.666  1.00 13.52 ? 7    DG  A "C2'" 1 
ATOM   130 C  "C1'" . DG  A 1 7 ? 12.593  -7.867  -2.269  1.00 13.84 ? 7    DG  A "C1'" 1 
ATOM   131 N  N9    . DG  A 1 7 ? 11.613  -8.899  -2.606  1.00 13.65 ? 7    DG  A N9    1 
ATOM   132 C  C8    . DG  A 1 7 ? 11.574  -9.696  -3.703  1.00 17.30 ? 7    DG  A C8    1 
ATOM   133 N  N7    . DG  A 1 7 ? 10.560  -10.529 -3.717  1.00 17.98 ? 7    DG  A N7    1 
ATOM   134 C  C5    . DG  A 1 7 ? 9.877   -10.264 -2.541  1.00 14.50 ? 7    DG  A C5    1 
ATOM   135 C  C6    . DG  A 1 7 ? 8.704   -10.848 -1.995  1.00 13.68 ? 7    DG  A C6    1 
ATOM   136 O  O6    . DG  A 1 7 ? 8.055   -11.736 -2.509  1.00 15.80 ? 7    DG  A O6    1 
ATOM   137 N  N1    . DG  A 1 7 ? 8.370   -10.277 -0.775  1.00 12.91 ? 7    DG  A N1    1 
ATOM   138 C  C2    . DG  A 1 7 ? 9.026   -9.287  -0.139  1.00 11.80 ? 7    DG  A C2    1 
ATOM   139 N  N2    . DG  A 1 7 ? 8.550   -8.853  1.046   1.00 12.67 ? 7    DG  A N2    1 
ATOM   140 N  N3    . DG  A 1 7 ? 10.116  -8.737  -0.628  1.00 12.43 ? 7    DG  A N3    1 
ATOM   141 C  C4    . DG  A 1 7 ? 10.502  -9.259  -1.827  1.00 13.08 ? 7    DG  A C4    1 
ATOM   142 P  P     . DT  A 1 8 ? 16.743  -8.262  -4.447  1.00 15.04 ? 8    DT  A P     1 
ATOM   143 O  OP1   . DT  A 1 8 ? 17.822  -7.519  -5.178  1.00 16.05 ? 8    DT  A OP1   1 
ATOM   144 O  OP2   . DT  A 1 8 ? 16.219  -9.518  -5.013  1.00 16.39 ? 8    DT  A OP2   1 
ATOM   145 O  "O5'" . DT  A 1 8 ? 17.273  -8.582  -2.986  1.00 13.70 ? 8    DT  A "O5'" 1 
ATOM   146 C  "C5'" . DT  A 1 8 ? 17.659  -7.543  -2.097  1.00 14.86 ? 8    DT  A "C5'" 1 
ATOM   147 C  "C4'" . DT  A 1 8 ? 17.838  -8.046  -0.685  1.00 13.41 ? 8    DT  A "C4'" 1 
ATOM   148 O  "O4'" . DT  A 1 8 ? 16.543  -8.515  -0.259  1.00 12.90 ? 8    DT  A "O4'" 1 
ATOM   149 C  "C3'" . DT  A 1 8 ? 18.740  -9.228  -0.443  1.00 16.54 ? 8    DT  A "C3'" 1 
ATOM   150 O  "O3'" . DT  A 1 8 ? 20.111  -8.840  -0.231  1.00 17.50 ? 8    DT  A "O3'" 1 
ATOM   151 C  "C2'" . DT  A 1 8 ? 18.151  -9.872  0.802   1.00 13.25 ? 8    DT  A "C2'" 1 
ATOM   152 C  "C1'" . DT  A 1 8 ? 16.642  -9.562  0.659   1.00 11.82 ? 8    DT  A "C1'" 1 
ATOM   153 N  N1    . DT  A 1 8 ? 15.915  -10.724 0.177   1.00 12.12 ? 8    DT  A N1    1 
ATOM   154 C  C2    . DT  A 1 8 ? 15.209  -11.461 1.103   1.00 13.93 ? 8    DT  A C2    1 
ATOM   155 O  O2    . DT  A 1 8 ? 15.170  -11.203 2.264   1.00 15.63 ? 8    DT  A O2    1 
ATOM   156 N  N3    . DT  A 1 8 ? 14.548  -12.553 0.584   1.00 14.40 ? 8    DT  A N3    1 
ATOM   157 C  C4    . DT  A 1 8 ? 14.498  -12.972 -0.711  1.00 14.71 ? 8    DT  A C4    1 
ATOM   158 O  O4    . DT  A 1 8 ? 13.847  -13.966 -0.969  1.00 15.35 ? 8    DT  A O4    1 
ATOM   159 C  C5    . DT  A 1 8 ? 15.240  -12.158 -1.628  1.00 14.06 ? 8    DT  A C5    1 
ATOM   160 C  C7    . DT  A 1 8 ? 15.261  -12.518 -3.067  1.00 16.58 ? 8    DT  A C7    1 
ATOM   161 C  C6    . DT  A 1 8 ? 15.913  -11.092 -1.150  1.00 12.56 ? 8    DT  A C6    1 
ATOM   162 O  "O5'" A DA  B 1 1 ? 12.481  -16.702 9.257   0.77 36.43 ? 101  DA  B "O5'" 1 
ATOM   163 O  "O5'" B DA  B 1 1 ? 11.156  -17.440 7.137   0.23 41.44 ? 101  DA  B "O5'" 1 
ATOM   164 C  "C5'" A DA  B 1 1 ? 11.341  -16.648 8.361   0.77 38.18 ? 101  DA  B "C5'" 1 
ATOM   165 C  "C5'" B DA  B 1 1 ? 11.352  -16.654 8.328   0.23 36.31 ? 101  DA  B "C5'" 1 
ATOM   166 C  "C4'" . DA  B 1 1 ? 11.095  -15.229 7.953   1.00 32.88 ? 101  DA  B "C4'" 1 
ATOM   167 O  "O4'" . DA  B 1 1 ? 12.043  -14.787 6.971   1.00 20.57 ? 101  DA  B "O4'" 1 
ATOM   168 C  "C3'" . DA  B 1 1 ? 9.723   -15.001 7.299   1.00 28.14 ? 101  DA  B "C3'" 1 
ATOM   169 O  "O3'" A DA  B 1 1 ? 8.909   -14.702 8.403   0.45 36.88 ? 101  DA  B "O3'" 1 
ATOM   170 O  "O3'" B DA  B 1 1 ? 8.809   -14.695 8.355   0.55 29.22 ? 101  DA  B "O3'" 1 
ATOM   171 C  "C2'" . DA  B 1 1 ? 9.932   -13.910 6.288   1.00 19.25 ? 101  DA  B "C2'" 1 
ATOM   172 C  "C1'" . DA  B 1 1 ? 11.534  -13.870 6.110   1.00 20.06 ? 101  DA  B "C1'" 1 
ATOM   173 N  N9    . DA  B 1 1 ? 11.929  -14.113 4.693   1.00 16.36 ? 101  DA  B N9    1 
ATOM   174 C  C8    . DA  B 1 1 ? 12.673  -13.334 3.835   1.00 18.51 ? 101  DA  B C8    1 
ATOM   175 N  N7    . DA  B 1 1 ? 12.805  -13.879 2.648   1.00 16.94 ? 101  DA  B N7    1 
ATOM   176 C  C5    . DA  B 1 1 ? 12.095  -15.086 2.781   1.00 16.42 ? 101  DA  B C5    1 
ATOM   177 C  C6    . DA  B 1 1 ? 11.836  -16.121 1.915   1.00 16.42 ? 101  DA  B C6    1 
ATOM   178 N  N6    . DA  B 1 1 ? 12.359  -15.994 0.687   1.00 16.73 ? 101  DA  B N6    1 
ATOM   179 N  N1    . DA  B 1 1 ? 11.095  -17.145 2.425   1.00 16.61 ? 101  DA  B N1    1 
ATOM   180 C  C2    . DA  B 1 1 ? 10.628  -17.166 3.653   1.00 15.78 ? 101  DA  B C2    1 
ATOM   181 N  N3    . DA  B 1 1 ? 10.812  -16.209 4.589   1.00 15.48 ? 101  DA  B N3    1 
ATOM   182 C  C4    . DA  B 1 1 ? 11.549  -15.242 4.026   1.00 14.72 ? 101  DA  B C4    1 
ATOM   183 P  P     A DC  B 1 2 ? 7.340   -14.598 8.608   0.45 36.37 ? 102  DC  B P     1 
ATOM   184 P  P     B DC  B 1 2 ? 7.346   -15.355 8.188   0.55 34.90 ? 102  DC  B P     1 
ATOM   185 O  OP1   A DC  B 1 2 ? 7.066   -13.496 9.588   0.45 37.93 ? 102  DC  B OP1   1 
ATOM   186 O  OP1   B DC  B 1 2 ? 6.552   -15.124 9.425   0.55 36.93 ? 102  DC  B OP1   1 
ATOM   187 O  OP2   A DC  B 1 2 ? 6.747   -15.933 8.928   0.45 39.04 ? 102  DC  B OP2   1 
ATOM   188 O  OP2   B DC  B 1 2 ? 7.413   -16.743 7.675   0.55 34.28 ? 102  DC  B OP2   1 
ATOM   189 O  "O5'" A DC  B 1 2 ? 6.797   -14.146 7.178   0.45 35.84 ? 102  DC  B "O5'" 1 
ATOM   190 O  "O5'" B DC  B 1 2 ? 6.787   -14.443 7.001   0.55 37.42 ? 102  DC  B "O5'" 1 
ATOM   191 C  "C5'" . DC  B 1 2 ? 5.424   -14.230 6.788   1.00 31.62 ? 102  DC  B "C5'" 1 
ATOM   192 C  "C4'" . DC  B 1 2 ? 5.141   -12.886 6.165   1.00 23.15 ? 102  DC  B "C4'" 1 
ATOM   193 O  "O4'" . DC  B 1 2 ? 5.863   -12.712 4.932   1.00 20.64 ? 102  DC  B "O4'" 1 
ATOM   194 C  "C3'" . DC  B 1 2 ? 3.673   -12.746 5.837   1.00 31.36 ? 102  DC  B "C3'" 1 
ATOM   195 O  "O3'" . DC  B 1 2 ? 3.004   -12.053 6.911   1.00 35.83 ? 102  DC  B "O3'" 1 
ATOM   196 C  "C2'" . DC  B 1 2 ? 3.636   -11.993 4.541   1.00 18.29 ? 102  DC  B "C2'" 1 
ATOM   197 C  "C1'" . DC  B 1 2 ? 5.082   -11.857 4.089   1.00 17.22 ? 102  DC  B "C1'" 1 
ATOM   198 N  N1    . DC  B 1 2 ? 5.304   -12.268 2.706   1.00 16.90 ? 102  DC  B N1    1 
ATOM   199 C  C2    . DC  B 1 2 ? 6.087   -11.442 1.888   1.00 13.08 ? 102  DC  B C2    1 
ATOM   200 O  O2    . DC  B 1 2 ? 6.560   -10.382 2.378   1.00 13.36 ? 102  DC  B O2    1 
ATOM   201 N  N3    . DC  B 1 2 ? 6.307   -11.818 0.614   1.00 13.40 ? 102  DC  B N3    1 
ATOM   202 C  C4    . DC  B 1 2 ? 5.770   -12.965 0.136   1.00 15.42 ? 102  DC  B C4    1 
ATOM   203 N  N4    . DC  B 1 2 ? 6.011   -13.293 -1.143  1.00 15.93 ? 102  DC  B N4    1 
ATOM   204 C  C5    . DC  B 1 2 ? 4.973   -13.829 0.938   1.00 16.61 ? 102  DC  B C5    1 
ATOM   205 C  C6    . DC  B 1 2 ? 4.775   -13.439 2.206   1.00 16.34 ? 102  DC  B C6    1 
ATOM   206 P  P     . DG  B 1 3 ? 1.619   -12.539 7.487   1.00 41.50 ? 103  DG  B P     1 
ATOM   207 O  OP1   . DG  B 1 3 ? 1.313   -11.799 8.768   1.00 52.29 ? 103  DG  B OP1   1 
ATOM   208 O  OP2   . DG  B 1 3 ? 1.431   -14.002 7.643   1.00 42.01 ? 103  DG  B OP2   1 
ATOM   209 O  "O5'" . DG  B 1 3 ? 0.561   -12.001 6.448   1.00 45.09 ? 103  DG  B "O5'" 1 
ATOM   210 C  "C5'" . DG  B 1 3 ? -0.234  -10.868 6.691   1.00 28.88 ? 103  DG  B "C5'" 1 
ATOM   211 C  "C4'" . DG  B 1 3 ? 0.433   -9.595  6.223   1.00 15.54 ? 103  DG  B "C4'" 1 
ATOM   212 O  "O4'" . DG  B 1 3 ? 1.348   -9.785  5.152   1.00 15.19 ? 103  DG  B "O4'" 1 
ATOM   213 C  "C3'" . DG  B 1 3 ? -0.640  -8.641  5.705   1.00 14.16 ? 103  DG  B "C3'" 1 
ATOM   214 O  "O3'" . DG  B 1 3 ? -0.398  -7.327  6.085   1.00 15.10 ? 103  DG  B "O3'" 1 
ATOM   215 C  "C2'" . DG  B 1 3 ? -0.529  -8.820  4.201   1.00 13.87 ? 103  DG  B "C2'" 1 
ATOM   216 C  "C1'" . DG  B 1 3 ? 0.994   -9.050  4.035   1.00 12.44 ? 103  DG  B "C1'" 1 
ATOM   217 N  N9    . DG  B 1 3 ? 1.307   -9.760  2.802   1.00 12.68 ? 103  DG  B N9    1 
ATOM   218 C  C8    . DG  B 1 3 ? 0.651   -10.805 2.241   1.00 12.97 ? 103  DG  B C8    1 
ATOM   219 N  N7    . DG  B 1 3 ? 1.207   -11.217 1.117   1.00 12.87 ? 103  DG  B N7    1 
ATOM   220 C  C5    . DG  B 1 3 ? 2.282   -10.372 0.961   1.00 11.58 ? 103  DG  B C5    1 
ATOM   221 C  C6    . DG  B 1 3 ? 3.243   -10.319 -0.059  1.00 10.84 ? 103  DG  B C6    1 
ATOM   222 O  O6    . DG  B 1 3 ? 3.330   -11.040 -1.052  1.00 11.87 ? 103  DG  B O6    1 
ATOM   223 N  N1    . DG  B 1 3 ? 4.167   -9.312  0.154   1.00 10.64 ? 103  DG  B N1    1 
ATOM   224 C  C2    . DG  B 1 3 ? 4.191   -8.457  1.197   1.00 11.22 ? 103  DG  B C2    1 
ATOM   225 N  N2    . DG  B 1 3 ? 5.171   -7.550  1.226   1.00 11.51 ? 103  DG  B N2    1 
ATOM   226 N  N3    . DG  B 1 3 ? 3.288   -8.489  2.168   1.00 11.69 ? 103  DG  B N3    1 
ATOM   227 C  C4    . DG  B 1 3 ? 2.369   -9.456  1.998   1.00 11.87 ? 103  DG  B C4    1 
ATOM   228 P  P     . DT  B 1 4 ? -0.947  -6.762  7.458   1.00 18.67 ? 104  DT  B P     1 
ATOM   229 O  OP1   . DT  B 1 4 ? -0.031  -7.261  8.535   1.00 28.85 ? 104  DT  B OP1   1 
ATOM   230 O  OP2   . DT  B 1 4 ? -2.422  -6.898  7.536   1.00 21.38 ? 104  DT  B OP2   1 
ATOM   231 O  "O5'" . DT  B 1 4 ? -0.618  -5.202  7.317   1.00 18.92 ? 104  DT  B "O5'" 1 
ATOM   232 C  "C5'" . DT  B 1 4 ? 0.732   -4.700  7.356   1.00 19.50 ? 104  DT  B "C5'" 1 
ATOM   233 C  "C4'" . DT  B 1 4 ? 0.738   -3.337  6.677   1.00 16.84 ? 104  DT  B "C4'" 1 
ATOM   234 O  "O4'" . DT  B 1 4 ? 0.429   -3.488  5.260   1.00 18.21 ? 104  DT  B "O4'" 1 
ATOM   235 C  "C3'" . DT  B 1 4 ? -0.263  -2.339  7.220   1.00 16.33 ? 104  DT  B "C3'" 1 
ATOM   236 O  "O3'" . DT  B 1 4 ? 0.357   -1.068  7.281   1.00 18.30 ? 104  DT  B "O3'" 1 
ATOM   237 C  "C2'" . DT  B 1 4 ? -1.408  -2.419  6.239   1.00 15.93 ? 104  DT  B "C2'" 1 
ATOM   238 C  "C1'" . DT  B 1 4 ? -0.834  -2.709  4.908   1.00 14.55 ? 104  DT  B "C1'" 1 
ATOM   239 N  N1    . DT  B 1 4 ? -1.363  -3.646  3.917   1.00 13.43 ? 104  DT  B N1    1 
ATOM   240 C  C2    . DT  B 1 4 ? -1.041  -3.438  2.586   1.00 13.99 ? 104  DT  B C2    1 
ATOM   241 O  O2    . DT  B 1 4 ? -0.347  -2.523  2.169   1.00 14.07 ? 104  DT  B O2    1 
ATOM   242 N  N3    . DT  B 1 4 ? -1.565  -4.371  1.734   1.00 13.76 ? 104  DT  B N3    1 
ATOM   243 C  C4    . DT  B 1 4 ? -2.328  -5.473  2.050   1.00 13.60 ? 104  DT  B C4    1 
ATOM   244 O  O4    . DT  B 1 4 ? -2.706  -6.196  1.138   1.00 13.62 ? 104  DT  B O4    1 
ATOM   245 C  C5    . DT  B 1 4 ? -2.632  -5.627  3.460   1.00 13.36 ? 104  DT  B C5    1 
ATOM   246 C  C7    . DT  B 1 4 ? -3.476  -6.781  3.916   1.00 17.30 ? 104  DT  B C7    1 
ATOM   247 C  C6    . DT  B 1 4 ? -2.129  -4.712  4.301   1.00 14.38 ? 104  DT  B C6    1 
ATOM   248 P  P     . DA  B 1 5 ? -0.367  0.201   7.905   1.00 24.27 ? 105  DA  B P     1 
ATOM   249 O  OP1   . DA  B 1 5 ? 0.688   1.078   8.493   1.00 29.03 ? 105  DA  B OP1   1 
ATOM   250 O  OP2   . DA  B 1 5 ? -1.463  -0.206  8.804   1.00 35.05 ? 105  DA  B OP2   1 
ATOM   251 O  "O5'" . DA  B 1 5 ? -1.079  0.938   6.664   1.00 25.52 ? 105  DA  B "O5'" 1 
ATOM   252 C  "C5'" . DA  B 1 5 ? -0.216  1.416   5.604   1.00 24.32 ? 105  DA  B "C5'" 1 
ATOM   253 C  "C4'" . DA  B 1 5 ? -1.023  1.813   4.406   1.00 18.42 ? 105  DA  B "C4'" 1 
ATOM   254 O  "O4'" . DA  B 1 5 ? -1.467  0.600   3.729   1.00 18.75 ? 105  DA  B "O4'" 1 
ATOM   255 C  "C3'" . DA  B 1 5 ? -2.316  2.581   4.648   1.00 19.02 ? 105  DA  B "C3'" 1 
ATOM   256 O  "O3'" . DA  B 1 5 ? -2.027  3.952   4.399   1.00 20.68 ? 105  DA  B "O3'" 1 
ATOM   257 C  "C2'" . DA  B 1 5 ? -3.346  1.950   3.725   1.00 20.56 ? 105  DA  B "C2'" 1 
ATOM   258 C  "C1'" . DA  B 1 5 ? -2.532  1.026   2.868   1.00 17.67 ? 105  DA  B "C1'" 1 
ATOM   259 N  N9    . DA  B 1 5 ? -3.144  -0.220  2.412   1.00 13.74 ? 105  DA  B N9    1 
ATOM   260 C  C8    . DA  B 1 5 ? -3.028  -0.719  1.139   1.00 14.09 ? 105  DA  B C8    1 
ATOM   261 N  N7    . DA  B 1 5 ? -3.650  -1.858  0.957   1.00 13.83 ? 105  DA  B N7    1 
ATOM   262 C  C5    . DA  B 1 5 ? -4.210  -2.120  2.229   1.00 13.59 ? 105  DA  B C5    1 
ATOM   263 C  C6    . DA  B 1 5 ? -4.977  -3.192  2.649   1.00 15.38 ? 105  DA  B C6    1 
ATOM   264 N  N6    . DA  B 1 5 ? -5.290  -4.160  1.800   1.00 13.79 ? 105  DA  B N6    1 
ATOM   265 N  N1    . DA  B 1 5 ? -5.382  -3.173  3.956   1.00 18.42 ? 105  DA  B N1    1 
ATOM   266 C  C2    . DA  B 1 5 ? -5.010  -2.135  4.746   1.00 16.87 ? 105  DA  B C2    1 
ATOM   267 N  N3    . DA  B 1 5 ? -4.270  -1.069  4.438   1.00 14.56 ? 105  DA  B N3    1 
ATOM   268 C  C4    . DA  B 1 5 ? -3.904  -1.125  3.147   1.00 13.26 ? 105  DA  B C4    1 
ATOM   269 P  P     . DC  B 1 6 ? -2.784  5.066   5.246   1.00 24.59 ? 106  DC  B P     1 
ATOM   270 O  OP1   . DC  B 1 6 ? -2.309  6.411   4.810   1.00 37.03 ? 106  DC  B OP1   1 
ATOM   271 O  OP2   . DC  B 1 6 ? -2.884  4.790   6.696   1.00 40.40 ? 106  DC  B OP2   1 
ATOM   272 O  "O5'" . DC  B 1 6 ? -4.291  4.894   4.739   1.00 24.26 ? 106  DC  B "O5'" 1 
ATOM   273 C  "C5'" . DC  B 1 6 ? -5.286  5.656   5.448   1.00 23.60 ? 106  DC  B "C5'" 1 
ATOM   274 C  "C4'" . DC  B 1 6 ? -6.274  6.151   4.444   1.00 20.65 ? 106  DC  B "C4'" 1 
ATOM   275 O  "O4'" . DC  B 1 6 ? -6.970  5.053   3.791   1.00 20.28 ? 106  DC  B "O4'" 1 
ATOM   276 C  "C3'" . DC  B 1 6 ? -7.444  6.967   4.982   1.00 19.77 ? 106  DC  B "C3'" 1 
ATOM   277 O  "O3'" . DC  B 1 6 ? -6.880  8.258   5.266   1.00 30.15 ? 106  DC  B "O3'" 1 
ATOM   278 C  "C2'" . DC  B 1 6 ? -8.458  6.879   3.893   1.00 20.86 ? 106  DC  B "C2'" 1 
ATOM   279 C  "C1'" . DC  B 1 6 ? -8.190  5.591   3.180   1.00 18.88 ? 106  DC  B "C1'" 1 
ATOM   280 N  N1    . DC  B 1 6 ? -9.061  4.420   3.332   1.00 14.31 ? 106  DC  B N1    1 
ATOM   281 C  C2    . DC  B 1 6 ? -9.292  3.623   2.182   1.00 13.15 ? 106  DC  B C2    1 
ATOM   282 O  O2    . DC  B 1 6 ? -8.778  3.936   1.110   1.00 13.92 ? 106  DC  B O2    1 
ATOM   283 N  N3    . DC  B 1 6 ? -10.080 2.526   2.273   1.00 12.16 ? 106  DC  B N3    1 
ATOM   284 C  C4    . DC  B 1 6 ? -10.628 2.185   3.440   1.00 13.67 ? 106  DC  B C4    1 
ATOM   285 N  N4    . DC  B 1 6 ? -11.419 1.096   3.559   1.00 14.33 ? 106  DC  B N4    1 
ATOM   286 C  C5    . DC  B 1 6 ? -10.405 2.984   4.594   1.00 16.28 ? 106  DC  B C5    1 
ATOM   287 C  C6    . DC  B 1 6 ? -9.616  4.071   4.520   1.00 16.62 ? 106  DC  B C6    1 
ATOM   288 P  P     . DG  B 1 7 ? -7.776  9.449   5.833   1.00 24.91 ? 107  DG  B P     1 
ATOM   289 O  OP1   . DG  B 1 7 ? -6.895  10.541  6.236   1.00 38.73 ? 107  DG  B OP1   1 
ATOM   290 O  OP2   . DG  B 1 7 ? -8.899  9.012   6.662   1.00 30.12 ? 107  DG  B OP2   1 
ATOM   291 O  "O5'" . DG  B 1 7 ? -8.431  9.935   4.459   1.00 35.78 ? 107  DG  B "O5'" 1 
ATOM   292 C  "C5'" . DG  B 1 7 ? -9.657  10.614  4.530   1.00 40.50 ? 107  DG  B "C5'" 1 
ATOM   293 C  "C4'" . DG  B 1 7 ? -10.334 10.435  3.186   1.00 25.09 ? 107  DG  B "C4'" 1 
ATOM   294 O  "O4'" . DG  B 1 7 ? -10.628 9.054   3.061   1.00 19.24 ? 107  DG  B "O4'" 1 
ATOM   295 C  "C3'" . DG  B 1 7 ? -11.636 11.173  3.053   1.00 23.52 ? 107  DG  B "C3'" 1 
ATOM   296 O  "O3'" . DG  B 1 7 ? -11.758 11.964  1.888   1.00 40.46 ? 107  DG  B "O3'" 1 
ATOM   297 C  "C2'" . DG  B 1 7 ? -12.695 10.111  2.887   1.00 25.45 ? 107  DG  B "C2'" 1 
ATOM   298 C  "C1'" . DG  B 1 7 ? -11.846 8.954   2.405   1.00 14.86 ? 107  DG  B "C1'" 1 
ATOM   299 N  N9    . DG  B 1 7 ? -12.440 7.669   2.771   1.00 13.68 ? 107  DG  B N9    1 
ATOM   300 C  C8    . DG  B 1 7 ? -13.167 7.366   3.891   1.00 14.40 ? 107  DG  B C8    1 
ATOM   301 N  N7    . DG  B 1 7 ? -13.554 6.135   3.918   1.00 13.58 ? 107  DG  B N7    1 
ATOM   302 C  C5    . DG  B 1 7 ? -13.048 5.561   2.758   1.00 12.66 ? 107  DG  B C5    1 
ATOM   303 C  C6    . DG  B 1 7 ? -13.131 4.250   2.217   1.00 11.50 ? 107  DG  B C6    1 
ATOM   304 O  O6    . DG  B 1 7 ? -13.703 3.272   2.710   1.00 12.73 ? 107  DG  B O6    1 
ATOM   305 N  N1    . DG  B 1 7 ? -12.461 4.152   0.981   1.00 11.47 ? 107  DG  B N1    1 
ATOM   306 C  C2    . DG  B 1 7 ? -11.786 5.124   0.323   1.00 11.08 ? 107  DG  B C2    1 
ATOM   307 N  N2    . DG  B 1 7 ? -11.185 4.904   -0.849  1.00 11.28 ? 107  DG  B N2    1 
ATOM   308 N  N3    . DG  B 1 7 ? -11.707 6.363   0.827   1.00 12.82 ? 107  DG  B N3    1 
ATOM   309 C  C4    . DG  B 1 7 ? -12.337 6.515   2.010   1.00 12.36 ? 107  DG  B C4    1 
ATOM   310 P  P     . DT  B 1 8 ? -12.009 13.500  2.013   1.00 43.37 ? 108  DT  B P     1 
ATOM   311 O  OP1   . DT  B 1 8 ? -10.756 14.150  2.500   1.00 47.86 ? 108  DT  B OP1   1 
ATOM   312 O  OP2   . DT  B 1 8 ? -13.244 13.902  2.758   1.00 65.48 ? 108  DT  B OP2   1 
ATOM   313 O  "O5'" . DT  B 1 8 ? -12.209 13.842  0.468   1.00 49.18 ? 108  DT  B "O5'" 1 
ATOM   314 C  "C5'" . DT  B 1 8 ? -11.345 13.273  -0.536  1.00 39.77 ? 108  DT  B "C5'" 1 
ATOM   315 C  "C4'" . DT  B 1 8 ? -12.195 13.054  -1.770  1.00 26.13 ? 108  DT  B "C4'" 1 
ATOM   316 O  "O4'" . DT  B 1 8 ? -13.040 11.912  -1.524  1.00 22.99 ? 108  DT  B "O4'" 1 
ATOM   317 C  "C3'" . DT  B 1 8 ? -13.131 14.193  -2.135  1.00 37.38 ? 108  DT  B "C3'" 1 
ATOM   318 O  "O3'" . DT  B 1 8 ? -13.130 14.466  -3.539  1.00 36.94 ? 108  DT  B "O3'" 1 
ATOM   319 C  "C2'" . DT  B 1 8 ? -14.510 13.740  -1.632  1.00 34.90 ? 108  DT  B "C2'" 1 
ATOM   320 C  "C1'" . DT  B 1 8 ? -14.424 12.242  -1.800  1.00 23.64 ? 108  DT  B "C1'" 1 
ATOM   321 N  N1    . DT  B 1 8 ? -15.283 11.421  -0.913  1.00 17.10 ? 108  DT  B N1    1 
ATOM   322 C  C2    . DT  B 1 8 ? -15.923 10.334  -1.489  1.00 14.98 ? 108  DT  B C2    1 
ATOM   323 O  O2    . DT  B 1 8 ? -15.839 10.031  -2.660  1.00 15.34 ? 108  DT  B O2    1 
ATOM   324 N  N3    . DT  B 1 8 ? -16.710 9.578   -0.639  1.00 15.25 ? 108  DT  B N3    1 
ATOM   325 C  C4    . DT  B 1 8 ? -16.922 9.771   0.716   1.00 15.63 ? 108  DT  B C4    1 
ATOM   326 O  O4    . DT  B 1 8 ? -17.644 9.003   1.318   1.00 15.20 ? 108  DT  B O4    1 
ATOM   327 C  C5    . DT  B 1 8 ? -16.201 10.930  1.253   1.00 18.97 ? 108  DT  B C5    1 
ATOM   328 C  C7    . DT  B 1 8 ? -16.323 11.264  2.719   1.00 23.79 ? 108  DT  B C7    1 
ATOM   329 C  C6    . DT  B 1 8 ? -15.436 11.664  0.424   1.00 19.09 ? 108  DT  B C6    1 
HETATM 330 N  N     . DSN C 2 1 ? -13.006 7.791   -1.883  1.00 12.37 ? 1    DSN C N     1 
HETATM 331 C  CA    . DSN C 2 1 ? -12.358 8.972   -2.442  1.00 13.55 ? 1    DSN C CA    1 
HETATM 332 C  C     . DSN C 2 1 ? -10.846 9.010   -2.204  1.00 15.49 ? 1    DSN C C     1 
HETATM 333 O  O     . DSN C 2 1 ? -10.129 9.638   -2.982  1.00 16.85 ? 1    DSN C O     1 
HETATM 334 C  CB    . DSN C 2 1 ? -12.591 9.032   -3.963  1.00 14.16 ? 1    DSN C CB    1 
HETATM 335 O  OG    . DSN C 2 1 ? -12.280 7.724   -4.483  1.00 14.27 ? 1    DSN C OG    1 
ATOM   336 N  N     . ALA C 2 2 ? -10.351 8.352   -1.142  1.00 15.33 ? 2    ALA C N     1 
ATOM   337 C  CA    . ALA C 2 2 ? -8.944  8.338   -0.870  1.00 14.70 ? 2    ALA C CA    1 
ATOM   338 C  C     . ALA C 2 2 ? -8.247  7.389   -1.862  1.00 14.17 ? 2    ALA C C     1 
ATOM   339 O  O     . ALA C 2 2 ? -8.913  6.472   -2.343  1.00 14.30 ? 2    ALA C O     1 
ATOM   340 C  CB    . ALA C 2 2 ? -8.689  7.832   0.569   1.00 15.40 ? 2    ALA C CB    1 
HETATM 341 N  N     A N2C C 2 3 ? -6.953  7.584   -2.103  0.56 15.98 ? 3    N2C C N     1 
HETATM 342 C  CA    A N2C C 2 3 ? -6.295  6.684   -3.031  0.56 16.66 ? 3    N2C C CA    1 
HETATM 343 C  CB    A N2C C 2 3 ? -6.004  7.443   -4.367  0.56 17.99 ? 3    N2C C CB    1 
HETATM 344 S  SG    A N2C C 2 3 ? -7.275  8.713   -4.733  0.56 49.43 ? 3    N2C C SG    1 
HETATM 345 C  CN    A N2C C 2 3 ? -6.193  8.724   -1.583  0.56 19.36 ? 3    N2C C CN    1 
HETATM 346 C  C     A N2C C 2 3 ? -5.005  6.107   -2.475  0.56 15.93 ? 3    N2C C C     1 
HETATM 347 O  O     A N2C C 2 3 ? -3.930  6.487   -2.923  0.56 22.43 ? 3    N2C C O     1 
HETATM 348 N  N     B NCY C 2 3 ? -6.953  7.584   -2.103  0.44 15.98 ? 3    NCY C N     1 
HETATM 349 C  CA    B NCY C 2 3 ? -6.277  6.717   -3.087  0.44 15.70 ? 3    NCY C CA    1 
HETATM 350 C  CB    B NCY C 2 3 ? -5.949  7.483   -4.291  0.44 24.17 ? 3    NCY C CB    1 
HETATM 351 S  SG    B NCY C 2 3 ? -7.263  7.887   -5.497  0.44 19.74 ? 3    NCY C SG    1 
HETATM 352 C  CN    B NCY C 2 3 ? -6.193  8.724   -1.583  0.44 19.36 ? 3    NCY C CN    1 
HETATM 353 C  C     B NCY C 2 3 ? -5.005  6.107   -2.475  0.44 15.93 ? 3    NCY C C     1 
HETATM 354 O  O     B NCY C 2 3 ? -3.930  6.487   -2.923  0.44 22.43 ? 3    NCY C O     1 
HETATM 355 N  N     . MVA C 2 4 ? -5.081  5.206   -1.511  1.00 14.78 ? 4    MVA C N     1 
HETATM 356 C  CN    . MVA C 2 4 ? -6.352  4.665   -0.970  1.00 14.98 ? 4    MVA C CN    1 
HETATM 357 C  CA    . MVA C 2 4 ? -3.844  4.706   -0.906  1.00 17.98 ? 4    MVA C CA    1 
HETATM 358 C  CB    . MVA C 2 4 ? -3.757  4.902   0.617   1.00 19.46 ? 4    MVA C CB    1 
HETATM 359 C  CG1   . MVA C 2 4 ? -2.321  4.567   1.087   1.00 24.14 ? 4    MVA C CG1   1 
HETATM 360 C  CG2   . MVA C 2 4 ? -4.162  6.322   0.968   1.00 30.60 ? 4    MVA C CG2   1 
HETATM 361 C  C     . MVA C 2 4 ? -3.702  3.206   -1.140  1.00 19.04 ? 4    MVA C C     1 
HETATM 362 O  O     . MVA C 2 4 ? -3.406  2.357   -0.325  1.00 22.23 ? 4    MVA C O     1 
HETATM 363 N  N     . DSN C 2 5 ? -5.686  0.630   -1.849  1.00 11.77 ? 5    DSN C N     1 
HETATM 364 C  CA    . DSN C 2 5 ? -4.955  0.780   -3.108  1.00 12.63 ? 5    DSN C CA    1 
HETATM 365 C  C     . DSN C 2 5 ? -5.788  1.371   -4.238  1.00 13.37 ? 5    DSN C C     1 
HETATM 366 O  O     . DSN C 2 5 ? -5.209  1.990   -5.163  1.00 15.54 ? 5    DSN C O     1 
HETATM 367 C  CB    . DSN C 2 5 ? -3.700  1.571   -2.870  1.00 14.30 ? 5    DSN C CB    1 
HETATM 368 O  OG    . DSN C 2 5 ? -3.998  2.883   -2.373  1.00 15.53 ? 5    DSN C OG    1 
ATOM   369 N  N     . ALA C 2 6 ? -7.075  1.173   -4.242  1.00 12.51 ? 6    ALA C N     1 
ATOM   370 C  CA    . ALA C 2 6 ? -7.967  1.776   -5.253  1.00 12.16 ? 6    ALA C CA    1 
ATOM   371 C  C     . ALA C 2 6 ? -8.059  3.264   -4.999  1.00 12.71 ? 6    ALA C C     1 
ATOM   372 O  O     . ALA C 2 6 ? -7.842  3.687   -3.850  1.00 13.03 ? 6    ALA C O     1 
ATOM   373 C  CB    . ALA C 2 6 ? -9.333  1.101   -5.168  1.00 13.42 ? 6    ALA C CB    1 
HETATM 374 N  N     A NCY C 2 7 ? -8.451  4.058   -6.000  0.56 14.33 ? 7    NCY C N     1 
HETATM 375 C  CA    A NCY C 2 7 ? -8.574  5.504   -5.787  0.56 16.59 ? 7    NCY C CA    1 
HETATM 376 C  CB    A NCY C 2 7 ? -7.491  6.207   -6.484  0.56 19.26 ? 7    NCY C CB    1 
HETATM 377 S  SG    A NCY C 2 7 ? -5.848  6.193   -5.663  0.56 19.27 ? 7    NCY C SG    1 
HETATM 378 C  CN    A NCY C 2 7 ? -8.729  3.591   -7.384  0.56 15.56 ? 7    NCY C CN    1 
HETATM 379 C  C     A NCY C 2 7 ? -9.957  5.987   -6.234  0.56 14.73 ? 7    NCY C C     1 
HETATM 380 O  O     A NCY C 2 7 ? -10.069 6.766   -7.189  0.56 18.11 ? 7    NCY C O     1 
HETATM 381 N  N     B N2C C 2 7 ? -8.451  4.058   -6.000  0.44 14.33 ? 7    N2C C N     1 
HETATM 382 C  CA    B N2C C 2 7 ? -8.618  5.478   -5.740  0.44 16.59 ? 7    N2C C CA    1 
HETATM 383 C  CB    B N2C C 2 7 ? -7.485  6.328   -6.400  0.44 21.86 ? 7    N2C C CB    1 
HETATM 384 S  SG    B N2C C 2 7 ? -5.958  5.310   -6.511  0.44 21.61 ? 7    N2C C SG    1 
HETATM 385 C  CN    B N2C C 2 7 ? -8.729  3.591   -7.384  0.44 15.56 ? 7    N2C C CN    1 
HETATM 386 C  C     B N2C C 2 7 ? -9.957  5.987   -6.234  0.44 14.73 ? 7    N2C C C     1 
HETATM 387 O  O     B N2C C 2 7 ? -10.069 6.766   -7.189  0.44 18.11 ? 7    N2C C O     1 
HETATM 388 N  N     . MVA C 2 8 ? -11.047 5.566   -5.579  1.00 12.53 ? 8    MVA C N     1 
HETATM 389 C  CN    . MVA C 2 8 ? -10.965 4.880   -4.250  1.00 14.70 ? 8    MVA C CN    1 
HETATM 390 C  CA    . MVA C 2 8 ? -12.327 6.013   -6.117  1.00 14.03 ? 8    MVA C CA    1 
HETATM 391 C  CB    . MVA C 2 8 ? -13.505 5.111   -5.694  1.00 15.81 ? 8    MVA C CB    1 
HETATM 392 C  CG1   . MVA C 2 8 ? -14.861 5.634   -6.181  1.00 18.42 ? 8    MVA C CG1   1 
HETATM 393 C  CG2   . MVA C 2 8 ? -13.365 3.703   -6.219  1.00 21.07 ? 8    MVA C CG2   1 
HETATM 394 C  C     . MVA C 2 8 ? -12.567 7.459   -5.728  1.00 14.95 ? 8    MVA C C     1 
HETATM 395 O  O     . MVA C 2 8 ? -13.053 8.285   -6.435  1.00 19.06 ? 8    MVA C O     1 
HETATM 396 N  N     . DSN D 2 1 ? 2.601   -5.236  1.837   1.00 12.33 ? 1    DSN D N     1 
HETATM 397 C  CA    . DSN D 2 1 ? 2.513   -4.437  3.059   1.00 13.34 ? 1    DSN D CA    1 
HETATM 398 C  C     . DSN D 2 1 ? 3.350   -5.000  4.187   1.00 15.06 ? 1    DSN D C     1 
HETATM 399 O  O     . DSN D 2 1 ? 3.708   -4.207  5.082   1.00 16.49 ? 1    DSN D O     1 
HETATM 400 C  CB    . DSN D 2 1 ? 2.820   -2.955  2.822   1.00 13.76 ? 1    DSN D CB    1 
HETATM 401 O  OG    . DSN D 2 1 ? 4.146   -2.758  2.326   1.00 13.70 ? 1    DSN D OG    1 
ATOM   402 N  N     . ALA D 2 2 ? 3.628   -6.318  4.213   1.00 13.63 ? 2    ALA D N     1 
ATOM   403 C  CA    . ALA D 2 2 ? 4.517   -6.833  5.239   1.00 13.60 ? 2    ALA D CA    1 
ATOM   404 C  C     . ALA D 2 2 ? 5.925   -6.359  4.981   1.00 13.07 ? 2    ALA D C     1 
ATOM   405 O  O     . ALA D 2 2 ? 6.272   -6.062  3.869   1.00 14.01 ? 2    ALA D O     1 
ATOM   406 C  CB    . ALA D 2 2 ? 4.451   -8.352  5.239   1.00 16.40 ? 2    ALA D CB    1 
HETATM 407 N  N     A N2C D 2 3 ? 6.800   -6.384  6.000   0.50 14.94 ? 3    N2C D N     1 
HETATM 408 C  CA    A N2C D 2 3 ? 8.149   -5.937  5.737   0.50 15.39 ? 3    N2C D CA    1 
HETATM 409 C  CB    A N2C D 2 3 ? 8.396   -4.489  6.281   0.50 19.50 ? 3    N2C D CB    1 
HETATM 410 S  SG    A N2C D 2 3 ? 6.915   -3.451  6.123   0.50 23.21 ? 3    N2C D SG    1 
HETATM 411 C  CD    A N2C D 2 3 ? 7.591   -1.964  6.871   0.50 38.21 ? 3    N2C D CD    1 
HETATM 412 C  CN    A N2C D 2 3 ? 6.399   -6.699  7.403   0.50 24.20 ? 3    N2C D CN    1 
HETATM 413 C  C     A N2C D 2 3 ? 9.171   -6.861  6.374   0.50 16.40 ? 3    N2C D C     1 
HETATM 414 O  O     A N2C D 2 3 ? 9.841   -6.548  7.351   0.50 21.01 ? 3    N2C D O     1 
HETATM 415 N  N     B NCY D 2 3 ? 6.800   -6.384  6.000   0.50 14.94 ? 3    NCY D N     1 
HETATM 416 C  CA    B NCY D 2 3 ? 8.152   -5.848  5.832   0.50 16.42 ? 3    NCY D CA    1 
HETATM 417 C  CB    B NCY D 2 3 ? 8.203   -4.548  6.531   0.50 19.67 ? 3    NCY D CB    1 
HETATM 418 S  SG    B NCY D 2 3 ? 7.700   -3.092  5.546   0.50 17.28 ? 3    NCY D SG    1 
HETATM 419 C  CN    B NCY D 2 3 ? 6.399   -6.699  7.403   0.50 24.20 ? 3    NCY D CN    1 
HETATM 420 C  C     B NCY D 2 3 ? 9.171   -6.861  6.374   0.50 16.40 ? 3    NCY D C     1 
HETATM 421 O  O     B NCY D 2 3 ? 9.841   -6.548  7.351   0.50 21.01 ? 3    NCY D O     1 
HETATM 422 N  N     . MVA D 2 4 ? 9.326   -8.071  5.805   1.00 14.88 ? 4    MVA D N     1 
HETATM 423 C  CN    . MVA D 2 4 ? 8.601   -8.445  4.566   1.00 17.64 ? 4    MVA D CN    1 
HETATM 424 C  CA    . MVA D 2 4 ? 10.267  -8.981  6.432   1.00 16.78 ? 4    MVA D CA    1 
HETATM 425 C  CB    . MVA D 2 4 ? 9.536   -10.153 7.096   1.00 24.08 ? 4    MVA D CB    1 
HETATM 426 C  CG1   . MVA D 2 4 ? 10.346  -10.652 8.312   1.00 30.69 ? 4    MVA D CG1   1 
HETATM 427 C  CG2   . MVA D 2 4 ? 8.160   -9.823  7.645   1.00 32.93 ? 4    MVA D CG2   1 
HETATM 428 C  C     . MVA D 2 4 ? 11.356  -9.412  5.447   1.00 17.08 ? 4    MVA D C     1 
HETATM 429 O  O     . MVA D 2 4 ? 11.645  -10.552 5.215   1.00 23.76 ? 4    MVA D O     1 
HETATM 430 N  N     . DSN D 2 5 ? 11.908  -9.414  2.081   1.00 14.18 ? 5    DSN D N     1 
HETATM 431 C  CA    . DSN D 2 5 ? 12.815  -8.390  2.525   1.00 15.10 ? 5    DSN D CA    1 
HETATM 432 C  C     . DSN D 2 5 ? 12.327  -6.960  2.279   1.00 13.54 ? 5    DSN D C     1 
HETATM 433 O  O     . DSN D 2 5 ? 12.714  -6.016  2.993   1.00 17.59 ? 5    DSN D O     1 
HETATM 434 C  CB    . DSN D 2 5 ? 13.112  -8.546  4.034   1.00 16.63 ? 5    DSN D CB    1 
HETATM 435 O  OG    . DSN D 2 5 ? 11.909  -8.413  4.792   1.00 18.65 ? 5    DSN D OG    1 
ATOM   436 N  N     . ALA D 2 6 ? 11.541  -6.767  1.249   1.00 12.15 ? 6    ALA D N     1 
ATOM   437 C  CA    . ALA D 2 6 ? 11.007  -5.472  0.881   1.00 13.24 ? 6    ALA D CA    1 
ATOM   438 C  C     . ALA D 2 6 ? 9.848   -5.139  1.833   1.00 14.12 ? 6    ALA D C     1 
ATOM   439 O  O     . ALA D 2 6 ? 9.241   -6.026  2.397   1.00 14.21 ? 6    ALA D O     1 
ATOM   440 C  CB    . ALA D 2 6 ? 10.568  -5.445  -0.582  1.00 15.96 ? 6    ALA D CB    1 
HETATM 441 N  N     A NCY D 2 7 ? 9.529   -3.865  2.004   0.50 15.58 ? 7    NCY D N     1 
HETATM 442 C  CA    A NCY D 2 7 ? 8.519   -3.450  2.994   0.50 15.48 ? 7    NCY D CA    1 
HETATM 443 C  CB    A NCY D 2 7 ? 9.193   -2.777  4.115   0.50 18.70 ? 7    NCY D CB    1 
HETATM 444 S  SG    A NCY D 2 7 ? 9.853   -3.805  5.461   0.50 19.59 ? 7    NCY D SG    1 
HETATM 445 C  CN    A NCY D 2 7 ? 10.261  -2.764  1.317   0.50 19.48 ? 7    NCY D CN    1 
HETATM 446 C  C     A NCY D 2 7 ? 7.479   -2.538  2.341   0.50 14.76 ? 7    NCY D C     1 
HETATM 447 O  O     A NCY D 2 7 ? 7.391   -1.371  2.729   0.50 21.06 ? 7    NCY D O     1 
HETATM 448 N  N     B N2C D 2 7 ? 9.529   -3.865  2.004   0.50 15.58 ? 7    N2C D N     1 
HETATM 449 C  CA    B N2C D 2 7 ? 8.449   -3.546  2.925   0.50 14.49 ? 7    N2C D CA    1 
HETATM 450 C  CB    B N2C D 2 7 ? 8.992   -2.997  4.285   0.50 17.68 ? 7    N2C D CB    1 
HETATM 451 S  SG    B N2C D 2 7 ? 10.568  -3.778  4.728   0.50 20.67 ? 7    N2C D SG    1 
HETATM 452 C  CD    B N2C D 2 7 ? 10.938  -2.752  6.150   0.50 26.44 ? 7    N2C D CD    1 
HETATM 453 C  CN    B N2C D 2 7 ? 10.261  -2.764  1.317   0.50 19.48 ? 7    N2C D CN    1 
HETATM 454 C  C     B N2C D 2 7 ? 7.479   -2.538  2.341   0.50 14.76 ? 7    N2C D C     1 
HETATM 455 O  O     B N2C D 2 7 ? 7.391   -1.371  2.729   0.50 21.06 ? 7    N2C D O     1 
HETATM 456 N  N     . MVA D 2 8 ? 6.700   -3.000  1.374   1.00 13.59 ? 8    MVA D N     1 
HETATM 457 C  CN    . MVA D 2 8 ? 6.673   -4.427  0.956   1.00 14.24 ? 8    MVA D CN    1 
HETATM 458 C  CA    . MVA D 2 8 ? 5.770   -2.073  0.717   1.00 13.72 ? 8    MVA D CA    1 
HETATM 459 C  CB    . MVA D 2 8 ? 6.032   -1.901  -0.783  1.00 14.92 ? 8    MVA D CB    1 
HETATM 460 C  CG1   . MVA D 2 8 ? 5.280   -0.620  -1.209  1.00 17.31 ? 8    MVA D CG1   1 
HETATM 461 C  CG2   . MVA D 2 8 ? 7.528   -1.852  -1.092  1.00 19.32 ? 8    MVA D CG2   1 
HETATM 462 C  C     . MVA D 2 8 ? 4.351   -2.499  1.047   1.00 13.41 ? 8    MVA D C     1 
HETATM 463 O  O     . MVA D 2 8 ? 3.443   -2.554  0.219   1.00 15.92 ? 8    MVA D O     1 
HETATM 464 MN MN    . MN  E 3 . ? -11.241 -4.179  0.975   0.50 19.13 ? 401  MN  A MN    1 
HETATM 465 C  C1    . PEG F 4 . ? -2.409  -9.320  0.760   1.00 25.90 ? 301  PEG B C1    1 
HETATM 466 O  O1    . PEG F 4 . ? -3.504  -8.732  1.454   1.00 30.01 ? 301  PEG B O1    1 
HETATM 467 C  C2    . PEG F 4 . ? -2.619  -10.785 0.615   1.00 35.26 ? 301  PEG B C2    1 
HETATM 468 O  O2    . PEG F 4 . ? -2.543  -11.416 1.916   1.00 22.19 ? 301  PEG B O2    1 
HETATM 469 C  C3    . PEG F 4 . ? -2.847  -12.824 1.866   1.00 27.48 ? 301  PEG B C3    1 
HETATM 470 C  C4    . PEG F 4 . ? -2.525  -13.412 3.161   1.00 25.24 ? 301  PEG B C4    1 
HETATM 471 O  O4    . PEG F 4 . ? -1.144  -13.333 3.528   1.00 48.02 ? 301  PEG B O4    1 
HETATM 472 MN MN    . MN  G 3 . ? -15.242 5.464   5.327   1.00 12.89 ? 401  MN  B MN    1 
HETATM 473 N  N1    . QUI H 5 . ? -14.558 5.632   -1.511  1.00 10.75 ? 0    QUI C N1    1 
HETATM 474 C  C2    . QUI H 5 . ? -14.566 6.571   -0.590  1.00 11.18 ? 0    QUI C C2    1 
HETATM 475 C  C3    . QUI H 5 . ? -15.280 6.406   0.619   1.00 12.00 ? 0    QUI C C3    1 
HETATM 476 N  N4    . QUI H 5 . ? -15.886 5.296   0.953   1.00 12.13 ? 0    QUI C N4    1 
HETATM 477 C  C5    . QUI H 5 . ? -16.654 3.129   0.230   1.00 12.12 ? 0    QUI C C5    1 
HETATM 478 C  C6    . QUI H 5 . ? -16.705 2.156   -0.740  1.00 12.88 ? 0    QUI C C6    1 
HETATM 479 C  C7    . QUI H 5 . ? -16.046 2.343   -1.973  1.00 11.43 ? 0    QUI C C7    1 
HETATM 480 C  C8    . QUI H 5 . ? -15.340 3.485   -2.235  1.00 11.52 ? 0    QUI C C8    1 
HETATM 481 C  C9    . QUI H 5 . ? -15.273 4.501   -1.265  1.00 11.18 ? 0    QUI C C9    1 
HETATM 482 C  C10   . QUI H 5 . ? -15.926 4.311   -0.014  1.00 11.87 ? 0    QUI C C10   1 
HETATM 483 C  C     . QUI H 5 . ? -13.800 7.839   -0.791  1.00 12.06 ? 0    QUI C C     1 
HETATM 484 O  O1    . QUI H 5 . ? -13.859 8.778   -0.018  1.00 13.32 ? 0    QUI C O1    1 
HETATM 485 N  N1    . QUI I 5 . ? -6.430  0.539   0.714   1.00 11.96 ? 9    QUI C N1    1 
HETATM 486 C  C2    . QUI I 5 . ? -6.601  -0.566  -0.007  1.00 11.57 ? 9    QUI C C2    1 
HETATM 487 C  C3    . QUI I 5 . ? -7.249  -1.700  0.538   1.00 12.25 ? 9    QUI C C3    1 
HETATM 488 N  N4    . QUI I 5 . ? -7.757  -1.716  1.741   1.00 12.75 ? 9    QUI C N4    1 
HETATM 489 C  C5    . QUI I 5 . ? -8.057  -0.592  3.851   1.00 14.03 ? 9    QUI C C5    1 
HETATM 490 C  C6    . QUI I 5 . ? -7.859  0.504   4.637   1.00 13.67 ? 9    QUI C C6    1 
HETATM 491 C  C7    . QUI I 5 . ? -7.244  1.649   4.084   1.00 14.69 ? 9    QUI C C7    1 
HETATM 492 C  C8    . QUI I 5 . ? -6.772  1.643   2.806   1.00 12.96 ? 9    QUI C C8    1 
HETATM 493 C  C9    . QUI I 5 . ? -6.933  0.517   1.972   1.00 11.97 ? 9    QUI C C9    1 
HETATM 494 C  C10   . QUI I 5 . ? -7.591  -0.611  2.506   1.00 12.16 ? 9    QUI C C10   1 
HETATM 495 C  C     . QUI I 5 . ? -6.107  -0.574  -1.405  1.00 11.24 ? 9    QUI C C     1 
HETATM 496 O  O1    . QUI I 5 . ? -6.096  -1.579  -2.133  1.00 11.82 ? 9    QUI C O1    1 
HETATM 497 N  N1    . QUI J 5 . ? 2.762   -6.058  -0.646  1.00 11.29 ? 0    QUI D N1    1 
HETATM 498 C  C2    . QUI J 5 . ? 1.787   -6.593  0.078   1.00 11.13 ? 0    QUI D C2    1 
HETATM 499 C  C3    . QUI J 5 . ? 0.950   -7.624  -0.430  1.00 11.36 ? 0    QUI D C3    1 
HETATM 500 N  N4    . QUI J 5 . ? 1.089   -8.133  -1.621  1.00 11.72 ? 0    QUI D N4    1 
HETATM 501 C  C5    . QUI J 5 . ? 2.241   -8.089  -3.723  1.00 12.05 ? 0    QUI D C5    1 
HETATM 502 C  C6    . QUI J 5 . ? 3.213   -7.554  -4.539  1.00 12.57 ? 0    QUI D C6    1 
HETATM 503 C  C7    . QUI J 5 . ? 4.053   -6.524  -4.048  1.00 12.28 ? 0    QUI D C7    1 
HETATM 504 C  C8    . QUI J 5 . ? 3.902   -6.057  -2.762  1.00 11.80 ? 0    QUI D C8    1 
HETATM 505 C  C9    . QUI J 5 . ? 2.880   -6.551  -1.912  1.00 10.63 ? 0    QUI D C9    1 
HETATM 506 C  C10   . QUI J 5 . ? 2.067   -7.591  -2.412  1.00 11.09 ? 0    QUI D C10   1 
HETATM 507 C  C     . QUI J 5 . ? 1.598   -6.073  1.451   1.00 12.15 ? 0    QUI D C     1 
HETATM 508 O  O1    . QUI J 5 . ? 0.644   -6.407  2.167   1.00 12.85 ? 0    QUI D O1    1 
HETATM 509 N  N1    . QUI K 5 . ? 10.464  -11.633 1.828   1.00 13.49 ? 9    QUI D N1    1 
HETATM 510 C  C2    . QUI K 5 . ? 11.258  -11.347 0.815   1.00 13.51 ? 9    QUI D C2    1 
HETATM 511 C  C3    . QUI K 5 . ? 11.323  -12.157 -0.346  1.00 14.04 ? 9    QUI D C3    1 
HETATM 512 N  N4    . QUI K 5 . ? 10.544  -13.208 -0.529  1.00 14.54 ? 9    QUI D N4    1 
HETATM 513 C  C5    . QUI K 5 . ? 8.964   -14.699 0.508   1.00 16.00 ? 9    QUI D C5    1 
HETATM 514 C  C6    . QUI K 5 . ? 8.151   -15.039 1.562   1.00 18.15 ? 9    QUI D C6    1 
HETATM 515 C  C7    . QUI K 5 . ? 8.132   -14.247 2.729   1.00 21.53 ? 9    QUI D C7    1 
HETATM 516 C  C8    . QUI K 5 . ? 8.867   -13.093 2.778   1.00 16.74 ? 9    QUI D C8    1 
HETATM 517 C  C9    . QUI K 5 . ? 9.698   -12.732 1.705   1.00 13.17 ? 9    QUI D C9    1 
HETATM 518 C  C10   . QUI K 5 . ? 9.780   -13.548 0.552   1.00 13.55 ? 9    QUI D C10   1 
HETATM 519 C  C     . QUI K 5 . ? 12.156  -10.172 0.978   1.00 12.69 ? 9    QUI D C     1 
HETATM 520 O  O1    . QUI K 5 . ? 12.991  -9.838  0.122   1.00 13.93 ? 9    QUI D O1    1 
HETATM 521 O  O     . HOH L 6 . ? -22.954 1.486   -2.907  1.00 22.51 ? 2001 HOH A O     1 
HETATM 522 O  O     . HOH L 6 . ? -20.725 3.531   0.652   0.50 24.10 ? 2002 HOH A O     1 
HETATM 523 O  O     . HOH L 6 . ? -19.731 6.019   3.034   1.00 24.82 ? 2003 HOH A O     1 
HETATM 524 O  O     . HOH L 6 . ? -9.839  -6.510  -3.053  0.50 16.34 ? 2004 HOH A O     1 
HETATM 525 O  O     . HOH L 6 . ? 4.393   -6.464  -7.507  1.00 25.04 ? 2005 HOH A O     1 
HETATM 526 O  O     . HOH L 6 . ? -17.863 -2.607  -6.757  1.00 14.95 ? 2006 HOH A O     1 
HETATM 527 O  O     . HOH L 6 . ? -19.922 -0.423  -9.091  1.00 14.54 ? 2007 HOH A O     1 
HETATM 528 O  O     . HOH L 6 . ? -15.609 -3.891  -5.954  1.00 14.72 ? 2008 HOH A O     1 
HETATM 529 O  O     . HOH L 6 . ? -14.770 -4.522  -9.372  1.00 19.65 ? 2009 HOH A O     1 
HETATM 530 O  O     . HOH L 6 . ? -7.854  -0.117  -8.372  1.00 27.13 ? 2010 HOH A O     1 
HETATM 531 O  O     . HOH L 6 . ? -0.119  0.873   -1.718  1.00 35.76 ? 2011 HOH A O     1 
HETATM 532 O  O     A HOH L 6 . ? -7.669  -4.381  -10.232 0.44 11.36 ? 2012 HOH A O     1 
HETATM 533 O  O     B HOH L 6 . ? -6.278  -6.907  -8.722  0.56 29.76 ? 2013 HOH A O     1 
HETATM 534 O  O     . HOH L 6 . ? -7.360  -5.945  -0.812  1.00 32.30 ? 2014 HOH A O     1 
HETATM 535 O  O     . HOH L 6 . ? -2.979  -5.467  -7.465  1.00 21.67 ? 2015 HOH A O     1 
HETATM 536 O  O     . HOH L 6 . ? 2.345   -4.836  -6.560  1.00 26.99 ? 2016 HOH A O     1 
HETATM 537 O  O     . HOH L 6 . ? 0.000   -4.453  -7.986  1.00 39.54 ? 2017 HOH A O     1 
HETATM 538 O  O     . HOH L 6 . ? -1.366  -2.322  -10.728 1.00 31.44 ? 2018 HOH A O     1 
HETATM 539 O  O     . HOH L 6 . ? 1.632   3.208   -8.984  1.00 34.90 ? 2019 HOH A O     1 
HETATM 540 O  O     . HOH L 6 . ? 8.256   -0.304  -7.835  1.00 22.51 ? 2020 HOH A O     1 
HETATM 541 O  O     . HOH L 6 . ? 5.408   -12.317 -5.913  1.00 25.49 ? 2021 HOH A O     1 
HETATM 542 O  O     . HOH L 6 . ? 14.380  -2.945  -6.872  1.00 38.24 ? 2022 HOH A O     1 
HETATM 543 O  O     . HOH L 6 . ? 7.310   -7.246  -7.876  1.00 21.65 ? 2023 HOH A O     1 
HETATM 544 O  O     . HOH L 6 . ? 11.634  -9.502  -7.269  1.00 30.73 ? 2024 HOH A O     1 
HETATM 545 O  O     . HOH L 6 . ? 17.575  -4.991  -5.721  1.00 41.62 ? 2025 HOH A O     1 
HETATM 546 O  O     . HOH L 6 . ? 13.948  -10.328 -5.962  1.00 20.33 ? 2026 HOH A O     1 
HETATM 547 O  O     . HOH L 6 . ? 20.514  -7.509  -4.733  1.00 16.51 ? 2027 HOH A O     1 
HETATM 548 O  O     . HOH L 6 . ? 21.510  -7.562  -2.045  1.00 23.39 ? 2028 HOH A O     1 
HETATM 549 O  O     . HOH L 6 . ? -12.069 -2.650  2.693   1.00 34.41 ? 2029 HOH A O     1 
HETATM 550 O  O     . HOH L 6 . ? -9.174  -4.183  2.160   1.00 30.89 ? 2030 HOH A O     1 
HETATM 551 O  O     . HOH M 6 . ? 0.860   0.013   0.962   1.00 41.00 ? 2001 HOH B O     1 
HETATM 552 O  O     . HOH M 6 . ? -4.364  -8.392  7.115   0.50 25.64 ? 2002 HOH B O     1 
HETATM 553 O  O     . HOH M 6 . ? -4.075  -4.779  7.549   1.00 33.03 ? 2003 HOH B O     1 
HETATM 554 O  O     . HOH M 6 . ? 2.841   -7.317  8.496   1.00 25.20 ? 2004 HOH B O     1 
HETATM 555 O  O     . HOH M 6 . ? -7.225  -6.306  2.597   1.00 30.56 ? 2005 HOH B O     1 
HETATM 556 O  O     . HOH M 6 . ? -6.532  -5.052  5.575   1.00 27.93 ? 2006 HOH B O     1 
HETATM 557 O  O     . HOH M 6 . ? -4.263  0.376   7.028   1.00 30.42 ? 2007 HOH B O     1 
HETATM 558 O  O     . HOH M 6 . ? -9.736  8.252   9.123   0.50 16.60 ? 2008 HOH B O     1 
HETATM 559 O  O     . HOH M 6 . ? -18.228 8.301   3.871   1.00 17.31 ? 2009 HOH B O     1 
HETATM 560 O  O     . HOH M 6 . ? -5.257  -9.950  -1.197  1.00 24.39 ? 2010 HOH B O     1 
HETATM 561 O  O     . HOH M 6 . ? -16.042 7.478   5.173   1.00 15.86 ? 2011 HOH B O     1 
HETATM 562 O  O     . HOH M 6 . ? -14.032 6.289   6.917   1.00 16.06 ? 2012 HOH B O     1 
HETATM 563 O  O     . HOH M 6 . ? -14.254 3.508   5.307   1.00 15.46 ? 2013 HOH B O     1 
HETATM 564 O  O     . HOH M 6 . ? -16.486 4.869   3.628   1.00 14.91 ? 2014 HOH B O     1 
HETATM 565 O  O     . HOH N 6 . ? -5.229  2.315   -8.018  1.00 42.09 ? 2001 HOH C O     1 
# 
loop_
_atom_site_anisotrop.id 
_atom_site_anisotrop.type_symbol 
_atom_site_anisotrop.pdbx_label_atom_id 
_atom_site_anisotrop.pdbx_label_alt_id 
_atom_site_anisotrop.pdbx_label_comp_id 
_atom_site_anisotrop.pdbx_label_asym_id 
_atom_site_anisotrop.pdbx_label_seq_id 
_atom_site_anisotrop.pdbx_PDB_ins_code 
_atom_site_anisotrop.U[1][1] 
_atom_site_anisotrop.U[2][2] 
_atom_site_anisotrop.U[3][3] 
_atom_site_anisotrop.U[1][2] 
_atom_site_anisotrop.U[1][3] 
_atom_site_anisotrop.U[2][3] 
_atom_site_anisotrop.pdbx_auth_seq_id 
_atom_site_anisotrop.pdbx_auth_comp_id 
_atom_site_anisotrop.pdbx_auth_asym_id 
_atom_site_anisotrop.pdbx_auth_atom_id 
1   O  "O5'" . DA  A 1 ? 0.1786 0.1848 0.1777 0.0449  -0.0391 -0.0264 1    DA  A "O5'" 
2   C  "C5'" . DA  A 1 ? 0.1263 0.1667 0.1802 0.0670  -0.0427 -0.0335 1    DA  A "C5'" 
3   C  "C4'" . DA  A 1 ? 0.1370 0.1607 0.1757 0.0556  -0.0385 -0.0252 1    DA  A "C4'" 
4   O  "O4'" . DA  A 1 ? 0.1267 0.1763 0.1993 0.0768  -0.0538 -0.0357 1    DA  A "O4'" 
5   C  "C3'" . DA  A 1 ? 0.1317 0.1407 0.1868 0.0432  -0.0427 -0.0075 1    DA  A "C3'" 
6   O  "O3'" . DA  A 1 ? 0.1387 0.2101 0.1885 0.0551  -0.0259 -0.0023 1    DA  A "O3'" 
7   C  "C2'" . DA  A 1 ? 0.1224 0.1706 0.1799 0.0665  -0.0330 -0.0086 1    DA  A "C2'" 
8   C  "C1'" . DA  A 1 ? 0.1269 0.1747 0.1653 0.0714  -0.0408 -0.0138 1    DA  A "C1'" 
9   N  N9    . DA  A 1 ? 0.1312 0.1897 0.1690 0.0695  -0.0440 -0.0353 1    DA  A N9    
10  C  C8    . DA  A 1 ? 0.1504 0.1832 0.1875 0.0654  -0.0379 -0.0225 1    DA  A C8    
11  N  N7    . DA  A 1 ? 0.1279 0.2171 0.1862 0.0656  -0.0285 -0.0258 1    DA  A N7    
12  C  C5    . DA  A 1 ? 0.1089 0.2284 0.1719 0.0674  -0.0384 -0.0202 1    DA  A C5    
13  C  C6    . DA  A 1 ? 0.1333 0.2146 0.1551 0.0937  -0.0305 -0.0249 1    DA  A C6    
14  N  N6    . DA  A 1 ? 0.1270 0.2363 0.1623 0.0698  -0.0252 -0.0327 1    DA  A N6    
15  N  N1    . DA  A 1 ? 0.1237 0.2069 0.1689 0.0646  -0.0452 -0.0499 1    DA  A N1    
16  C  C2    . DA  A 1 ? 0.1075 0.1996 0.1690 0.0409  -0.0394 -0.0317 1    DA  A C2    
17  N  N3    . DA  A 1 ? 0.1336 0.1694 0.1641 0.0487  -0.0546 -0.0110 1    DA  A N3    
18  C  C4    . DA  A 1 ? 0.1364 0.1588 0.1637 0.0685  -0.0312 -0.0065 1    DA  A C4    
19  P  P     . DC  A 2 ? 0.1345 0.2119 0.1908 0.0514  -0.0253 -0.0168 2    DC  A P     
20  O  OP1   . DC  A 2 ? 0.2012 0.3093 0.2274 0.0635  -0.0218 0.0464  2    DC  A OP1   
21  O  OP2   . DC  A 2 ? 0.1250 0.2215 0.1952 0.0643  -0.0414 -0.0663 2    DC  A OP2   
22  O  "O5'" . DC  A 2 ? 0.1409 0.2138 0.2018 0.0611  -0.0472 -0.0235 2    DC  A "O5'" 
23  C  "C5'" . DC  A 2 ? 0.1192 0.1823 0.1763 0.0292  -0.0313 -0.0256 2    DC  A "C5'" 
24  C  "C4'" . DC  A 2 ? 0.1048 0.1611 0.1567 0.0306  -0.0243 -0.0114 2    DC  A "C4'" 
25  O  "O4'" . DC  A 2 ? 0.1082 0.1588 0.1767 0.0483  -0.0189 -0.0154 2    DC  A "O4'" 
26  C  "C3'" . DC  A 2 ? 0.1254 0.1608 0.1686 0.0350  -0.0061 -0.0040 2    DC  A "C3'" 
27  O  "O3'" . DC  A 2 ? 0.1279 0.1675 0.1880 0.0497  -0.0086 -0.0222 2    DC  A "O3'" 
28  C  "C2'" . DC  A 2 ? 0.1096 0.1560 0.1850 0.0433  -0.0093 -0.0139 2    DC  A "C2'" 
29  C  "C1'" . DC  A 2 ? 0.0883 0.1491 0.1710 0.0335  -0.0125 -0.0100 2    DC  A "C1'" 
30  N  N1    . DC  A 2 ? 0.0962 0.1334 0.1701 0.0330  -0.0078 -0.0217 2    DC  A N1    
31  C  C2    . DC  A 2 ? 0.0918 0.1351 0.1756 0.0336  -0.0078 -0.0174 2    DC  A C2    
32  O  O2    . DC  A 2 ? 0.1042 0.1484 0.1602 0.0217  -0.0132 -0.0015 2    DC  A O2    
33  N  N3    . DC  A 2 ? 0.1249 0.1319 0.1588 0.0325  -0.0150 -0.0020 2    DC  A N3    
34  C  C4    . DC  A 2 ? 0.1137 0.1461 0.1662 0.0287  -0.0124 -0.0074 2    DC  A C4    
35  N  N4    . DC  A 2 ? 0.1293 0.1762 0.1783 0.0357  -0.0043 0.0118  2    DC  A N4    
36  C  C5    . DC  A 2 ? 0.1195 0.1395 0.2146 -0.0039 0.0079  -0.0135 2    DC  A C5    
37  C  C6    . DC  A 2 ? 0.0947 0.1486 0.2147 0.0153  -0.0066 -0.0224 2    DC  A C6    
38  P  P     . DG  A 3 ? 0.1266 0.2041 0.1938 0.0420  -0.0238 -0.0545 3    DG  A P     
39  O  OP1   . DG  A 3 ? 0.1780 0.2874 0.1720 0.0848  -0.0121 -0.0685 3    DG  A OP1   
40  O  OP2   . DG  A 3 ? 0.1413 0.2243 0.2545 0.0495  -0.0615 -0.0808 3    DG  A OP2   
41  O  "O5'" . DG  A 3 ? 0.1133 0.1719 0.2343 0.0249  -0.0200 -0.0390 3    DG  A "O5'" 
42  C  "C5'" . DG  A 3 ? 0.1246 0.1610 0.2234 0.0389  -0.0248 -0.0004 3    DG  A "C5'" 
43  C  "C4'" . DG  A 3 ? 0.1058 0.1475 0.1990 0.0493  0.0097  -0.0139 3    DG  A "C4'" 
44  O  "O4'" . DG  A 3 ? 0.1128 0.1638 0.1866 0.0557  -0.0171 -0.0209 3    DG  A "O4'" 
45  C  "C3'" . DG  A 3 ? 0.1199 0.1489 0.1931 0.0361  -0.0091 0.0155  3    DG  A "C3'" 
46  O  "O3'" . DG  A 3 ? 0.1420 0.1793 0.2079 0.0117  0.0299  0.0022  3    DG  A "O3'" 
47  C  "C2'" . DG  A 3 ? 0.0998 0.1573 0.1871 0.0553  -0.0087 0.0108  3    DG  A "C2'" 
48  C  "C1'" . DG  A 3 ? 0.0993 0.1259 0.1931 0.0269  -0.0004 0.0077  3    DG  A "C1'" 
49  N  N9    . DG  A 3 ? 0.0998 0.1211 0.1886 0.0244  -0.0046 -0.0141 3    DG  A N9    
50  C  C8    . DG  A 3 ? 0.1298 0.1401 0.2050 0.0229  0.0169  0.0063  3    DG  A C8    
51  N  N7    . DG  A 3 ? 0.1323 0.1387 0.2171 0.0281  0.0166  0.0058  3    DG  A N7    
52  C  C5    . DG  A 3 ? 0.1130 0.1446 0.1588 0.0242  0.0101  0.0069  3    DG  A C5    
53  C  C6    . DG  A 3 ? 0.1147 0.1527 0.1839 0.0220  0.0073  -0.0074 3    DG  A C6    
54  O  O6    . DG  A 3 ? 0.1280 0.1664 0.1695 0.0432  0.0041  0.0111  3    DG  A O6    
55  N  N1    . DG  A 3 ? 0.1024 0.1496 0.1677 0.0325  -0.0020 0.0043  3    DG  A N1    
56  C  C2    . DG  A 3 ? 0.0809 0.1349 0.1718 0.0557  -0.0056 0.0095  3    DG  A C2    
57  N  N2    . DG  A 3 ? 0.1077 0.1412 0.1725 0.0317  -0.0099 0.0059  3    DG  A N2    
58  N  N3    . DG  A 3 ? 0.0778 0.1261 0.1747 0.0342  -0.0068 -0.0040 3    DG  A N3    
59  C  C4    . DG  A 3 ? 0.0843 0.1257 0.1507 0.0386  -0.0085 0.0021  3    DG  A C4    
60  P  P     . DT  A 4 ? 0.1463 0.2832 0.1947 0.0521  0.0114  0.0040  4    DT  A P     
61  O  OP1   . DT  A 4 ? 0.1561 0.5650 0.2192 0.0929  -0.0112 0.0511  4    DT  A OP1   
62  O  OP2   . DT  A 4 ? 0.1740 0.2790 0.2781 0.0540  0.0439  -0.0411 4    DT  A OP2   
63  O  "O5'" . DT  A 4 ? 0.1282 0.2315 0.2329 0.0664  0.0330  0.0562  4    DT  A "O5'" 
64  C  "C5'" . DT  A 4 ? 0.1450 0.2373 0.2290 0.0777  0.0066  0.1012  4    DT  A "C5'" 
65  C  "C4'" . DT  A 4 ? 0.1560 0.2431 0.1937 0.0863  0.0157  0.0382  4    DT  A "C4'" 
66  O  "O4'" . DT  A 4 ? 0.1876 0.1935 0.1935 0.1002  0.0266  0.0496  4    DT  A "O4'" 
67  C  "C3'" . DT  A 4 ? 0.1216 0.1949 0.1865 0.0601  -0.0060 0.0345  4    DT  A "C3'" 
68  O  "O3'" . DT  A 4 ? 0.1290 0.2551 0.2501 0.0355  -0.0027 0.1062  4    DT  A "O3'" 
69  C  "C2'" . DT  A 4 ? 0.1315 0.1965 0.2303 0.0681  0.0668  0.0760  4    DT  A "C2'" 
70  C  "C1'" . DT  A 4 ? 0.1057 0.1853 0.1986 0.0401  -0.0018 0.0655  4    DT  A "C1'" 
71  N  N1    . DT  A 4 ? 0.1085 0.1705 0.1754 0.0343  -0.0012 0.0413  4    DT  A N1    
72  C  C2    . DT  A 4 ? 0.1100 0.1468 0.1797 0.0516  -0.0027 0.0470  4    DT  A C2    
73  O  O2    . DT  A 4 ? 0.1095 0.1552 0.2132 0.0327  -0.0023 0.0400  4    DT  A O2    
74  N  N3    . DT  A 4 ? 0.1058 0.1394 0.1832 0.0447  0.0035  0.0309  4    DT  A N3    
75  C  C4    . DT  A 4 ? 0.1132 0.1267 0.2045 0.0601  -0.0085 0.0320  4    DT  A C4    
76  O  O4    . DT  A 4 ? 0.1353 0.1620 0.1885 0.0303  0.0025  0.0307  4    DT  A O4    
77  C  C5    . DT  A 4 ? 0.1019 0.1464 0.1967 0.0442  -0.0038 0.0422  4    DT  A C5    
78  C  C7    . DT  A 4 ? 0.1527 0.1215 0.2474 0.0461  0.0100  0.0104  4    DT  A C7    
79  C  C6    . DT  A 4 ? 0.1034 0.1350 0.2092 0.0561  0.0088  0.0470  4    DT  A C6    
80  P  P     . DA  A 5 ? 0.1347 0.3140 0.2222 0.0312  0.0141  0.1002  5    DA  A P     
81  O  OP1   . DA  A 5 ? 0.1750 0.3351 0.2768 0.0201  0.0034  0.1394  5    DA  A OP1   
82  O  OP2   . DA  A 5 ? 0.1295 0.4245 0.2357 0.0259  0.0218  0.0009  5    DA  A OP2   
83  O  "O5'" . DA  A 5 ? 0.1393 0.2424 0.2135 0.0372  -0.0046 0.0640  5    DA  A "O5'" 
84  C  "C5'" . DA  A 5 ? 0.1441 0.1721 0.2555 0.0196  0.0170  0.0823  5    DA  A "C5'" 
85  C  "C4'" . DA  A 5 ? 0.1440 0.1474 0.2217 0.0099  0.0138  0.0483  5    DA  A "C4'" 
86  O  "O4'" . DA  A 5 ? 0.1413 0.1533 0.2008 0.0289  0.0116  0.0568  5    DA  A "O4'" 
87  C  "C3'" . DA  A 5 ? 0.1290 0.1657 0.1938 -0.0005 0.0064  0.0365  5    DA  A "C3'" 
88  O  "O3'" . DA  A 5 ? 0.1290 0.2066 0.2184 -0.0083 0.0097  0.0394  5    DA  A "O3'" 
89  C  "C2'" . DA  A 5 ? 0.1332 0.1566 0.2001 0.0205  0.0144  0.0386  5    DA  A "C2'" 
90  C  "C1'" . DA  A 5 ? 0.1118 0.1600 0.2422 0.0349  0.0148  0.0817  5    DA  A "C1'" 
91  N  N9    . DA  A 5 ? 0.1247 0.1413 0.1765 0.0244  0.0031  0.0340  5    DA  A N9    
92  C  C8    . DA  A 5 ? 0.1142 0.1374 0.1652 0.0269  0.0014  0.0287  5    DA  A C8    
93  N  N7    . DA  A 5 ? 0.1258 0.1307 0.1747 0.0359  0.0097  0.0343  5    DA  A N7    
94  C  C5    . DA  A 5 ? 0.1124 0.1365 0.1715 0.0355  -0.0076 0.0374  5    DA  A C5    
95  C  C6    . DA  A 5 ? 0.0890 0.1458 0.1916 0.0348  -0.0032 0.0361  5    DA  A C6    
96  N  N6    . DA  A 5 ? 0.0998 0.1469 0.1946 0.0237  -0.0028 0.0456  5    DA  A N6    
97  N  N1    . DA  A 5 ? 0.1180 0.1567 0.1947 0.0404  0.0105  0.0256  5    DA  A N1    
98  C  C2    . DA  A 5 ? 0.1115 0.1439 0.2283 0.0469  0.0167  0.0312  5    DA  A C2    
99  N  N3    . DA  A 5 ? 0.1239 0.1637 0.1712 0.0470  -0.0015 0.0234  5    DA  A N3    
100 C  C4    . DA  A 5 ? 0.0834 0.1612 0.1676 0.0347  -0.0013 0.0215  5    DA  A C4    
101 P  P     . DC  A 6 ? 0.1174 0.2248 0.2173 0.0100  0.0108  0.0632  6    DC  A P     
102 O  OP1   . DC  A 6 ? 0.1663 0.2572 0.3043 -0.0408 0.0445  0.0737  6    DC  A OP1   
103 O  OP2   . DC  A 6 ? 0.1423 0.2522 0.1938 0.0110  0.0184  0.0342  6    DC  A OP2   
104 O  "O5'" . DC  A 6 ? 0.1600 0.2763 0.2228 0.0565  0.0385  0.1033  6    DC  A "O5'" 
105 C  "C5'" . DC  A 6 ? 0.0993 0.2486 0.2795 0.0552  0.0306  0.1153  6    DC  A "C5'" 
106 C  "C4'" . DC  A 6 ? 0.0840 0.2540 0.2622 0.0115  0.0134  0.0946  6    DC  A "C4'" 
107 O  "O4'" . DC  A 6 ? 0.1050 0.1921 0.2519 0.0127  0.0178  0.0551  6    DC  A "O4'" 
108 C  "C3'" . DC  A 6 ? 0.1014 0.2488 0.1914 0.0042  -0.0030 0.0707  6    DC  A "C3'" 
109 O  "O3'" . DC  A 6 ? 0.1088 0.2762 0.2598 -0.0143 0.0100  0.0751  6    DC  A "O3'" 
110 C  "C2'" . DC  A 6 ? 0.1066 0.2462 0.1921 0.0139  0.0110  0.0772  6    DC  A "C2'" 
111 C  "C1'" . DC  A 6 ? 0.0764 0.2186 0.2428 0.0097  0.0000  0.0624  6    DC  A "C1'" 
112 N  N1    . DC  A 6 ? 0.1007 0.1972 0.1744 0.0210  0.0017  0.0444  6    DC  A N1    
113 C  C2    . DC  A 6 ? 0.0784 0.1638 0.1826 0.0393  -0.0011 0.0530  6    DC  A C2    
114 O  O2    . DC  A 6 ? 0.0928 0.1904 0.1761 0.0154  -0.0069 0.0382  6    DC  A O2    
115 N  N3    . DC  A 6 ? 0.0893 0.1506 0.2361 0.0497  0.0004  0.0265  6    DC  A N3    
116 C  C4    . DC  A 6 ? 0.1148 0.1479 0.2168 0.0629  0.0205  0.0376  6    DC  A C4    
117 N  N4    . DC  A 6 ? 0.1243 0.1934 0.1974 0.0209  0.0214  -0.0066 6    DC  A N4    
118 C  C5    . DC  A 6 ? 0.1757 0.1619 0.2139 0.0409  0.0273  0.0466  6    DC  A C5    
119 C  C6    . DC  A 6 ? 0.1536 0.2127 0.1618 0.0043  0.0111  0.0467  6    DC  A C6    
120 P  P     . DG  A 7 ? 0.0996 0.3478 0.2416 0.0056  0.0165  0.1076  7    DG  A P     
121 O  OP1   . DG  A 7 ? 0.1492 0.3150 0.2375 -0.0190 -0.0020 0.0842  7    DG  A OP1   
122 O  OP2   . DG  A 7 ? 0.0924 0.3208 0.3166 0.0395  -0.0069 0.1033  7    DG  A OP2   
123 O  "O5'" . DG  A 7 ? 0.1192 0.5922 0.2505 -0.0284 -0.0083 0.1765  7    DG  A "O5'" 
124 C  "C5'" . DG  A 7 ? 0.2130 0.3364 0.2976 -0.0127 -0.0234 0.1726  7    DG  A "C5'" 
125 C  "C4'" . DG  A 7 ? 0.1149 0.3064 0.2453 0.1011  0.0454  0.1067  7    DG  A "C4'" 
126 O  "O4'" . DG  A 7 ? 0.1218 0.2101 0.2825 0.0896  0.0268  0.0909  7    DG  A "O4'" 
127 C  "C3'" . DG  A 7 ? 0.0890 0.2508 0.2365 0.0458  -0.0089 0.0716  7    DG  A "C3'" 
128 O  "O3'" . DG  A 7 ? 0.0875 0.2225 0.2654 0.0463  0.0061  0.0853  7    DG  A "O3'" 
129 C  "C2'" . DG  A 7 ? 0.1076 0.1846 0.2215 0.0416  -0.0032 0.0342  7    DG  A "C2'" 
130 C  "C1'" . DG  A 7 ? 0.1185 0.1783 0.2289 0.0596  0.0081  0.0577  7    DG  A "C1'" 
131 N  N9    . DG  A 7 ? 0.1290 0.1805 0.2092 0.0588  0.0151  0.0469  7    DG  A N9    
132 C  C8    . DG  A 7 ? 0.1415 0.2896 0.2262 0.0614  0.0259  -0.0021 7    DG  A C8    
133 N  N7    . DG  A 7 ? 0.1430 0.2786 0.2615 0.0615  0.0191  -0.0132 7    DG  A N7    
134 C  C5    . DG  A 7 ? 0.1158 0.2278 0.2072 0.0668  -0.0136 0.0482  7    DG  A C5    
135 C  C6    . DG  A 7 ? 0.1168 0.1833 0.2196 0.0627  -0.0181 0.0176  7    DG  A C6    
136 O  O6    . DG  A 7 ? 0.1447 0.2118 0.2439 0.0585  -0.0333 -0.0101 7    DG  A O6    
137 N  N1    . DG  A 7 ? 0.1076 0.1752 0.2079 0.0494  -0.0127 0.0297  7    DG  A N1    
138 C  C2    . DG  A 7 ? 0.0854 0.1584 0.2045 0.0572  -0.0096 0.0408  7    DG  A C2    
139 N  N2    . DG  A 7 ? 0.1052 0.1656 0.2106 0.0415  0.0074  0.0441  7    DG  A N2    
140 N  N3    . DG  A 7 ? 0.1077 0.1652 0.1992 0.0520  0.0101  0.0621  7    DG  A N3    
141 C  C4    . DG  A 7 ? 0.1209 0.1837 0.1924 0.0708  0.0064  0.0659  7    DG  A C4    
142 P  P     . DT  A 8 ? 0.1104 0.2436 0.2178 0.0558  0.0061  0.0299  8    DT  A P     
143 O  OP1   . DT  A 8 ? 0.1335 0.2644 0.2119 0.0367  0.0057  0.0705  8    DT  A OP1   
144 O  OP2   . DT  A 8 ? 0.1093 0.2638 0.2495 0.0630  -0.0035 0.0058  8    DT  A OP2   
145 O  "O5'" . DT  A 8 ? 0.1235 0.1754 0.2215 0.0504  -0.0031 0.0483  8    DT  A "O5'" 
146 C  "C5'" . DT  A 8 ? 0.1698 0.1727 0.2222 0.0365  0.0268  0.0456  8    DT  A "C5'" 
147 C  "C4'" . DT  A 8 ? 0.1179 0.1722 0.2193 0.0097  -0.0282 0.0285  8    DT  A "C4'" 
148 O  "O4'" . DT  A 8 ? 0.1254 0.1494 0.2155 0.0328  -0.0138 0.0362  8    DT  A "O4'" 
149 C  "C3'" . DT  A 8 ? 0.1086 0.1992 0.3203 0.0115  -0.0159 0.0919  8    DT  A "C3'" 
150 O  "O3'" . DT  A 8 ? 0.1226 0.2712 0.2712 -0.0075 -0.0216 0.0840  8    DT  A "O3'" 
151 C  "C2'" . DT  A 8 ? 0.1219 0.1686 0.2129 0.0280  -0.0267 0.0092  8    DT  A "C2'" 
152 C  "C1'" . DT  A 8 ? 0.1156 0.1389 0.1945 0.0237  -0.0052 0.0241  8    DT  A "C1'" 
153 N  N1    . DT  A 8 ? 0.1011 0.1300 0.2294 0.0278  -0.0095 0.0315  8    DT  A N1    
154 C  C2    . DT  A 8 ? 0.1008 0.1808 0.2477 0.0217  -0.0527 0.0904  8    DT  A C2    
155 O  O2    . DT  A 8 ? 0.1510 0.1937 0.2490 0.0413  -0.0374 0.0841  8    DT  A O2    
156 N  N3    . DT  A 8 ? 0.1011 0.1651 0.2808 0.0343  -0.0173 0.0617  8    DT  A N3    
157 C  C4    . DT  A 8 ? 0.0817 0.1845 0.2928 0.0379  -0.0230 0.0427  8    DT  A C4    
158 O  O4    . DT  A 8 ? 0.0962 0.1690 0.3180 0.0384  -0.0346 0.0427  8    DT  A O4    
159 C  C5    . DT  A 8 ? 0.0722 0.1722 0.2898 0.0298  -0.0018 0.0160  8    DT  A C5    
160 C  C7    . DT  A 8 ? 0.1110 0.2090 0.3099 0.0354  -0.0251 -0.0325 8    DT  A C7    
161 C  C6    . DT  A 8 ? 0.0799 0.1619 0.2355 0.0539  -0.0165 0.0175  8    DT  A C6    
162 O  "O5'" A DA  B 1 ? 0.2289 0.5228 0.6324 0.1890  0.2034  0.3564  101  DA  B "O5'" 
163 O  "O5'" B DA  B 1 ? 0.1186 0.6232 0.8329 0.0349  0.2130  0.1857  101  DA  B "O5'" 
164 C  "C5'" A DA  B 1 ? 0.2595 0.3185 0.8728 0.1871  0.0865  0.2262  101  DA  B "C5'" 
165 C  "C5'" B DA  B 1 ? 0.2403 0.3279 0.8113 0.2005  0.2923  0.2494  101  DA  B "C5'" 
166 C  "C4'" . DA  B 1 ? 0.1739 0.3338 0.7417 0.1246  0.2037  0.2846  101  DA  B "C4'" 
167 O  "O4'" . DA  B 1 ? 0.1660 0.2541 0.3616 0.0720  0.0574  0.1000  101  DA  B "O4'" 
168 C  "C3'" . DA  B 1 ? 0.2067 0.3553 0.5073 0.0903  0.1961  0.1774  101  DA  B "C3'" 
169 O  "O3'" A DA  B 1 ? 0.2882 0.5398 0.5733 0.0701  0.2510  0.0890  101  DA  B "O3'" 
170 O  "O3'" B DA  B 1 ? 0.2685 0.4115 0.4302 0.1789  0.1702  0.2297  101  DA  B "O3'" 
171 C  "C2'" . DA  B 1 ? 0.1920 0.2538 0.2855 0.0502  0.0563  0.0402  101  DA  B "C2'" 
172 C  "C1'" . DA  B 1 ? 0.1735 0.3008 0.2879 0.1322  0.0072  0.0276  101  DA  B "C1'" 
173 N  N9    . DA  B 1 ? 0.1772 0.1685 0.2760 0.0645  0.0094  0.0634  101  DA  B N9    
174 C  C8    . DA  B 1 ? 0.1369 0.2535 0.3129 0.0692  -0.0196 0.1235  101  DA  B C8    
175 N  N7    . DA  B 1 ? 0.1047 0.1917 0.3473 0.0346  -0.0089 0.1059  101  DA  B N7    
176 C  C5    . DA  B 1 ? 0.1404 0.1901 0.2933 0.0370  -0.0063 0.0692  101  DA  B C5    
177 C  C6    . DA  B 1 ? 0.0890 0.1617 0.3733 0.0385  -0.0378 0.0584  101  DA  B C6    
178 N  N6    . DA  B 1 ? 0.0669 0.1695 0.3995 0.0395  -0.0117 0.0997  101  DA  B N6    
179 N  N1    . DA  B 1 ? 0.1207 0.2285 0.2818 0.0366  -0.0304 0.1139  101  DA  B N1    
180 C  C2    . DA  B 1 ? 0.1244 0.1815 0.2938 0.0408  -0.0241 0.0968  101  DA  B C2    
181 N  N3    . DA  B 1 ? 0.1270 0.2013 0.2598 0.0411  0.0292  0.0975  101  DA  B N3    
182 C  C4    . DA  B 1 ? 0.1004 0.1694 0.2894 0.0392  -0.0118 0.0983  101  DA  B C4    
183 P  P     A DC  B 2 ? 0.2635 0.5629 0.5556 0.1774  0.1205  0.3367  102  DC  B P     
184 P  P     B DC  B 2 ? 0.2458 0.5538 0.5265 0.1582  0.2009  0.2712  102  DC  B P     
185 O  OP1   A DC  B 2 ? 0.3824 0.5864 0.4726 0.0199  0.0418  0.2932  102  DC  B OP1   
186 O  OP1   B DC  B 2 ? 0.2798 0.5628 0.5605 0.2410  0.2437  0.3325  102  DC  B OP1   
187 O  OP2   A DC  B 2 ? 0.2078 0.6395 0.6361 0.0932  0.1523  0.3164  102  DC  B OP2   
188 O  OP2   B DC  B 2 ? 0.1238 0.5407 0.6381 0.0250  0.1231  0.2436  102  DC  B OP2   
189 O  "O5'" A DC  B 2 ? 0.2408 0.4921 0.6289 0.2332  0.0481  0.3303  102  DC  B "O5'" 
190 O  "O5'" B DC  B 2 ? 0.2430 0.8494 0.3293 0.0123  0.0549  0.2361  102  DC  B "O5'" 
191 C  "C5'" . DC  B 2 ? 0.2630 0.5264 0.4121 0.0624  0.0762  0.3187  102  DC  B "C5'" 
192 C  "C4'" . DC  B 2 ? 0.1834 0.3797 0.3166 0.0424  0.0440  0.1433  102  DC  B "C4'" 
193 O  "O4'" . DC  B 2 ? 0.1568 0.3256 0.3017 0.0747  0.0320  0.1146  102  DC  B "O4'" 
194 C  "C3'" . DC  B 2 ? 0.1807 0.5284 0.4824 0.1108  0.0738  0.3072  102  DC  B "C3'" 
195 O  "O3'" . DC  B 2 ? 0.2090 0.5821 0.5703 0.0795  0.1119  0.2341  102  DC  B "O3'" 
196 C  "C2'" . DC  B 2 ? 0.1615 0.1932 0.3402 0.0467  0.0728  0.0877  102  DC  B "C2'" 
197 C  "C1'" . DC  B 2 ? 0.1293 0.1707 0.3545 0.0525  0.0321  0.0744  102  DC  B "C1'" 
198 N  N1    . DC  B 2 ? 0.0985 0.1835 0.3602 0.0110  0.0190  0.0595  102  DC  B N1    
199 C  C2    . DC  B 2 ? 0.0963 0.1449 0.2559 0.0481  0.0020  0.0364  102  DC  B C2    
200 O  O2    . DC  B 2 ? 0.1225 0.1651 0.2201 0.0355  -0.0074 0.0314  102  DC  B O2    
201 N  N3    . DC  B 2 ? 0.0961 0.1669 0.2461 0.0453  -0.0139 0.0386  102  DC  B N3    
202 C  C4    . DC  B 2 ? 0.0934 0.1822 0.3103 0.0384  -0.0100 0.0164  102  DC  B C4    
203 N  N4    . DC  B 2 ? 0.1229 0.1789 0.3033 0.0565  -0.0326 0.0166  102  DC  B N4    
204 C  C5    . DC  B 2 ? 0.1094 0.1944 0.3273 0.0760  -0.0039 0.0696  102  DC  B C5    
205 C  C6    . DC  B 2 ? 0.0983 0.1829 0.3397 0.0264  0.0106  0.0500  102  DC  B C6    
206 P  P     . DG  B 3 ? 0.3090 0.5067 0.7612 0.2287  0.3262  0.4021  103  DG  B P     
207 O  OP1   . DG  B 3 ? 0.3134 0.5452 1.1282 0.1273  0.4371  0.0937  103  DG  B OP1   
208 O  OP2   . DG  B 3 ? 0.5165 0.5134 0.5664 0.1812  0.2309  0.4077  103  DG  B OP2   
209 O  "O5'" . DG  B 3 ? 0.5614 0.5279 0.6238 0.3687  0.2902  0.3204  103  DG  B "O5'" 
210 C  "C5'" . DG  B 3 ? 0.2346 0.3181 0.5447 0.1179  0.1514  0.2604  103  DG  B "C5'" 
211 C  "C4'" . DG  B 3 ? 0.1892 0.1998 0.2013 0.0503  0.0177  0.0102  103  DG  B "C4'" 
212 O  "O4'" . DG  B 3 ? 0.1414 0.2158 0.2201 0.0631  0.0244  0.0772  103  DG  B "O4'" 
213 C  "C3'" . DG  B 3 ? 0.1365 0.1947 0.2069 0.0127  0.0362  0.0413  103  DG  B "C3'" 
214 O  "O3'" . DG  B 3 ? 0.1864 0.1798 0.2074 0.0472  0.0408  0.0364  103  DG  B "O3'" 
215 C  "C2'" . DG  B 3 ? 0.1139 0.2238 0.1893 0.0345  0.0091  0.0599  103  DG  B "C2'" 
216 C  "C1'" . DG  B 3 ? 0.1089 0.1610 0.2030 0.0225  0.0175  0.0249  103  DG  B "C1'" 
217 N  N9    . DG  B 3 ? 0.1134 0.1781 0.1901 0.0325  0.0171  0.0319  103  DG  B N9    
218 C  C8    . DG  B 3 ? 0.1087 0.1701 0.2140 0.0168  0.0223  0.0469  103  DG  B C8    
219 N  N7    . DG  B 3 ? 0.1075 0.1467 0.2348 0.0284  0.0166  0.0307  103  DG  B N7    
220 C  C5    . DG  B 3 ? 0.1001 0.1300 0.2100 0.0266  0.0069  0.0524  103  DG  B C5    
221 C  C6    . DG  B 3 ? 0.1184 0.1114 0.1823 0.0319  -0.0028 0.0469  103  DG  B C6    
222 O  O6    . DG  B 3 ? 0.1180 0.1336 0.1994 0.0276  -0.0011 0.0162  103  DG  B O6    
223 N  N1    . DG  B 3 ? 0.0903 0.1338 0.1801 0.0326  0.0019  0.0385  103  DG  B N1    
224 C  C2    . DG  B 3 ? 0.1140 0.1271 0.1852 0.0386  0.0005  0.0357  103  DG  B C2    
225 N  N2    . DG  B 3 ? 0.1054 0.1693 0.1626 0.0289  0.0074  0.0232  103  DG  B N2    
226 N  N3    . DG  B 3 ? 0.1120 0.1476 0.1845 0.0326  -0.0023 0.0435  103  DG  B N3    
227 C  C4    . DG  B 3 ? 0.0899 0.1411 0.2200 0.0419  0.0084  0.0449  103  DG  B C4    
228 P  P     . DT  B 4 ? 0.2376 0.2621 0.2098 0.0797  0.0457  0.0389  104  DT  B P     
229 O  OP1   . DT  B 4 ? 0.3837 0.4227 0.2898 0.2063  0.0581  0.1832  104  DT  B OP1   
230 O  OP2   . DT  B 4 ? 0.2403 0.3483 0.2238 0.1177  0.0832  0.0524  104  DT  B OP2   
231 O  "O5'" . DT  B 4 ? 0.2085 0.2496 0.2607 0.1086  0.0480  0.0341  104  DT  B "O5'" 
232 C  "C5'" . DT  B 4 ? 0.2086 0.2504 0.2817 0.1140  0.0049  0.0211  104  DT  B "C5'" 
233 C  "C4'" . DT  B 4 ? 0.1732 0.2558 0.2107 0.0507  0.0053  0.0052  104  DT  B "C4'" 
234 O  "O4'" . DT  B 4 ? 0.1405 0.3532 0.1980 0.0983  0.0004  0.0455  104  DT  B "O4'" 
235 C  "C3'" . DT  B 4 ? 0.1919 0.2186 0.2099 0.0505  -0.0112 0.0046  104  DT  B "C3'" 
236 O  "O3'" . DT  B 4 ? 0.1916 0.2359 0.2679 0.0431  -0.0479 -0.0138 104  DT  B "O3'" 
237 C  "C2'" . DT  B 4 ? 0.1450 0.2454 0.2150 0.0656  0.0082  0.0474  104  DT  B "C2'" 
238 C  "C1'" . DT  B 4 ? 0.1283 0.2001 0.2242 0.0407  -0.0187 0.0094  104  DT  B "C1'" 
239 N  N1    . DT  B 4 ? 0.1358 0.1787 0.1957 0.0471  -0.0063 0.0289  104  DT  B N1    
240 C  C2    . DT  B 4 ? 0.1404 0.1852 0.2060 0.0809  0.0039  0.0449  104  DT  B C2    
241 O  O2    . DT  B 4 ? 0.1473 0.1829 0.2045 0.0705  0.0071  0.0317  104  DT  B O2    
242 N  N3    . DT  B 4 ? 0.1141 0.2084 0.2002 0.0543  0.0338  0.0347  104  DT  B N3    
243 C  C4    . DT  B 4 ? 0.1059 0.2153 0.1956 0.0539  -0.0023 0.0589  104  DT  B C4    
244 O  O4    . DT  B 4 ? 0.1197 0.1787 0.2189 0.0246  -0.0002 0.0633  104  DT  B O4    
245 C  C5    . DT  B 4 ? 0.1285 0.1739 0.2052 0.0515  0.0221  0.0599  104  DT  B C5    
246 C  C7    . DT  B 4 ? 0.1633 0.2176 0.2762 0.0030  0.0009  0.0760  104  DT  B C7    
247 C  C6    . DT  B 4 ? 0.1178 0.1849 0.2438 0.0659  0.0008  0.0491  104  DT  B C6    
248 P  P     . DA  B 5 ? 0.2672 0.3133 0.3416 0.0734  -0.0266 -0.0720 105  DA  B P     
249 O  OP1   . DA  B 5 ? 0.2599 0.3190 0.5241 0.0791  -0.0909 -0.0787 105  DA  B OP1   
250 O  OP2   . DA  B 5 ? 0.6922 0.3480 0.2916 0.1578  0.2230  0.0192  105  DA  B OP2   
251 O  "O5'" . DA  B 5 ? 0.1905 0.2462 0.5330 0.0669  -0.0847 0.0030  105  DA  B "O5'" 
252 C  "C5'" . DA  B 5 ? 0.2464 0.2898 0.3880 0.0367  -0.1514 -0.0177 105  DA  B "C5'" 
253 C  "C4'" . DA  B 5 ? 0.1764 0.2653 0.2581 0.0270  -0.0399 -0.0236 105  DA  B "C4'" 
254 O  "O4'" . DA  B 5 ? 0.1609 0.2794 0.2721 0.0362  -0.0510 -0.0416 105  DA  B "O4'" 
255 C  "C3'" . DA  B 5 ? 0.1812 0.1963 0.3452 0.0190  -0.0511 -0.0112 105  DA  B "C3'" 
256 O  "O3'" . DA  B 5 ? 0.2431 0.1910 0.3515 0.0173  -0.0086 -0.0174 105  DA  B "O3'" 
257 C  "C2'" . DA  B 5 ? 0.1834 0.1809 0.4169 0.0496  -0.0942 -0.0187 105  DA  B "C2'" 
258 C  "C1'" . DA  B 5 ? 0.1451 0.1900 0.3365 0.0029  -0.0616 0.0116  105  DA  B "C1'" 
259 N  N9    . DA  B 5 ? 0.1306 0.1552 0.2361 0.0341  -0.0207 0.0125  105  DA  B N9    
260 C  C8    . DA  B 5 ? 0.1299 0.1822 0.2231 0.0489  -0.0293 0.0254  105  DA  B C8    
261 N  N7    . DA  B 5 ? 0.1029 0.1907 0.2319 0.0515  -0.0201 0.0321  105  DA  B N7    
262 C  C5    . DA  B 5 ? 0.1121 0.1646 0.2395 0.0430  -0.0111 0.0093  105  DA  B C5    
263 C  C6    . DA  B 5 ? 0.1297 0.1970 0.2576 0.0264  -0.0296 0.0355  105  DA  B C6    
264 N  N6    . DA  B 5 ? 0.1064 0.1608 0.2568 0.0342  -0.0058 0.0409  105  DA  B N6    
265 N  N1    . DA  B 5 ? 0.1644 0.2425 0.2929 0.0388  0.0268  0.0450  105  DA  B N1    
266 C  C2    . DA  B 5 ? 0.1640 0.2269 0.2502 0.0498  0.0045  0.0660  105  DA  B C2    
267 N  N3    . DA  B 5 ? 0.1470 0.2025 0.2037 0.0530  -0.0167 0.0231  105  DA  B N3    
268 C  C4    . DA  B 5 ? 0.1348 0.1680 0.2008 0.0531  -0.0110 0.0133  105  DA  B C4    
269 P  P     . DC  B 6 ? 0.2492 0.2747 0.4105 0.0202  -0.0671 -0.1119 106  DC  B P     
270 O  OP1   . DC  B 6 ? 0.5935 0.2190 0.5946 -0.0136 -0.1631 -0.1002 106  DC  B OP1   
271 O  OP2   . DC  B 6 ? 0.7836 0.4225 0.3289 0.3077  -0.2417 -0.2030 106  DC  B OP2   
272 O  "O5'" . DC  B 6 ? 0.2781 0.2504 0.3931 0.0508  -0.1381 -0.0741 106  DC  B "O5'" 
273 C  "C5'" . DC  B 6 ? 0.3259 0.2043 0.3665 0.0540  -0.1482 -0.0856 106  DC  B "C5'" 
274 C  "C4'" . DC  B 6 ? 0.3663 0.1254 0.2929 0.0472  -0.0970 -0.0280 106  DC  B "C4'" 
275 O  "O4'" . DC  B 6 ? 0.2066 0.1802 0.3837 0.0415  -0.0849 -0.0439 106  DC  B "O4'" 
276 C  "C3'" . DC  B 6 ? 0.3164 0.1752 0.2593 0.0044  -0.0918 -0.0589 106  DC  B "C3'" 
277 O  "O3'" . DC  B 6 ? 0.5143 0.1632 0.4680 -0.0370 0.0756  -0.1091 106  DC  B "O3'" 
278 C  "C2'" . DC  B 6 ? 0.2374 0.2213 0.3340 0.0619  -0.0910 -0.1368 106  DC  B "C2'" 
279 C  "C1'" . DC  B 6 ? 0.2537 0.1483 0.3154 0.0665  -0.1029 -0.0671 106  DC  B "C1'" 
280 N  N1    . DC  B 6 ? 0.1841 0.1731 0.1865 0.0841  -0.0604 -0.0296 106  DC  B N1    
281 C  C2    . DC  B 6 ? 0.1371 0.1662 0.1963 0.0752  -0.0299 -0.0382 106  DC  B C2    
282 O  O2    . DC  B 6 ? 0.1644 0.1696 0.1951 0.0664  -0.0346 -0.0163 106  DC  B O2    
283 N  N3    . DC  B 6 ? 0.1323 0.1750 0.1546 0.0745  -0.0307 -0.0196 106  DC  B N3    
284 C  C4    . DC  B 6 ? 0.1317 0.2297 0.1581 0.0883  -0.0318 -0.0079 106  DC  B C4    
285 N  N4    . DC  B 6 ? 0.1282 0.2709 0.1453 0.0639  0.0018  -0.0150 106  DC  B N4    
286 C  C5    . DC  B 6 ? 0.1950 0.2624 0.1611 0.0997  -0.0241 -0.0295 106  DC  B C5    
287 C  C6    . DC  B 6 ? 0.2691 0.1945 0.1678 0.1165  -0.0583 -0.0219 106  DC  B C6    
288 P  P     . DG  B 7 ? 0.3323 0.2091 0.4053 0.0400  -0.1446 -0.0820 107  DG  B P     
289 O  OP1   . DG  B 7 ? 0.5729 0.2353 0.6632 -0.0185 -0.2637 -0.1434 107  DG  B OP1   
290 O  OP2   . DG  B 7 ? 0.3943 0.4173 0.3326 0.0170  -0.0789 -0.1868 107  DG  B OP2   
291 O  "O5'" . DG  B 7 ? 0.6854 0.1908 0.4833 0.0350  -0.2960 -0.0677 107  DG  B "O5'" 
292 C  "C5'" . DG  B 7 ? 0.6036 0.2016 0.7336 -0.0199 -0.4198 -0.1123 107  DG  B "C5'" 
293 C  "C4'" . DG  B 7 ? 0.2268 0.1644 0.5620 0.0153  -0.1643 -0.0848 107  DG  B "C4'" 
294 O  "O4'" . DG  B 7 ? 0.1489 0.1573 0.4250 0.0445  -0.0794 -0.1082 107  DG  B "O4'" 
295 C  "C3'" . DG  B 7 ? 0.2879 0.2100 0.3956 0.0824  -0.1721 -0.0878 107  DG  B "C3'" 
296 O  "O3'" . DG  B 7 ? 0.7265 0.2469 0.5640 0.2301  -0.1912 0.0310  107  DG  B "O3'" 
297 C  "C2'" . DG  B 7 ? 0.2594 0.1954 0.5122 0.0924  -0.0815 -0.1177 107  DG  B "C2'" 
298 C  "C1'" . DG  B 7 ? 0.1582 0.1600 0.2466 0.0265  -0.0453 -0.0591 107  DG  B "C1'" 
299 N  N9    . DG  B 7 ? 0.1336 0.1383 0.2478 0.0491  -0.0586 -0.0492 107  DG  B N9    
300 C  C8    . DG  B 7 ? 0.1525 0.1586 0.2362 0.0722  -0.0502 -0.0540 107  DG  B C8    
301 N  N7    . DG  B 7 ? 0.1445 0.1709 0.2006 0.0689  -0.0454 -0.0288 107  DG  B N7    
302 C  C5    . DG  B 7 ? 0.1638 0.1432 0.1742 0.0668  -0.0541 -0.0219 107  DG  B C5    
303 C  C6    . DG  B 7 ? 0.1242 0.1533 0.1595 0.0477  -0.0543 -0.0220 107  DG  B C6    
304 O  O6    . DG  B 7 ? 0.1601 0.1547 0.1689 0.0552  -0.0133 -0.0196 107  DG  B O6    
305 N  N1    . DG  B 7 ? 0.1096 0.1487 0.1775 0.0570  -0.0315 -0.0068 107  DG  B N1    
306 C  C2    . DG  B 7 ? 0.1100 0.1427 0.1684 0.0523  -0.0396 -0.0158 107  DG  B C2    
307 N  N2    . DG  B 7 ? 0.1178 0.1397 0.1709 0.0540  -0.0285 -0.0221 107  DG  B N2    
308 N  N3    . DG  B 7 ? 0.1225 0.1557 0.2090 0.0552  -0.0443 -0.0349 107  DG  B N3    
309 C  C4    . DG  B 7 ? 0.1295 0.1477 0.1924 0.0601  -0.0540 -0.0366 107  DG  B C4    
310 P  P     . DT  B 8 ? 0.9248 0.1598 0.5632 -0.0281 -0.3483 -0.0147 108  DT  B P     
311 O  OP1   . DT  B 8 ? 0.8176 0.3194 0.6815 -0.1299 -0.2845 0.2289  108  DT  B OP1   
312 O  OP2   . DT  B 8 ? 1.3575 0.3328 0.7976 0.2016  -0.1346 -0.3469 108  DT  B OP2   
313 O  "O5'" . DT  B 8 ? 0.9618 0.3421 0.5648 -0.0117 -0.4016 -0.0169 108  DT  B "O5'" 
314 C  "C5'" . DT  B 8 ? 0.5097 0.3384 0.6631 -0.1388 -0.3239 0.1997  108  DT  B "C5'" 
315 C  "C4'" . DT  B 8 ? 0.2172 0.2874 0.4882 -0.0316 -0.0872 0.0889  108  DT  B "C4'" 
316 O  "O4'" . DT  B 8 ? 0.2371 0.1737 0.4627 0.0013  -0.0801 -0.0125 108  DT  B "O4'" 
317 C  "C3'" . DT  B 8 ? 0.7076 0.2302 0.4824 0.1887  0.0841  0.0869  108  DT  B "C3'" 
318 O  "O3'" . DT  B 8 ? 0.4910 0.3923 0.5204 -0.0301 0.0922  0.1959  108  DT  B "O3'" 
319 C  "C2'" . DT  B 8 ? 0.6509 0.1712 0.5038 0.0458  -0.1189 0.0573  108  DT  B "C2'" 
320 C  "C1'" . DT  B 8 ? 0.2583 0.1743 0.4654 0.0547  -0.0561 0.0384  108  DT  B "C1'" 
321 N  N1    . DT  B 8 ? 0.2357 0.1600 0.2540 0.0815  -0.0818 -0.0382 108  DT  B N1    
322 C  C2    . DT  B 8 ? 0.1536 0.1888 0.2267 0.0682  -0.0885 -0.0138 108  DT  B C2    
323 O  O2    . DT  B 8 ? 0.1742 0.1745 0.2341 0.0466  -0.0431 -0.0088 108  DT  B O2    
324 N  N3    . DT  B 8 ? 0.1596 0.1967 0.2231 0.0812  -0.0563 -0.0436 108  DT  B N3    
325 C  C4    . DT  B 8 ? 0.1484 0.2032 0.2422 0.0768  -0.0511 -0.0829 108  DT  B C4    
326 O  O4    . DT  B 8 ? 0.1486 0.2189 0.2099 0.0773  -0.0660 -0.0647 108  DT  B O4    
327 C  C5    . DT  B 8 ? 0.2096 0.1746 0.3365 0.1023  -0.1076 -0.1025 108  DT  B C5    
328 C  C7    . DT  B 8 ? 0.3487 0.2262 0.3292 0.1343  -0.1916 -0.1152 108  DT  B C7    
329 C  C6    . DT  B 8 ? 0.1984 0.2430 0.2839 0.0808  -0.1029 -0.1318 108  DT  B C6    
330 N  N     . DSN C 1 ? 0.1391 0.1360 0.1948 0.0464  -0.0222 -0.0123 1    DSN C N     
331 C  CA    . DSN C 1 ? 0.1580 0.1387 0.2180 0.0346  -0.0217 -0.0251 1    DSN C CA    
332 C  C     . DSN C 1 ? 0.1530 0.1198 0.3159 0.0257  -0.0102 0.0136  1    DSN C C     
333 O  O     . DSN C 1 ? 0.1822 0.1797 0.2781 0.0169  -0.0106 0.0249  1    DSN C O     
334 C  CB    . DSN C 1 ? 0.1799 0.1258 0.2323 0.0287  -0.0617 -0.0005 1    DSN C CB    
335 O  OG    . DSN C 1 ? 0.1520 0.1564 0.2338 0.0631  -0.0237 -0.0053 1    DSN C OG    
336 N  N     . ALA C 2 ? 0.1401 0.1385 0.3037 0.0293  -0.0431 -0.0244 2    ALA C N     
337 C  CA    . ALA C 2 ? 0.1218 0.1611 0.2756 0.0205  -0.0045 0.0047  2    ALA C CA    
338 C  C     . ALA C 2 ? 0.1417 0.1559 0.2408 0.0163  -0.0262 -0.0084 2    ALA C C     
339 O  O     . ALA C 2 ? 0.1346 0.1525 0.2564 0.0373  -0.0394 -0.0129 2    ALA C O     
340 C  CB    . ALA C 2 ? 0.1297 0.2088 0.2468 0.0073  -0.0290 -0.0394 2    ALA C CB    
341 N  N     A N2C C 3 ? 0.1366 0.1601 0.3105 0.0268  -0.0160 -0.0193 3    N2C C N     
342 C  CA    A N2C C 3 ? 0.1182 0.2038 0.3110 0.0424  0.0411  0.0161  3    N2C C CA    
343 C  CB    A N2C C 3 ? 0.1362 0.2115 0.3360 -0.0028 -0.0327 0.0546  3    N2C C CB    
344 S  SG    A N2C C 3 ? 0.3466 0.1889 1.3425 0.0706  -0.2693 0.0376  3    N2C C SG    
345 C  CN    A N2C C 3 ? 0.1645 0.1585 0.4128 -0.0189 0.0178  -0.0098 3    N2C C CN    
346 C  C     A N2C C 3 ? 0.1366 0.1772 0.2914 0.0239  0.0155  0.0197  3    N2C C C     
347 O  O     A N2C C 3 ? 0.1447 0.2632 0.4441 0.0653  0.0727  0.1308  3    N2C C O     
348 N  N     B NCY C 3 ? 0.1366 0.1601 0.3105 0.0268  -0.0160 -0.0193 3    NCY C N     
349 C  CA    B NCY C 3 ? 0.1516 0.1930 0.2519 0.0352  0.0174  0.0271  3    NCY C CA    
350 C  CB    B NCY C 3 ? 0.4413 0.1982 0.2786 0.1031  -0.0524 0.1115  3    NCY C CB    
351 S  SG    B NCY C 3 ? 0.1948 0.1887 0.3667 0.0110  0.0091  0.1045  3    NCY C SG    
352 C  CN    B NCY C 3 ? 0.1645 0.1585 0.4128 -0.0189 0.0178  -0.0098 3    NCY C CN    
353 C  C     B NCY C 3 ? 0.1366 0.1772 0.2914 0.0239  0.0155  0.0197  3    NCY C C     
354 O  O     B NCY C 3 ? 0.1447 0.2632 0.4441 0.0653  0.0727  0.1308  3    NCY C O     
355 N  N     . MVA C 4 ? 0.1223 0.1518 0.2874 0.0124  -0.0315 0.0114  4    MVA C N     
356 C  CN    . MVA C 4 ? 0.1439 0.1591 0.2662 -0.0038 -0.0179 0.0163  4    MVA C CN    
357 C  CA    . MVA C 4 ? 0.1006 0.2391 0.3436 0.0370  -0.0476 -0.0558 4    MVA C CA    
358 C  CB    . MVA C 4 ? 0.1795 0.2208 0.3390 0.0128  -0.0527 -0.0322 4    MVA C CB    
359 C  CG1   . MVA C 4 ? 0.2248 0.3757 0.3168 0.0658  -0.0816 -0.0165 4    MVA C CG1   
360 C  CG2   . MVA C 4 ? 0.3571 0.3125 0.4932 0.1093  -0.1967 -0.2043 4    MVA C CG2   
361 C  C     . MVA C 4 ? 0.1774 0.2394 0.3067 0.0772  -0.0324 -0.0331 4    MVA C C     
362 O  O     . MVA C 4 ? 0.2212 0.2284 0.3948 0.0327  -0.0677 0.0081  4    MVA C O     
363 N  N     . DSN C 5 ? 0.1121 0.1455 0.1896 0.0350  -0.0167 -0.0027 5    DSN C N     
364 C  CA    . DSN C 5 ? 0.1116 0.1437 0.2245 0.0292  0.0128  0.0176  5    DSN C CA    
365 C  C     . DSN C 5 ? 0.1311 0.1427 0.2343 0.0442  0.0163  0.0202  5    DSN C C     
366 O  O     . DSN C 5 ? 0.1352 0.2189 0.2363 0.0442  0.0002  0.0618  5    DSN C O     
367 C  CB    . DSN C 5 ? 0.1213 0.1822 0.2399 0.0171  0.0072  -0.0030 5    DSN C CB    
368 O  OG    . DSN C 5 ? 0.1411 0.1699 0.2791 0.0456  -0.0057 0.0180  5    DSN C OG    
369 N  N     . ALA C 6 ? 0.1280 0.1539 0.1934 0.0498  -0.0025 0.0178  6    ALA C N     
370 C  CA    . ALA C 6 ? 0.1217 0.1656 0.1745 0.0424  -0.0165 -0.0009 6    ALA C CA    
371 C  C     . ALA C 6 ? 0.1052 0.1636 0.2140 0.0340  -0.0249 0.0165  6    ALA C C     
372 O  O     . ALA C 6 ? 0.1283 0.1496 0.2172 0.0283  -0.0137 0.0184  6    ALA C O     
373 C  CB    . ALA C 6 ? 0.1419 0.1582 0.2098 0.0255  -0.0200 -0.0093 6    ALA C CB    
374 N  N     A NCY C 7 ? 0.1302 0.1972 0.2168 0.0349  -0.0019 0.0430  7    NCY C N     
375 C  CA    A NCY C 7 ? 0.1128 0.1944 0.3231 -0.0314 -0.0256 -0.0059 7    NCY C CA    
376 C  CB    A NCY C 7 ? 0.1598 0.3510 0.2208 0.0916  0.0585  0.1221  7    NCY C CB    
377 S  SG    A NCY C 7 ? 0.1587 0.2356 0.3380 0.0388  0.0279  0.0552  7    NCY C SG    
378 C  CN    A NCY C 7 ? 0.1535 0.1922 0.2453 0.0269  -0.0274 0.0227  7    NCY C CN    
379 C  C     A NCY C 7 ? 0.1671 0.2153 0.1772 0.0194  -0.0087 0.0388  7    NCY C C     
380 O  O     A NCY C 7 ? 0.1925 0.2730 0.2226 0.0443  0.0114  0.0998  7    NCY C O     
381 N  N     B N2C C 7 ? 0.1302 0.1972 0.2168 0.0349  -0.0019 0.0430  7    N2C C N     
382 C  CA    B N2C C 7 ? 0.2187 0.1984 0.2131 0.1384  0.0584  0.1119  7    N2C C CA    
383 C  CB    B N2C C 7 ? 0.1230 0.1323 0.5752 0.0059  -0.1331 0.1185  7    N2C C CB    
384 S  SG    B N2C C 7 ? 0.1777 0.2293 0.4142 0.0492  0.0827  0.0706  7    N2C C SG    
385 C  CN    B N2C C 7 ? 0.1535 0.1922 0.2453 0.0269  -0.0274 0.0227  7    N2C C CN    
386 C  C     B N2C C 7 ? 0.1671 0.2153 0.1772 0.0194  -0.0087 0.0388  7    N2C C C     
387 O  O     B N2C C 7 ? 0.1925 0.2730 0.2226 0.0443  0.0114  0.0998  7    N2C C O     
388 N  N     . MVA C 8 ? 0.1368 0.1576 0.1818 0.0427  -0.0056 0.0275  8    MVA C N     
389 C  CN    . MVA C 8 ? 0.1778 0.1899 0.1909 0.0180  0.0013  0.0410  8    MVA C CN    
390 C  CA    . MVA C 8 ? 0.1566 0.1875 0.1890 0.0637  -0.0273 -0.0047 8    MVA C CA    
391 C  CB    . MVA C 8 ? 0.1486 0.2005 0.2515 0.0753  -0.0043 0.0079  8    MVA C CB    
392 C  CG1   . MVA C 8 ? 0.1193 0.2625 0.3180 0.0442  -0.0143 0.0421  8    MVA C CG1   
393 C  CG2   . MVA C 8 ? 0.1778 0.1573 0.4654 0.0245  -0.0530 0.0036  8    MVA C CG2   
394 C  C     . MVA C 8 ? 0.1664 0.1857 0.2160 0.0922  -0.0216 0.0127  8    MVA C C     
395 O  O     . MVA C 8 ? 0.2404 0.1963 0.2874 0.1013  -0.0403 0.0333  8    MVA C O     
396 N  N     . DSN D 1 ? 0.1159 0.1708 0.1818 0.0389  0.0066  0.0297  1    DSN D N     
397 C  CA    . DSN D 1 ? 0.1168 0.1893 0.2006 0.0309  0.0106  0.0017  1    DSN D CA    
398 C  C     . DSN D 1 ? 0.1206 0.1981 0.2536 0.0322  -0.0247 -0.0055 1    DSN D C     
399 O  O     . DSN D 1 ? 0.1565 0.2232 0.2467 0.0572  -0.0087 -0.0310 1    DSN D O     
400 C  CB    . DSN D 1 ? 0.1044 0.1851 0.2335 0.0369  -0.0007 -0.0094 1    DSN D CB    
401 O  OG    . DSN D 1 ? 0.1145 0.1705 0.2354 0.0274  -0.0027 0.0229  1    DSN D OG    
402 N  N     . ALA D 2 ? 0.1211 0.1989 0.1980 0.0414  0.0035  0.0200  2    ALA D N     
403 C  CA    . ALA D 2 ? 0.1405 0.1974 0.1788 0.0252  0.0041  0.0201  2    ALA D CA    
404 C  C     . ALA D 2 ? 0.1200 0.1899 0.1865 0.0586  -0.0050 0.0277  2    ALA D C     
405 O  O     . ALA D 2 ? 0.1366 0.1967 0.1989 0.0578  0.0014  0.0495  2    ALA D O     
406 C  CB    . ALA D 2 ? 0.2198 0.1944 0.2087 0.0348  -0.0161 0.0395  2    ALA D CB    
407 N  N     A N2C D 3 ? 0.1705 0.1888 0.2083 0.0215  -0.0385 0.0123  3    N2C D N     
408 C  CA    A N2C D 3 ? 0.1795 0.2101 0.1952 -0.0109 -0.0767 0.0271  3    N2C D CA    
409 C  CB    A N2C D 3 ? 0.2453 0.2184 0.2771 0.0344  0.0235  -0.0407 3    N2C D CB    
410 S  SG    A N2C D 3 ? 0.1620 0.2603 0.4596 -0.0109 0.0075  -0.0672 3    N2C D SG    
411 C  CD    A N2C D 3 ? 0.3172 0.1741 0.9605 0.1166  -0.3759 -0.0852 3    N2C D CD    
412 C  CN    A N2C D 3 ? 0.2753 0.4552 0.1888 0.0697  -0.0580 0.0607  3    N2C D CN    
413 C  C     A N2C D 3 ? 0.1702 0.2257 0.2275 0.0351  -0.0442 0.0087  3    N2C D C     
414 O  O     A N2C D 3 ? 0.2691 0.2649 0.2642 0.0302  -0.1101 0.0002  3    N2C D O     
415 N  N     B NCY D 3 ? 0.1705 0.1888 0.2083 0.0215  -0.0385 0.0123  3    NCY D N     
416 C  CA    B NCY D 3 ? 0.1359 0.2476 0.2402 0.0728  0.0346  0.0046  3    NCY D CA    
417 C  CB    B NCY D 3 ? 0.1355 0.2173 0.3948 0.0348  -0.0627 -0.0039 3    NCY D CB    
418 S  SG    B NCY D 3 ? 0.1499 0.2405 0.2663 0.0578  -0.0398 -0.0332 3    NCY D SG    
419 C  CN    B NCY D 3 ? 0.2753 0.4552 0.1888 0.0697  -0.0580 0.0607  3    NCY D CN    
420 C  C     B NCY D 3 ? 0.1702 0.2257 0.2275 0.0351  -0.0442 0.0087  3    NCY D C     
421 O  O     B NCY D 3 ? 0.2691 0.2649 0.2642 0.0302  -0.1101 0.0002  3    NCY D O     
422 N  N     . MVA D 4 ? 0.1457 0.2062 0.2137 0.0246  -0.0156 0.0408  4    MVA D N     
423 C  CN    . MVA D 4 ? 0.1698 0.2426 0.2580 0.0593  -0.0489 -0.0068 4    MVA D CN    
424 C  CA    . MVA D 4 ? 0.1410 0.2853 0.2112 0.0655  -0.0355 0.0249  4    MVA D CA    
425 C  CB    . MVA D 4 ? 0.2510 0.3301 0.3337 0.0908  0.0074  0.1320  4    MVA D CB    
426 C  CG1   . MVA D 4 ? 0.4403 0.4022 0.3237 0.1312  -0.0447 0.1287  4    MVA D CG1   
427 C  CG2   . MVA D 4 ? 0.2585 0.5482 0.4445 0.0781  0.0866  0.2391  4    MVA D CG2   
428 C  C     . MVA D 4 ? 0.1995 0.2260 0.2235 0.0566  -0.0022 0.0357  4    MVA D C     
429 O  O     . MVA D 4 ? 0.3156 0.2497 0.3376 0.1214  0.0592  0.0402  4    MVA D O     
430 N  N     . DSN D 5 ? 0.1049 0.1954 0.2384 0.0537  -0.0112 0.0386  5    DSN D N     
431 C  CA    . DSN D 5 ? 0.0979 0.2133 0.2627 0.0229  -0.0228 0.0747  5    DSN D CA    
432 C  C     . DSN D 5 ? 0.0972 0.2008 0.2163 0.0270  -0.0147 0.0220  5    DSN D C     
433 O  O     . DSN D 5 ? 0.1639 0.2200 0.2846 0.0253  -0.0612 -0.0146 5    DSN D O     
434 C  CB    . DSN D 5 ? 0.1447 0.2289 0.2581 0.0727  -0.0372 0.0216  5    DSN D CB    
435 O  OG    . DSN D 5 ? 0.1692 0.2711 0.2682 0.0653  -0.0040 0.0880  5    DSN D OG    
436 N  N     . ALA D 6 ? 0.1069 0.1519 0.2026 0.0304  -0.0191 0.0111  6    ALA D N     
437 C  CA    . ALA D 6 ? 0.1181 0.1500 0.2350 0.0235  -0.0189 0.0247  6    ALA D CA    
438 C  C     . ALA D 6 ? 0.1048 0.1584 0.2733 0.0221  -0.0088 0.0312  6    ALA D C     
439 O  O     . ALA D 6 ? 0.1145 0.1755 0.2498 0.0273  0.0063  0.0356  6    ALA D O     
440 C  CB    . ALA D 6 ? 0.1955 0.1627 0.2481 0.0322  -0.0376 0.0353  6    ALA D CB    
441 N  N     A NCY D 7 ? 0.1304 0.1623 0.2992 0.0413  -0.0075 0.0307  7    NCY D N     
442 C  CA    A NCY D 7 ? 0.1031 0.1845 0.3004 0.0252  -0.0330 -0.0193 7    NCY D CA    
443 C  CB    A NCY D 7 ? 0.2156 0.1684 0.3265 0.0308  -0.0365 -0.0704 7    NCY D CB    
444 S  SG    A NCY D 7 ? 0.1788 0.2820 0.2834 0.0235  -0.0253 -0.0530 7    NCY D SG    
445 C  CN    A NCY D 7 ? 0.1417 0.2072 0.3913 0.0402  0.0169  0.0852  7    NCY D CN    
446 C  C     A NCY D 7 ? 0.1490 0.1446 0.2671 0.0194  -0.0253 -0.0032 7    NCY D C     
447 O  O     A NCY D 7 ? 0.2548 0.1907 0.3549 0.1127  -0.1418 -0.0692 7    NCY D O     
448 N  N     B N2C D 7 ? 0.1304 0.1623 0.2992 0.0413  -0.0075 0.0307  7    N2C D N     
449 C  CA    B N2C D 7 ? 0.1599 0.1724 0.2181 0.0263  -0.0261 0.0062  7    N2C D CA    
450 C  CB    B N2C D 7 ? 0.1446 0.3016 0.2257 -0.0239 -0.0714 0.0360  7    N2C D CB    
451 S  SG    B N2C D 7 ? 0.1690 0.2727 0.3437 0.0227  -0.0673 -0.0167 7    N2C D SG    
452 C  CD    B N2C D 7 ? 0.1653 0.4447 0.3946 0.1255  -0.0402 -0.1555 7    N2C D CD    
453 C  CN    B N2C D 7 ? 0.1417 0.2072 0.3913 0.0402  0.0169  0.0852  7    N2C D CN    
454 C  C     B N2C D 7 ? 0.1490 0.1446 0.2671 0.0194  -0.0253 -0.0032 7    N2C D C     
455 O  O     B N2C D 7 ? 0.2548 0.1907 0.3549 0.1127  -0.1418 -0.0692 7    N2C D O     
456 N  N     . MVA D 8 ? 0.1174 0.1555 0.2434 0.0233  -0.0093 0.0168  8    MVA D N     
457 C  CN    . MVA D 8 ? 0.1383 0.1549 0.2477 0.0236  -0.0480 0.0035  8    MVA D CN    
458 C  CA    . MVA D 8 ? 0.1344 0.1504 0.2364 0.0271  -0.0106 0.0222  8    MVA D CA    
459 C  CB    . MVA D 8 ? 0.1370 0.1802 0.2497 0.0176  -0.0078 0.0634  8    MVA D CB    
460 C  CG1   . MVA D 8 ? 0.1790 0.1849 0.2939 0.0263  -0.0295 0.0503  8    MVA D CG1   
461 C  CG2   . MVA D 8 ? 0.1470 0.2652 0.3219 0.0062  0.0280  0.0978  8    MVA D CG2   
462 C  C     . MVA D 8 ? 0.1276 0.1479 0.2342 0.0409  -0.0078 0.0274  8    MVA D C     
463 O  O     . MVA D 8 ? 0.1444 0.2130 0.2476 0.0131  -0.0194 0.0458  8    MVA D O     
464 MN MN    . MN  E . ? 0.2421 0.2414 0.2431 -0.0081 0.0206  -0.0003 401  MN  A MN    
465 C  C1    . PEG F . ? 0.2965 0.3657 0.3219 -0.0287 0.0428  0.1233  301  PEG B C1    
466 O  O1    . PEG F . ? 0.3745 0.3587 0.4072 -0.0574 0.1006  0.0416  301  PEG B O1    
467 C  C2    . PEG F . ? 0.4175 0.3442 0.5780 -0.0445 -0.2248 0.2736  301  PEG B C2    
468 O  O2    . PEG F . ? 0.2519 0.2544 0.3369 -0.0249 0.0201  0.0260  301  PEG B O2    
469 C  C3    . PEG F . ? 0.3219 0.2652 0.4569 -0.0996 -0.1231 0.1716  301  PEG B C3    
470 C  C4    . PEG F . ? 0.3818 0.2835 0.2936 -0.0433 0.0366  0.0691  301  PEG B C4    
471 O  O4    . PEG F . ? 0.3021 0.8103 0.7120 -0.2698 0.1901  -0.2115 301  PEG B O4    
472 MN MN    . MN  G . ? 0.1404 0.2000 0.1495 0.0656  -0.0400 -0.0328 401  MN  B MN    
473 N  N1    . QUI H . ? 0.1124 0.1385 0.1574 0.0565  -0.0213 -0.0118 0    QUI C N1    
474 C  C2    . QUI H . ? 0.0948 0.1419 0.1880 0.0564  -0.0268 -0.0230 0    QUI C C2    
475 C  C3    . QUI H . ? 0.1331 0.1567 0.1663 0.0695  -0.0287 -0.0354 0    QUI C C3    
476 N  N4    . QUI H . ? 0.1308 0.1609 0.1693 0.0609  -0.0447 -0.0309 0    QUI C N4    
477 C  C5    . QUI H . ? 0.0931 0.1928 0.1745 0.0651  -0.0259 -0.0192 0    QUI C C5    
478 C  C6    . QUI H . ? 0.1251 0.1793 0.1850 0.0384  -0.0351 -0.0146 0    QUI C C6    
479 C  C7    . QUI H . ? 0.1186 0.1488 0.1670 0.0439  -0.0416 -0.0141 0    QUI C C7    
480 C  C8    . QUI H . ? 0.1073 0.1687 0.1617 0.0322  -0.0336 -0.0193 0    QUI C C8    
481 C  C9    . QUI H . ? 0.0962 0.1573 0.1713 0.0517  -0.0246 -0.0252 0    QUI C C9    
482 C  C10   . QUI H . ? 0.0994 0.1974 0.1541 0.0461  -0.0340 -0.0386 0    QUI C C10   
483 C  C     . QUI H . ? 0.1181 0.1498 0.1902 0.0453  -0.0457 -0.0171 0    QUI C C     
485 N  N1    . QUI I . ? 0.1144 0.1544 0.1854 0.0495  -0.0029 0.0057  9    QUI C N1    
486 C  C2    . QUI I . ? 0.1128 0.1475 0.1794 0.0491  -0.0151 0.0136  9    QUI C C2    
487 C  C3    . QUI I . ? 0.0954 0.1355 0.2344 0.0384  -0.0085 -0.0107 9    QUI C C3    
488 N  N4    . QUI I . ? 0.1056 0.1496 0.2294 0.0491  -0.0134 0.0163  9    QUI C N4    
489 C  C5    . QUI I . ? 0.1370 0.1985 0.1976 0.0568  -0.0078 0.0034  9    QUI C C5    
490 C  C6    . QUI I . ? 0.1242 0.2107 0.1845 0.0600  -0.0434 0.0015  9    QUI C C6    
491 C  C7    . QUI I . ? 0.1550 0.1930 0.2102 0.0884  -0.0145 0.0097  9    QUI C C7    
492 C  C8    . QUI I . ? 0.1133 0.1900 0.1889 0.0681  -0.0431 -0.0157 9    QUI C C8    
493 C  C9    . QUI I . ? 0.1031 0.1695 0.1822 0.0267  -0.0066 -0.0058 9    QUI C C9    
494 C  C10   . QUI I . ? 0.1031 0.1657 0.1933 0.0396  -0.0097 0.0124  9    QUI C C10   
495 C  C     . QUI I . ? 0.1016 0.1418 0.1837 0.0487  -0.0087 0.0017  9    QUI C C     
496 O  O1    . QUI I . ? 0.1021 0.1383 0.2087 0.0465  -0.0093 -0.0102 9    QUI C O1    
497 N  N1    . QUI J . ? 0.1042 0.1313 0.1934 0.0347  -0.0006 0.0490  0    QUI D N1    
498 C  C2    . QUI J . ? 0.0931 0.1406 0.1893 0.0397  -0.0142 0.0470  0    QUI D C2    
499 C  C3    . QUI J . ? 0.0914 0.1432 0.1971 0.0385  -0.0052 0.0407  0    QUI D C3    
500 N  N4    . QUI J . ? 0.1041 0.1440 0.1971 0.0380  -0.0130 0.0375  0    QUI D N4    
501 C  C5    . QUI J . ? 0.1218 0.1436 0.1923 0.0452  -0.0035 0.0497  0    QUI D C5    
502 C  C6    . QUI J . ? 0.1270 0.1474 0.2034 0.0281  -0.0060 0.0388  0    QUI D C6    
503 C  C7    . QUI J . ? 0.1075 0.1642 0.1948 0.0186  -0.0123 0.0610  0    QUI D C7    
504 C  C8    . QUI J . ? 0.0839 0.1632 0.2012 0.0414  0.0017  0.0536  0    QUI D C8    
505 C  C9    . QUI J . ? 0.0932 0.1122 0.1985 0.0389  -0.0018 0.0397  0    QUI D C9    
506 C  C10   . QUI J . ? 0.0867 0.1289 0.2059 0.0371  -0.0149 0.0345  0    QUI D C10   
507 C  C     . QUI J . ? 0.1113 0.1681 0.1821 0.0429  0.0000  0.0489  0    QUI D C     
508 O  O1    . QUI J . ? 0.1258 0.1707 0.1918 0.0430  0.0154  0.0390  0    QUI D O1    
509 N  N1    . QUI K . ? 0.0893 0.1812 0.2419 0.0412  -0.0160 0.0631  9    QUI D N1    
510 C  C2    . QUI K . ? 0.1114 0.1562 0.2456 0.0467  0.0039  0.0581  9    QUI D C2    
511 C  C3    . QUI K . ? 0.1056 0.1572 0.2709 0.0658  -0.0325 0.0395  9    QUI D C3    
512 N  N4    . QUI K . ? 0.1386 0.1645 0.2493 0.0511  -0.0303 0.0316  9    QUI D N4    
513 C  C5    . QUI K . ? 0.0996 0.1632 0.3449 0.0256  -0.0345 0.0017  9    QUI D C5    
514 C  C6    . QUI K . ? 0.0778 0.1971 0.4146 0.0206  -0.0465 0.1289  9    QUI D C6    
515 C  C7    . QUI K . ? 0.1842 0.2162 0.4175 0.0156  -0.1078 0.1165  9    QUI D C7    
516 C  C8    . QUI K . ? 0.1208 0.1946 0.3208 0.0463  0.0093  0.1361  9    QUI D C8    
517 C  C9    . QUI K . ? 0.0993 0.1705 0.2306 0.0477  -0.0207 0.0574  9    QUI D C9    
518 C  C10   . QUI K . ? 0.1055 0.1408 0.2685 0.0378  -0.0373 0.0397  9    QUI D C10   
519 C  C     . QUI K . ? 0.1039 0.1591 0.2191 0.0472  -0.0065 0.0625  9    QUI D C     
520 O  O1    . QUI K . ? 0.1224 0.1837 0.2233 0.0544  0.0102  0.0724  9    QUI D O1    
521 O  O     . HOH L . ? 0.3102 0.3321 0.2130 0.1125  0.0378  -0.0378 2001 HOH A O     
522 O  O     . HOH L . ? 0.3866 0.2408 0.2883 -0.0368 0.0911  -0.0277 2002 HOH A O     
523 O  O     . HOH L . ? 0.2528 0.3754 0.3150 0.0178  0.0141  -0.0442 2003 HOH A O     
524 O  O     . HOH L . ? 0.3263 0.0717 0.2227 -0.0074 0.0333  -0.0158 2004 HOH A O     
525 O  O     . HOH L . ? 0.2926 0.3450 0.3140 -0.0029 0.0728  -0.0061 2005 HOH A O     
526 O  O     . HOH L . ? 0.1456 0.1937 0.2287 0.0331  -0.0433 -0.0248 2006 HOH A O     
527 O  O     . HOH L . ? 0.1409 0.1744 0.2370 0.0017  -0.0055 -0.0004 2007 HOH A O     
528 O  O     . HOH L . ? 0.1547 0.1661 0.2383 0.0153  -0.0151 0.0321  2008 HOH A O     
529 O  O     . HOH L . ? 0.2478 0.3019 0.1969 -0.0618 -0.0556 0.0440  2009 HOH A O     
530 O  O     . HOH L . ? 0.3248 0.4236 0.2824 0.0940  0.0205  0.0427  2010 HOH A O     
531 O  O     . HOH L . ? 0.3504 0.4772 0.5313 -0.0379 -0.0686 -0.1281 2011 HOH A O     
532 O  O     A HOH L . ? 0.1555 0.1428 0.1333 -0.0352 0.0334  -0.0040 2012 HOH A O     
533 O  O     B HOH L . ? 0.2597 0.3876 0.4836 -0.0503 0.0502  -0.0147 2013 HOH A O     
534 O  O     . HOH L . ? 0.2486 0.6756 0.3030 -0.1329 0.0544  0.0156  2014 HOH A O     
535 O  O     . HOH L . ? 0.1943 0.2562 0.3727 0.0380  0.0814  -0.0004 2015 HOH A O     
536 O  O     . HOH L . ? 0.3103 0.4094 0.3058 0.1339  0.0350  0.0461  2016 HOH A O     
537 O  O     . HOH L . ? 0.3974 0.5047 0.6000 0.0466  0.2479  0.0189  2017 HOH A O     
538 O  O     . HOH L . ? 0.3649 0.6275 0.2022 -0.1590 0.0189  -0.0614 2018 HOH A O     
539 O  O     . HOH L . ? 0.6106 0.4534 0.2623 -0.0830 0.1372  -0.0516 2019 HOH A O     
540 O  O     . HOH L . ? 0.2466 0.3538 0.2551 -0.0467 -0.0234 0.0325  2020 HOH A O     
541 O  O     . HOH L . ? 0.3050 0.3210 0.3425 -0.0116 0.0303  -0.0084 2021 HOH A O     
542 O  O     . HOH L . ? 0.5123 0.4997 0.4410 -0.0997 0.0092  0.0324  2022 HOH A O     
543 O  O     . HOH L . ? 0.2520 0.2826 0.2881 -0.0351 0.0066  0.0837  2023 HOH A O     
544 O  O     . HOH L . ? 0.2133 0.5848 0.3695 -0.0614 -0.0162 0.1714  2024 HOH A O     
545 O  O     . HOH L . ? 0.7402 0.2936 0.5474 0.1282  0.2390  0.1250  2025 HOH A O     
546 O  O     . HOH L . ? 0.1350 0.3846 0.2529 -0.0012 -0.0063 0.0145  2026 HOH A O     
547 O  O     . HOH L . ? 0.1460 0.2043 0.2770 0.0400  -0.0010 0.0127  2027 HOH A O     
548 O  O     . HOH L . ? 0.2932 0.2750 0.3205 0.0623  -0.0640 0.0138  2028 HOH A O     
549 O  O     . HOH L . ? 0.5167 0.3584 0.4323 -0.0263 0.1367  0.0547  2029 HOH A O     
550 O  O     . HOH L . ? 0.3296 0.3808 0.4630 -0.1018 0.0584  0.0538  2030 HOH A O     
551 O  O     . HOH M . ? 0.4043 0.5137 0.6396 0.2419  0.0097  -0.1228 2001 HOH B O     
552 O  O     . HOH M . ? 0.2279 0.3503 0.3960 -0.0298 0.0723  0.0446  2002 HOH B O     
553 O  O     . HOH M . ? 0.3506 0.3712 0.5334 0.0808  0.1320  0.0136  2003 HOH B O     
554 O  O     . HOH M . ? 0.3524 0.2609 0.3441 0.0454  0.0025  0.0678  2004 HOH B O     
555 O  O     . HOH M . ? 0.2993 0.2580 0.6041 -0.0044 0.0762  0.0384  2005 HOH B O     
556 O  O     . HOH M . ? 0.4323 0.3410 0.2879 0.0429  0.1096  0.0630  2006 HOH B O     
557 O  O     . HOH M . ? 0.3804 0.4614 0.3140 -0.0463 0.0586  -0.0848 2007 HOH B O     
558 O  O     . HOH M . ? 0.2569 0.1693 0.2046 0.0079  0.0050  0.0010  2008 HOH B O     
559 O  O     . HOH M . ? 0.2195 0.2467 0.1915 0.0836  -0.0324 -0.0054 2009 HOH B O     
560 O  O     . HOH M . ? 0.3308 0.3401 0.2557 -0.0768 -0.0193 0.0234  2010 HOH B O     
561 O  O     . HOH M . ? 0.1982 0.2139 0.1906 0.0727  -0.0389 -0.0076 2011 HOH B O     
562 O  O     . HOH M . ? 0.1828 0.2295 0.1980 0.0290  -0.0556 -0.0043 2012 HOH B O     
563 O  O     . HOH M . ? 0.2000 0.1881 0.1994 0.0704  -0.0224 -0.0244 2013 HOH B O     
564 O  O     . HOH M . ? 0.1957 0.2235 0.1472 0.0316  -0.0407 -0.0392 2014 HOH B O     
565 O  O     . HOH N . ? 0.6754 0.5097 0.4140 0.1320  0.0702  0.2310  2001 HOH C O     
# 
